data_2GI4
#
_entry.id   2GI4
#
_entity_poly.entity_id   1
_entity_poly.type   'polypeptide(L)'
_entity_poly.pdbx_seq_one_letter_code
;MKKILFICLGNICRSPMAEFIMKDLVKKANLEKEFFINSAGTSGEHDGEGMHYGTKNKLAQLNIEHKNFTSKKLTQKLCD
ESDFLITMDNSNFKNVLKNFTNTQNKVLKITDFSPSLNYDEVPDPWYSGNFDETYKILSLACKNLLVFLSKHHHHH
;
_entity_poly.pdbx_strand_id   A
#
# COMPACT_ATOMS: atom_id res chain seq x y z
N MET A 1 -11.84 1.81 16.63
CA MET A 1 -11.65 0.72 15.65
C MET A 1 -11.34 1.27 14.26
N LYS A 2 -10.14 1.80 14.10
CA LYS A 2 -9.71 2.37 12.82
C LYS A 2 -8.96 1.33 11.99
N LYS A 3 -9.48 1.05 10.79
CA LYS A 3 -8.86 0.08 9.91
C LYS A 3 -8.47 0.70 8.57
N ILE A 4 -7.24 0.44 8.15
CA ILE A 4 -6.72 0.98 6.89
C ILE A 4 -6.43 -0.14 5.90
N LEU A 5 -7.18 -0.17 4.80
CA LEU A 5 -7.01 -1.20 3.79
C LEU A 5 -6.17 -0.69 2.62
N PHE A 6 -4.96 -1.21 2.49
CA PHE A 6 -4.07 -0.83 1.39
C PHE A 6 -4.20 -1.84 0.24
N ILE A 7 -4.32 -1.33 -0.98
CA ILE A 7 -4.47 -2.20 -2.14
C ILE A 7 -3.28 -2.11 -3.09
N CYS A 8 -2.68 -3.26 -3.40
CA CYS A 8 -1.54 -3.32 -4.30
C CYS A 8 -1.77 -4.37 -5.39
N LEU A 9 -1.68 -3.92 -6.64
CA LEU A 9 -1.89 -4.81 -7.80
C LEU A 9 -1.15 -6.12 -7.63
N GLY A 10 0.17 -6.05 -7.53
CA GLY A 10 0.97 -7.26 -7.37
C GLY A 10 1.05 -7.72 -5.94
N ASN A 11 1.07 -6.77 -5.01
CA ASN A 11 1.16 -7.09 -3.59
C ASN A 11 2.36 -7.99 -3.30
N ILE A 12 3.29 -8.04 -4.25
CA ILE A 12 4.49 -8.84 -4.11
C ILE A 12 5.72 -7.98 -4.32
N CYS A 13 5.57 -6.69 -4.04
CA CYS A 13 6.67 -5.75 -4.20
C CYS A 13 6.55 -4.58 -3.22
N ARG A 14 5.79 -3.57 -3.60
CA ARG A 14 5.60 -2.39 -2.77
C ARG A 14 4.69 -2.67 -1.57
N SER A 15 3.83 -3.67 -1.69
CA SER A 15 2.90 -4.03 -0.62
C SER A 15 3.63 -4.60 0.61
N PRO A 16 4.51 -5.61 0.43
CA PRO A 16 5.24 -6.23 1.55
C PRO A 16 6.24 -5.29 2.22
N MET A 17 7.06 -4.63 1.42
CA MET A 17 8.05 -3.71 1.96
C MET A 17 7.39 -2.63 2.79
N ALA A 18 6.47 -1.90 2.18
CA ALA A 18 5.74 -0.84 2.87
C ALA A 18 4.96 -1.41 4.05
N GLU A 19 4.56 -2.68 3.94
CA GLU A 19 3.81 -3.32 5.02
C GLU A 19 4.62 -3.33 6.30
N PHE A 20 5.91 -3.63 6.17
CA PHE A 20 6.81 -3.67 7.32
C PHE A 20 7.10 -2.26 7.82
N ILE A 21 7.29 -1.32 6.88
CA ILE A 21 7.59 0.06 7.24
C ILE A 21 6.46 0.67 8.06
N MET A 22 5.25 0.63 7.51
CA MET A 22 4.07 1.18 8.18
C MET A 22 3.87 0.51 9.53
N LYS A 23 3.86 -0.81 9.54
CA LYS A 23 3.66 -1.58 10.77
C LYS A 23 4.64 -1.16 11.86
N ASP A 24 5.84 -0.76 11.45
CA ASP A 24 6.87 -0.34 12.40
C ASP A 24 6.54 1.02 13.03
N LEU A 25 6.38 2.04 12.20
CA LEU A 25 6.11 3.40 12.67
C LEU A 25 4.73 3.54 13.34
N VAL A 26 3.73 2.80 12.85
CA VAL A 26 2.39 2.89 13.41
C VAL A 26 2.38 2.59 14.91
N LYS A 27 3.29 1.73 15.35
CA LYS A 27 3.38 1.37 16.75
C LYS A 27 3.44 2.61 17.65
N LYS A 28 3.95 3.70 17.09
CA LYS A 28 4.09 4.96 17.83
C LYS A 28 2.73 5.58 18.19
N ALA A 29 1.87 5.78 17.19
CA ALA A 29 0.57 6.40 17.43
C ALA A 29 -0.60 5.63 16.82
N ASN A 30 -0.44 4.32 16.66
CA ASN A 30 -1.51 3.50 16.10
C ASN A 30 -1.73 2.26 16.94
N LEU A 31 -0.68 1.46 17.13
CA LEU A 31 -0.78 0.25 17.93
C LEU A 31 -1.17 0.61 19.35
N GLU A 32 -0.86 1.84 19.74
CA GLU A 32 -1.18 2.34 21.07
C GLU A 32 -2.69 2.42 21.26
N LYS A 33 -3.37 3.01 20.28
CA LYS A 33 -4.83 3.14 20.32
C LYS A 33 -5.48 1.91 19.70
N GLU A 34 -4.68 0.88 19.45
CA GLU A 34 -5.16 -0.36 18.87
C GLU A 34 -5.69 -0.14 17.45
N PHE A 35 -4.78 0.11 16.52
CA PHE A 35 -5.14 0.32 15.12
C PHE A 35 -4.87 -0.94 14.31
N PHE A 36 -5.55 -1.08 13.18
CA PHE A 36 -5.39 -2.25 12.33
C PHE A 36 -5.11 -1.88 10.87
N ILE A 37 -4.22 -2.64 10.23
CA ILE A 37 -3.86 -2.40 8.84
C ILE A 37 -3.86 -3.73 8.05
N ASN A 38 -4.32 -3.67 6.81
CA ASN A 38 -4.38 -4.86 5.97
C ASN A 38 -4.05 -4.53 4.51
N SER A 39 -3.18 -5.34 3.91
CA SER A 39 -2.78 -5.14 2.52
C SER A 39 -3.23 -6.33 1.66
N ALA A 40 -3.96 -6.04 0.60
CA ALA A 40 -4.46 -7.09 -0.30
C ALA A 40 -4.40 -6.65 -1.76
N GLY A 41 -4.46 -7.62 -2.66
CA GLY A 41 -4.42 -7.34 -4.08
C GLY A 41 -5.79 -7.00 -4.63
N THR A 42 -5.87 -6.84 -5.95
CA THR A 42 -7.13 -6.51 -6.61
C THR A 42 -8.03 -7.75 -6.77
N SER A 43 -7.44 -8.84 -7.25
CA SER A 43 -8.19 -10.07 -7.44
C SER A 43 -7.56 -11.24 -6.69
N GLY A 44 -6.54 -10.94 -5.88
CA GLY A 44 -5.87 -11.97 -5.11
C GLY A 44 -5.41 -13.15 -5.95
N GLU A 45 -5.19 -12.92 -7.25
CA GLU A 45 -4.73 -13.99 -8.14
C GLU A 45 -3.43 -14.59 -7.62
N HIS A 46 -2.51 -13.71 -7.23
CA HIS A 46 -1.22 -14.14 -6.71
C HIS A 46 -0.75 -13.16 -5.64
N ASP A 47 -1.33 -11.96 -5.67
CA ASP A 47 -1.01 -10.91 -4.71
C ASP A 47 -0.89 -11.47 -3.29
N GLY A 48 0.33 -11.66 -2.82
CA GLY A 48 0.54 -12.18 -1.48
C GLY A 48 1.94 -12.71 -1.27
N GLU A 49 2.60 -13.13 -2.36
CA GLU A 49 3.95 -13.66 -2.28
C GLU A 49 4.87 -12.69 -1.53
N GLY A 50 5.19 -11.57 -2.18
CA GLY A 50 6.04 -10.58 -1.56
C GLY A 50 7.50 -10.71 -1.95
N MET A 51 7.80 -10.48 -3.23
CA MET A 51 9.16 -10.57 -3.71
C MET A 51 9.30 -9.97 -5.11
N HIS A 52 10.20 -8.99 -5.24
CA HIS A 52 10.45 -8.33 -6.52
C HIS A 52 11.89 -7.84 -6.60
N TYR A 53 12.43 -7.80 -7.81
CA TYR A 53 13.80 -7.36 -8.02
C TYR A 53 14.10 -6.03 -7.32
N GLY A 54 13.33 -5.01 -7.65
CA GLY A 54 13.55 -3.69 -7.08
C GLY A 54 13.36 -3.63 -5.57
N THR A 55 12.21 -4.09 -5.09
CA THR A 55 11.91 -4.04 -3.66
C THR A 55 12.86 -4.92 -2.83
N LYS A 56 13.00 -6.19 -3.22
CA LYS A 56 13.87 -7.11 -2.50
C LYS A 56 15.31 -6.58 -2.43
N ASN A 57 15.85 -6.18 -3.57
CA ASN A 57 17.19 -5.64 -3.62
C ASN A 57 17.34 -4.46 -2.67
N LYS A 58 16.35 -3.57 -2.72
CA LYS A 58 16.32 -2.40 -1.85
C LYS A 58 16.40 -2.83 -0.39
N LEU A 59 15.61 -3.82 -0.03
CA LEU A 59 15.59 -4.34 1.33
C LEU A 59 16.90 -5.04 1.68
N ALA A 60 17.48 -5.71 0.69
CA ALA A 60 18.74 -6.42 0.89
C ALA A 60 19.85 -5.46 1.29
N GLN A 61 19.78 -4.23 0.78
CA GLN A 61 20.78 -3.22 1.08
C GLN A 61 20.96 -3.03 2.59
N LEU A 62 19.85 -3.03 3.33
CA LEU A 62 19.90 -2.86 4.77
C LEU A 62 18.68 -3.48 5.45
N ASN A 63 17.51 -3.28 4.86
CA ASN A 63 16.26 -3.81 5.42
C ASN A 63 16.24 -5.33 5.39
N ILE A 64 15.05 -5.90 5.57
CA ILE A 64 14.88 -7.35 5.55
C ILE A 64 14.37 -7.82 4.18
N GLU A 65 14.92 -8.92 3.69
CA GLU A 65 14.53 -9.46 2.38
C GLU A 65 13.03 -9.44 2.20
N HIS A 66 12.33 -9.80 3.26
CA HIS A 66 10.86 -9.83 3.27
C HIS A 66 10.35 -10.44 4.58
N LYS A 67 9.10 -10.12 4.92
CA LYS A 67 8.50 -10.63 6.14
C LYS A 67 7.01 -10.33 6.17
N ASN A 68 6.36 -10.43 5.01
CA ASN A 68 4.93 -10.16 4.90
C ASN A 68 4.28 -11.11 3.91
N PHE A 69 4.76 -12.34 3.88
CA PHE A 69 4.23 -13.36 2.98
C PHE A 69 2.82 -13.75 3.39
N THR A 70 1.83 -13.15 2.74
CA THR A 70 0.43 -13.44 3.04
C THR A 70 -0.47 -13.23 1.82
N SER A 71 -0.89 -14.33 1.21
CA SER A 71 -1.75 -14.26 0.04
C SER A 71 -3.08 -13.61 0.40
N LYS A 72 -3.25 -12.35 -0.02
CA LYS A 72 -4.48 -11.61 0.28
C LYS A 72 -5.24 -11.28 -1.00
N LYS A 73 -6.52 -10.95 -0.83
CA LYS A 73 -7.38 -10.61 -1.96
C LYS A 73 -8.47 -9.63 -1.53
N LEU A 74 -8.22 -8.34 -1.72
CA LEU A 74 -9.18 -7.30 -1.34
C LEU A 74 -10.52 -7.54 -2.01
N THR A 75 -11.57 -7.67 -1.19
CA THR A 75 -12.91 -7.91 -1.72
C THR A 75 -13.92 -6.95 -1.10
N GLN A 76 -15.20 -7.22 -1.32
CA GLN A 76 -16.27 -6.37 -0.78
C GLN A 76 -16.36 -6.51 0.73
N LYS A 77 -16.41 -7.76 1.20
CA LYS A 77 -16.50 -8.04 2.63
C LYS A 77 -15.32 -7.44 3.39
N LEU A 78 -14.14 -7.48 2.76
CA LEU A 78 -12.93 -6.94 3.38
C LEU A 78 -12.98 -5.42 3.44
N CYS A 79 -13.37 -4.80 2.33
CA CYS A 79 -13.47 -3.34 2.25
C CYS A 79 -14.48 -2.82 3.27
N ASP A 80 -15.54 -3.60 3.48
CA ASP A 80 -16.59 -3.23 4.42
C ASP A 80 -16.04 -3.11 5.84
N GLU A 81 -14.88 -3.74 6.08
CA GLU A 81 -14.25 -3.72 7.38
C GLU A 81 -13.42 -2.45 7.57
N SER A 82 -12.45 -2.24 6.70
CA SER A 82 -11.60 -1.07 6.78
C SER A 82 -12.41 0.21 6.60
N ASP A 83 -12.04 1.25 7.35
CA ASP A 83 -12.73 2.52 7.30
C ASP A 83 -12.15 3.38 6.17
N PHE A 84 -10.88 3.15 5.84
CA PHE A 84 -10.22 3.89 4.78
C PHE A 84 -9.64 2.95 3.73
N LEU A 85 -9.72 3.35 2.47
CA LEU A 85 -9.20 2.53 1.37
C LEU A 85 -8.17 3.31 0.55
N ILE A 86 -7.11 2.62 0.15
CA ILE A 86 -6.05 3.24 -0.64
C ILE A 86 -5.66 2.35 -1.82
N THR A 87 -5.38 2.98 -2.96
CA THR A 87 -5.00 2.25 -4.16
C THR A 87 -3.52 2.41 -4.47
N MET A 88 -3.10 3.65 -4.74
CA MET A 88 -1.71 3.96 -5.07
C MET A 88 -1.39 3.57 -6.51
N ASP A 89 -2.02 2.51 -6.99
CA ASP A 89 -1.82 2.05 -8.37
C ASP A 89 -2.67 2.89 -9.32
N ASN A 90 -2.07 3.31 -10.43
CA ASN A 90 -2.76 4.14 -11.41
C ASN A 90 -3.94 3.41 -12.06
N SER A 91 -3.74 2.14 -12.42
CA SER A 91 -4.79 1.37 -13.07
C SER A 91 -5.77 0.78 -12.06
N ASN A 92 -5.26 0.28 -10.94
CA ASN A 92 -6.10 -0.32 -9.91
C ASN A 92 -7.22 0.63 -9.46
N PHE A 93 -6.99 1.93 -9.62
CA PHE A 93 -7.98 2.93 -9.23
C PHE A 93 -9.25 2.80 -10.08
N LYS A 94 -9.10 2.97 -11.39
CA LYS A 94 -10.22 2.88 -12.31
C LYS A 94 -10.91 1.52 -12.20
N ASN A 95 -10.12 0.46 -12.12
CA ASN A 95 -10.65 -0.90 -12.02
C ASN A 95 -11.48 -1.06 -10.75
N VAL A 96 -10.86 -0.80 -9.61
CA VAL A 96 -11.54 -0.93 -8.31
C VAL A 96 -12.80 -0.07 -8.26
N LEU A 97 -12.84 0.98 -9.06
CA LEU A 97 -13.98 1.89 -9.09
C LEU A 97 -15.22 1.17 -9.61
N LYS A 98 -15.14 0.65 -10.84
CA LYS A 98 -16.27 -0.05 -11.45
C LYS A 98 -16.38 -1.47 -10.91
N ASN A 99 -15.39 -1.91 -10.16
CA ASN A 99 -15.40 -3.26 -9.59
C ASN A 99 -16.18 -3.30 -8.27
N PHE A 100 -16.31 -2.14 -7.63
CA PHE A 100 -17.03 -2.04 -6.37
C PHE A 100 -18.21 -1.07 -6.48
N THR A 101 -18.99 -1.00 -5.42
CA THR A 101 -20.15 -0.11 -5.38
C THR A 101 -19.74 1.35 -5.26
N ASN A 102 -20.72 2.21 -5.00
CA ASN A 102 -20.47 3.65 -4.88
C ASN A 102 -19.70 3.97 -3.60
N THR A 103 -19.19 2.93 -2.94
CA THR A 103 -18.42 3.12 -1.70
C THR A 103 -16.94 3.29 -2.00
N GLN A 104 -16.61 3.37 -3.28
CA GLN A 104 -15.22 3.53 -3.71
C GLN A 104 -14.74 4.95 -3.41
N ASN A 105 -15.65 5.81 -2.99
CA ASN A 105 -15.32 7.19 -2.68
C ASN A 105 -14.38 7.26 -1.48
N LYS A 106 -14.22 6.13 -0.80
CA LYS A 106 -13.34 6.05 0.37
C LYS A 106 -11.92 5.67 -0.05
N VAL A 107 -11.68 5.61 -1.35
CA VAL A 107 -10.36 5.25 -1.88
C VAL A 107 -9.49 6.48 -2.11
N LEU A 108 -8.19 6.32 -1.88
CA LEU A 108 -7.24 7.41 -2.06
C LEU A 108 -6.19 7.06 -3.10
N LYS A 109 -5.67 8.06 -3.79
CA LYS A 109 -4.66 7.85 -4.82
C LYS A 109 -3.37 8.57 -4.47
N ILE A 110 -2.23 7.95 -4.83
CA ILE A 110 -0.92 8.53 -4.55
C ILE A 110 -0.61 9.65 -5.54
N THR A 111 -1.34 9.66 -6.65
CA THR A 111 -1.14 10.68 -7.68
C THR A 111 -1.40 12.07 -7.11
N ASP A 112 -2.25 12.13 -6.09
CA ASP A 112 -2.59 13.40 -5.45
C ASP A 112 -1.51 13.80 -4.45
N PHE A 113 -0.80 12.82 -3.91
CA PHE A 113 0.25 13.07 -2.94
C PHE A 113 1.60 13.25 -3.63
N SER A 114 2.08 12.18 -4.25
CA SER A 114 3.35 12.20 -4.96
C SER A 114 3.44 13.38 -5.92
N PRO A 115 4.55 14.15 -5.85
CA PRO A 115 4.74 15.32 -6.70
C PRO A 115 5.43 14.98 -8.03
N SER A 116 6.77 14.98 -8.03
CA SER A 116 7.53 14.68 -9.23
C SER A 116 7.81 13.18 -9.34
N LEU A 117 7.04 12.38 -8.61
CA LEU A 117 7.21 10.94 -8.63
C LEU A 117 6.74 10.35 -9.95
N ASN A 118 5.52 10.73 -10.36
CA ASN A 118 4.93 10.25 -11.60
C ASN A 118 5.29 8.79 -11.88
N TYR A 119 5.06 7.93 -10.88
CA TYR A 119 5.39 6.51 -11.02
C TYR A 119 4.20 5.73 -11.59
N ASP A 120 4.47 4.53 -12.07
CA ASP A 120 3.44 3.68 -12.63
C ASP A 120 2.87 2.75 -11.56
N GLU A 121 2.58 1.51 -11.92
CA GLU A 121 2.06 0.54 -10.97
C GLU A 121 3.19 -0.22 -10.31
N VAL A 122 3.56 0.22 -9.10
CA VAL A 122 4.63 -0.42 -8.33
C VAL A 122 6.00 -0.13 -8.95
N PRO A 123 7.00 0.21 -8.12
CA PRO A 123 8.37 0.52 -8.58
C PRO A 123 9.09 -0.69 -9.17
N ASP A 124 10.35 -0.88 -8.79
CA ASP A 124 11.16 -1.99 -9.27
C ASP A 124 11.47 -1.84 -10.76
N PRO A 125 12.56 -2.45 -11.25
CA PRO A 125 12.96 -2.35 -12.65
C PRO A 125 11.97 -2.99 -13.62
N TRP A 126 11.19 -3.94 -13.12
CA TRP A 126 10.21 -4.63 -13.95
C TRP A 126 9.07 -3.70 -14.35
N TYR A 127 8.84 -2.65 -13.57
CA TYR A 127 7.78 -1.69 -13.86
C TYR A 127 8.34 -0.33 -14.24
N SER A 128 9.55 -0.02 -13.76
CA SER A 128 10.18 1.26 -14.05
C SER A 128 11.49 1.07 -14.80
N GLY A 129 12.41 0.31 -14.20
CA GLY A 129 13.70 0.07 -14.83
C GLY A 129 14.86 0.26 -13.88
N ASN A 130 14.56 0.46 -12.60
CA ASN A 130 15.60 0.67 -11.59
C ASN A 130 15.18 0.11 -10.24
N PHE A 131 16.16 -0.40 -9.49
CA PHE A 131 15.89 -0.97 -8.17
C PHE A 131 15.72 0.13 -7.13
N ASP A 132 16.59 1.13 -7.21
CA ASP A 132 16.54 2.28 -6.31
C ASP A 132 15.20 2.98 -6.42
N GLU A 133 14.51 2.75 -7.53
CA GLU A 133 13.21 3.37 -7.75
C GLU A 133 12.28 3.01 -6.60
N THR A 134 12.36 1.77 -6.16
CA THR A 134 11.55 1.30 -5.04
C THR A 134 11.84 2.14 -3.79
N TYR A 135 13.08 2.59 -3.68
CA TYR A 135 13.49 3.42 -2.55
C TYR A 135 12.76 4.75 -2.54
N LYS A 136 12.92 5.51 -3.62
CA LYS A 136 12.28 6.81 -3.74
C LYS A 136 10.76 6.73 -3.62
N ILE A 137 10.17 5.80 -4.36
CA ILE A 137 8.73 5.62 -4.37
C ILE A 137 8.17 5.23 -2.99
N LEU A 138 8.60 4.07 -2.49
CA LEU A 138 8.12 3.56 -1.21
C LEU A 138 8.39 4.54 -0.06
N SER A 139 9.62 5.02 0.05
CA SER A 139 9.99 5.95 1.12
C SER A 139 9.10 7.18 1.13
N LEU A 140 8.98 7.84 -0.03
CA LEU A 140 8.17 9.03 -0.15
C LEU A 140 6.68 8.74 0.06
N ALA A 141 6.16 7.79 -0.70
CA ALA A 141 4.75 7.42 -0.62
C ALA A 141 4.34 7.02 0.80
N CYS A 142 5.12 6.14 1.42
CA CYS A 142 4.83 5.68 2.78
C CYS A 142 4.86 6.84 3.77
N LYS A 143 5.80 7.77 3.58
CA LYS A 143 5.92 8.92 4.46
C LYS A 143 4.66 9.77 4.42
N ASN A 144 4.36 10.33 3.26
CA ASN A 144 3.18 11.16 3.08
C ASN A 144 1.91 10.41 3.51
N LEU A 145 1.85 9.14 3.10
CA LEU A 145 0.70 8.30 3.44
C LEU A 145 0.57 8.17 4.95
N LEU A 146 1.71 8.08 5.63
CA LEU A 146 1.73 7.95 7.09
C LEU A 146 1.16 9.22 7.73
N VAL A 147 1.44 10.36 7.12
CA VAL A 147 0.97 11.64 7.63
C VAL A 147 -0.55 11.70 7.63
N PHE A 148 -1.15 11.48 6.45
CA PHE A 148 -2.60 11.51 6.32
C PHE A 148 -3.25 10.37 7.11
N LEU A 149 -2.61 9.20 7.09
CA LEU A 149 -3.13 8.03 7.80
C LEU A 149 -3.07 8.25 9.31
N SER A 150 -2.15 9.08 9.76
CA SER A 150 -2.00 9.36 11.20
C SER A 150 -2.97 10.45 11.65
N LYS A 151 -4.24 10.33 11.22
CA LYS A 151 -5.27 11.28 11.59
C LYS A 151 -4.86 12.72 11.25
N HIS A 152 -4.93 13.06 9.97
CA HIS A 152 -4.58 14.40 9.52
C HIS A 152 -5.81 15.14 9.02
N HIS A 153 -6.98 14.69 9.47
CA HIS A 153 -8.24 15.31 9.09
C HIS A 153 -9.06 15.71 10.30
N HIS A 154 -10.34 15.98 10.10
CA HIS A 154 -11.22 16.38 11.19
C HIS A 154 -12.25 15.28 11.48
N HIS A 155 -12.35 14.90 12.75
CA HIS A 155 -13.27 13.86 13.16
C HIS A 155 -14.64 14.45 13.51
N HIS A 156 -15.61 13.58 13.79
CA HIS A 156 -16.96 14.03 14.14
C HIS A 156 -17.72 12.93 14.87
N MET A 1 -12.45 1.74 15.92
CA MET A 1 -12.85 0.80 14.84
C MET A 1 -12.50 1.37 13.47
N LYS A 2 -11.25 1.79 13.30
CA LYS A 2 -10.79 2.35 12.04
C LYS A 2 -9.99 1.32 11.25
N LYS A 3 -10.50 0.97 10.06
CA LYS A 3 -9.83 -0.02 9.22
C LYS A 3 -9.48 0.58 7.86
N ILE A 4 -8.19 0.50 7.51
CA ILE A 4 -7.72 1.02 6.24
C ILE A 4 -7.30 -0.11 5.30
N LEU A 5 -8.12 -0.38 4.29
CA LEU A 5 -7.84 -1.45 3.34
C LEU A 5 -6.91 -0.96 2.23
N PHE A 6 -5.70 -1.53 2.18
CA PHE A 6 -4.74 -1.18 1.14
C PHE A 6 -4.91 -2.11 -0.05
N ILE A 7 -4.70 -1.59 -1.26
CA ILE A 7 -4.86 -2.40 -2.46
C ILE A 7 -3.69 -2.26 -3.42
N CYS A 8 -2.83 -3.28 -3.48
CA CYS A 8 -1.69 -3.27 -4.36
C CYS A 8 -1.85 -4.31 -5.47
N LEU A 9 -1.80 -3.86 -6.72
CA LEU A 9 -1.96 -4.74 -7.87
C LEU A 9 -0.92 -5.87 -7.82
N GLY A 10 0.17 -5.62 -7.10
CA GLY A 10 1.21 -6.62 -6.98
C GLY A 10 1.77 -6.66 -5.57
N ASN A 11 1.18 -7.48 -4.71
CA ASN A 11 1.63 -7.61 -3.33
C ASN A 11 2.85 -8.51 -3.25
N ILE A 12 3.84 -8.22 -4.10
CA ILE A 12 5.06 -9.00 -4.14
C ILE A 12 6.28 -8.11 -4.40
N CYS A 13 6.09 -6.80 -4.25
CA CYS A 13 7.17 -5.84 -4.46
C CYS A 13 6.98 -4.59 -3.61
N ARG A 14 6.01 -3.76 -3.97
CA ARG A 14 5.75 -2.53 -3.23
C ARG A 14 4.94 -2.80 -1.96
N SER A 15 3.97 -3.70 -2.06
CA SER A 15 3.13 -4.05 -0.92
C SER A 15 3.96 -4.59 0.25
N PRO A 16 4.87 -5.57 -0.01
CA PRO A 16 5.71 -6.16 1.04
C PRO A 16 6.60 -5.13 1.73
N MET A 17 7.14 -4.20 0.93
CA MET A 17 8.00 -3.15 1.47
C MET A 17 7.28 -2.37 2.55
N ALA A 18 6.14 -1.78 2.18
CA ALA A 18 5.35 -1.00 3.12
C ALA A 18 4.67 -1.91 4.12
N GLU A 19 4.63 -3.20 3.81
CA GLU A 19 4.03 -4.19 4.70
C GLU A 19 4.74 -4.18 6.05
N PHE A 20 6.04 -4.43 6.01
CA PHE A 20 6.85 -4.45 7.21
C PHE A 20 7.07 -3.03 7.77
N ILE A 21 7.36 -2.09 6.89
CA ILE A 21 7.60 -0.71 7.30
C ILE A 21 6.40 -0.15 8.06
N MET A 22 5.23 -0.20 7.44
CA MET A 22 4.01 0.30 8.06
C MET A 22 3.75 -0.39 9.39
N LYS A 23 3.84 -1.72 9.39
CA LYS A 23 3.60 -2.51 10.60
C LYS A 23 4.44 -1.96 11.76
N ASP A 24 5.65 -1.53 11.46
CA ASP A 24 6.55 -0.99 12.49
C ASP A 24 6.11 0.38 13.00
N LEU A 25 5.89 1.31 12.06
CA LEU A 25 5.50 2.68 12.41
C LEU A 25 4.12 2.75 13.08
N VAL A 26 3.16 1.99 12.57
CA VAL A 26 1.81 2.01 13.13
C VAL A 26 1.81 1.73 14.63
N LYS A 27 2.63 0.79 15.06
CA LYS A 27 2.72 0.44 16.47
C LYS A 27 3.01 1.68 17.33
N LYS A 28 3.70 2.65 16.75
CA LYS A 28 4.07 3.86 17.47
C LYS A 28 2.86 4.75 17.81
N ALA A 29 2.05 5.09 16.82
CA ALA A 29 0.90 5.97 17.05
C ALA A 29 -0.41 5.43 16.46
N ASN A 30 -0.53 4.11 16.34
CA ASN A 30 -1.75 3.51 15.80
C ASN A 30 -2.21 2.35 16.68
N LEU A 31 -1.33 1.36 16.86
CA LEU A 31 -1.65 0.20 17.67
C LEU A 31 -1.89 0.62 19.12
N GLU A 32 -1.35 1.78 19.49
CA GLU A 32 -1.51 2.30 20.83
C GLU A 32 -2.96 2.70 21.08
N LYS A 33 -3.53 3.45 20.13
CA LYS A 33 -4.90 3.90 20.23
C LYS A 33 -5.85 2.84 19.70
N GLU A 34 -5.31 1.66 19.44
CA GLU A 34 -6.08 0.53 18.92
C GLU A 34 -6.61 0.82 17.52
N PHE A 35 -5.71 0.81 16.54
CA PHE A 35 -6.09 1.06 15.15
C PHE A 35 -6.00 -0.24 14.34
N PHE A 36 -6.64 -0.26 13.18
CA PHE A 36 -6.65 -1.45 12.33
C PHE A 36 -6.25 -1.12 10.90
N ILE A 37 -5.24 -1.82 10.41
CA ILE A 37 -4.75 -1.63 9.04
C ILE A 37 -4.82 -2.93 8.26
N ASN A 38 -5.08 -2.83 6.96
CA ASN A 38 -5.17 -4.01 6.10
C ASN A 38 -4.45 -3.79 4.78
N SER A 39 -4.21 -4.87 4.05
CA SER A 39 -3.54 -4.81 2.77
C SER A 39 -3.81 -6.07 1.95
N ALA A 40 -4.11 -5.89 0.67
CA ALA A 40 -4.38 -7.02 -0.21
C ALA A 40 -4.32 -6.61 -1.68
N GLY A 41 -4.41 -7.61 -2.56
CA GLY A 41 -4.36 -7.33 -3.99
C GLY A 41 -5.74 -7.18 -4.59
N THR A 42 -5.79 -6.88 -5.89
CA THR A 42 -7.06 -6.70 -6.58
C THR A 42 -7.82 -8.02 -6.71
N SER A 43 -7.12 -9.06 -7.16
CA SER A 43 -7.74 -10.37 -7.34
C SER A 43 -7.09 -11.42 -6.45
N GLY A 44 -6.15 -11.00 -5.62
CA GLY A 44 -5.46 -11.92 -4.73
C GLY A 44 -4.86 -13.11 -5.45
N GLU A 45 -4.59 -12.95 -6.74
CA GLU A 45 -4.00 -14.04 -7.52
C GLU A 45 -2.69 -14.50 -6.89
N HIS A 46 -1.69 -13.63 -6.93
CA HIS A 46 -0.39 -13.93 -6.34
C HIS A 46 -0.09 -12.95 -5.22
N ASP A 47 -0.74 -11.79 -5.29
CA ASP A 47 -0.56 -10.74 -4.28
C ASP A 47 -0.58 -11.32 -2.87
N GLY A 48 0.55 -11.21 -2.18
CA GLY A 48 0.66 -11.72 -0.82
C GLY A 48 2.01 -12.35 -0.54
N GLU A 49 2.65 -12.87 -1.57
CA GLU A 49 3.95 -13.51 -1.43
C GLU A 49 4.98 -12.50 -0.92
N GLY A 50 5.45 -11.64 -1.83
CA GLY A 50 6.43 -10.64 -1.46
C GLY A 50 7.83 -11.02 -1.91
N MET A 51 8.11 -10.83 -3.20
CA MET A 51 9.42 -11.15 -3.76
C MET A 51 9.56 -10.58 -5.17
N HIS A 52 10.35 -9.51 -5.29
CA HIS A 52 10.56 -8.86 -6.58
C HIS A 52 11.69 -7.82 -6.50
N TYR A 53 12.36 -7.60 -7.63
CA TYR A 53 13.45 -6.64 -7.71
C TYR A 53 13.08 -5.28 -7.12
N GLY A 54 14.04 -4.37 -7.08
CA GLY A 54 13.79 -3.04 -6.56
C GLY A 54 13.64 -3.02 -5.06
N THR A 55 12.47 -3.41 -4.58
CA THR A 55 12.18 -3.41 -3.15
C THR A 55 13.17 -4.30 -2.39
N LYS A 56 13.36 -5.53 -2.88
CA LYS A 56 14.28 -6.47 -2.25
C LYS A 56 15.69 -5.89 -2.16
N ASN A 57 16.15 -5.30 -3.27
CA ASN A 57 17.49 -4.71 -3.33
C ASN A 57 17.64 -3.58 -2.32
N LYS A 58 16.69 -2.65 -2.33
CA LYS A 58 16.73 -1.52 -1.41
C LYS A 58 16.72 -1.98 0.03
N LEU A 59 15.82 -2.92 0.34
CA LEU A 59 15.73 -3.45 1.69
C LEU A 59 17.00 -4.22 2.04
N ALA A 60 17.59 -4.87 1.05
CA ALA A 60 18.82 -5.62 1.26
C ALA A 60 19.94 -4.70 1.72
N GLN A 61 19.91 -3.46 1.25
CA GLN A 61 20.91 -2.47 1.61
C GLN A 61 21.01 -2.30 3.13
N LEU A 62 19.87 -2.19 3.79
CA LEU A 62 19.85 -2.01 5.25
C LEU A 62 18.67 -2.73 5.89
N ASN A 63 17.50 -2.63 5.28
CA ASN A 63 16.29 -3.26 5.79
C ASN A 63 16.40 -4.78 5.71
N ILE A 64 15.26 -5.46 5.82
CA ILE A 64 15.22 -6.92 5.73
C ILE A 64 14.99 -7.35 4.29
N GLU A 65 15.68 -8.41 3.88
CA GLU A 65 15.56 -8.92 2.51
C GLU A 65 14.11 -9.05 2.10
N HIS A 66 13.30 -9.54 3.03
CA HIS A 66 11.87 -9.72 2.81
C HIS A 66 11.21 -10.36 4.03
N LYS A 67 9.89 -10.20 4.13
CA LYS A 67 9.13 -10.76 5.23
C LYS A 67 7.63 -10.59 5.00
N ASN A 68 6.83 -10.99 5.98
CA ASN A 68 5.38 -10.88 5.88
C ASN A 68 4.85 -11.62 4.66
N PHE A 69 5.01 -12.94 4.66
CA PHE A 69 4.55 -13.76 3.55
C PHE A 69 3.14 -14.28 3.81
N THR A 70 2.15 -13.57 3.29
CA THR A 70 0.75 -13.96 3.47
C THR A 70 -0.09 -13.54 2.26
N SER A 71 -0.54 -14.53 1.49
CA SER A 71 -1.34 -14.28 0.31
C SER A 71 -2.64 -13.56 0.67
N LYS A 72 -2.78 -12.33 0.18
CA LYS A 72 -3.96 -11.52 0.46
C LYS A 72 -4.85 -11.42 -0.79
N LYS A 73 -6.12 -11.07 -0.59
CA LYS A 73 -7.07 -10.94 -1.69
C LYS A 73 -8.22 -10.02 -1.32
N LEU A 74 -8.07 -8.72 -1.60
CA LEU A 74 -9.12 -7.75 -1.30
C LEU A 74 -10.42 -8.15 -1.97
N THR A 75 -11.47 -8.32 -1.19
CA THR A 75 -12.77 -8.69 -1.72
C THR A 75 -13.86 -7.75 -1.24
N GLN A 76 -15.11 -8.04 -1.62
CA GLN A 76 -16.24 -7.21 -1.23
C GLN A 76 -16.45 -7.26 0.27
N LYS A 77 -16.33 -8.46 0.84
CA LYS A 77 -16.50 -8.64 2.28
C LYS A 77 -15.51 -7.79 3.05
N LEU A 78 -14.24 -7.84 2.64
CA LEU A 78 -13.18 -7.08 3.29
C LEU A 78 -13.41 -5.59 3.12
N CYS A 79 -13.88 -5.21 1.93
CA CYS A 79 -14.15 -3.81 1.62
C CYS A 79 -15.21 -3.24 2.57
N ASP A 80 -16.28 -4.01 2.76
CA ASP A 80 -17.36 -3.60 3.64
C ASP A 80 -16.87 -3.44 5.07
N GLU A 81 -15.73 -4.06 5.37
CA GLU A 81 -15.14 -3.98 6.70
C GLU A 81 -14.37 -2.67 6.89
N SER A 82 -13.38 -2.45 6.03
CA SER A 82 -12.58 -1.24 6.09
C SER A 82 -13.41 -0.01 5.76
N ASP A 83 -13.09 1.11 6.40
CA ASP A 83 -13.82 2.35 6.17
C ASP A 83 -13.08 3.24 5.18
N PHE A 84 -11.78 3.01 5.04
CA PHE A 84 -10.95 3.80 4.13
C PHE A 84 -10.15 2.91 3.18
N LEU A 85 -10.32 3.13 1.89
CA LEU A 85 -9.60 2.36 0.88
C LEU A 85 -8.52 3.20 0.23
N ILE A 86 -7.34 2.60 0.03
CA ILE A 86 -6.22 3.33 -0.57
C ILE A 86 -5.51 2.49 -1.62
N THR A 87 -5.54 2.98 -2.85
CA THR A 87 -4.89 2.31 -3.96
C THR A 87 -3.63 3.07 -4.36
N MET A 88 -2.67 2.37 -4.92
CA MET A 88 -1.42 3.00 -5.32
C MET A 88 -1.16 2.83 -6.82
N ASP A 89 -1.72 1.77 -7.40
CA ASP A 89 -1.55 1.51 -8.83
C ASP A 89 -2.53 2.36 -9.64
N ASN A 90 -2.03 2.98 -10.70
CA ASN A 90 -2.86 3.83 -11.54
C ASN A 90 -4.05 3.06 -12.12
N SER A 91 -3.75 1.92 -12.74
CA SER A 91 -4.80 1.09 -13.33
C SER A 91 -5.75 0.56 -12.27
N ASN A 92 -5.21 0.28 -11.08
CA ASN A 92 -6.01 -0.23 -9.98
C ASN A 92 -7.09 0.75 -9.57
N PHE A 93 -6.80 2.05 -9.74
CA PHE A 93 -7.75 3.09 -9.40
C PHE A 93 -8.99 3.03 -10.28
N LYS A 94 -8.78 2.99 -11.60
CA LYS A 94 -9.87 2.94 -12.55
C LYS A 94 -10.67 1.64 -12.41
N ASN A 95 -9.97 0.54 -12.13
CA ASN A 95 -10.61 -0.75 -11.97
C ASN A 95 -11.49 -0.79 -10.73
N VAL A 96 -10.91 -0.47 -9.58
CA VAL A 96 -11.63 -0.48 -8.31
C VAL A 96 -12.79 0.52 -8.33
N LEU A 97 -12.68 1.56 -9.16
CA LEU A 97 -13.72 2.57 -9.26
C LEU A 97 -15.03 1.95 -9.73
N LYS A 98 -14.94 1.03 -10.69
CA LYS A 98 -16.12 0.37 -11.23
C LYS A 98 -16.27 -1.04 -10.66
N ASN A 99 -15.27 -1.47 -9.90
CA ASN A 99 -15.28 -2.80 -9.29
C ASN A 99 -16.28 -2.89 -8.14
N PHE A 100 -16.27 -1.90 -7.26
CA PHE A 100 -17.17 -1.89 -6.12
C PHE A 100 -18.36 -0.97 -6.33
N THR A 101 -19.22 -0.88 -5.32
CA THR A 101 -20.41 -0.04 -5.37
C THR A 101 -20.05 1.44 -5.40
N ASN A 102 -21.06 2.29 -5.21
CA ASN A 102 -20.86 3.74 -5.22
C ASN A 102 -19.94 4.20 -4.09
N THR A 103 -19.31 3.26 -3.41
CA THR A 103 -18.39 3.57 -2.32
C THR A 103 -16.97 3.73 -2.84
N GLN A 104 -16.85 3.75 -4.17
CA GLN A 104 -15.54 3.91 -4.82
C GLN A 104 -14.94 5.27 -4.53
N ASN A 105 -15.75 6.16 -3.94
CA ASN A 105 -15.29 7.50 -3.60
C ASN A 105 -14.46 7.50 -2.33
N LYS A 106 -14.21 6.29 -1.80
CA LYS A 106 -13.42 6.15 -0.58
C LYS A 106 -12.02 5.63 -0.88
N VAL A 107 -11.66 5.61 -2.17
CA VAL A 107 -10.36 5.15 -2.60
C VAL A 107 -9.38 6.31 -2.74
N LEU A 108 -8.13 6.09 -2.33
CA LEU A 108 -7.11 7.12 -2.40
C LEU A 108 -5.89 6.64 -3.20
N LYS A 109 -5.67 7.25 -4.36
CA LYS A 109 -4.54 6.90 -5.22
C LYS A 109 -3.31 7.70 -4.84
N ILE A 110 -2.14 7.09 -4.98
CA ILE A 110 -0.88 7.74 -4.64
C ILE A 110 -0.61 8.93 -5.57
N THR A 111 -1.31 8.98 -6.69
CA THR A 111 -1.13 10.07 -7.64
C THR A 111 -1.45 11.41 -7.00
N ASP A 112 -2.48 11.43 -6.17
CA ASP A 112 -2.90 12.65 -5.49
C ASP A 112 -2.04 12.90 -4.25
N PHE A 113 -1.15 11.97 -3.96
CA PHE A 113 -0.26 12.10 -2.79
C PHE A 113 1.20 11.98 -3.20
N SER A 114 1.46 12.05 -4.49
CA SER A 114 2.82 11.96 -5.01
C SER A 114 3.00 12.85 -6.22
N PRO A 115 3.57 14.06 -6.03
CA PRO A 115 3.78 15.03 -7.12
C PRO A 115 4.62 14.48 -8.27
N SER A 116 5.93 14.73 -8.22
CA SER A 116 6.84 14.27 -9.28
C SER A 116 7.13 12.78 -9.17
N LEU A 117 6.39 12.09 -8.31
CA LEU A 117 6.58 10.66 -8.13
C LEU A 117 5.62 9.87 -9.03
N ASN A 118 5.38 10.40 -10.22
CA ASN A 118 4.48 9.75 -11.18
C ASN A 118 5.02 8.41 -11.64
N TYR A 119 4.62 7.34 -10.95
CA TYR A 119 5.06 5.99 -11.29
C TYR A 119 3.88 5.16 -11.79
N ASP A 120 4.18 3.97 -12.30
CA ASP A 120 3.14 3.08 -12.81
C ASP A 120 2.68 2.13 -11.72
N GLU A 121 2.33 0.90 -12.10
CA GLU A 121 1.89 -0.10 -11.14
C GLU A 121 3.09 -0.83 -10.54
N VAL A 122 3.48 -0.42 -9.33
CA VAL A 122 4.62 -1.02 -8.64
C VAL A 122 5.94 -0.64 -9.33
N PRO A 123 6.95 -0.22 -8.54
CA PRO A 123 8.25 0.19 -9.06
C PRO A 123 9.09 -1.00 -9.55
N ASP A 124 10.36 -1.06 -9.12
CA ASP A 124 11.26 -2.14 -9.52
C ASP A 124 11.55 -2.09 -11.01
N PRO A 125 12.71 -2.64 -11.44
CA PRO A 125 13.10 -2.64 -12.86
C PRO A 125 12.12 -3.37 -13.76
N TRP A 126 11.49 -4.41 -13.24
CA TRP A 126 10.52 -5.19 -14.02
C TRP A 126 9.36 -4.30 -14.49
N TYR A 127 9.13 -3.21 -13.77
CA TYR A 127 8.05 -2.30 -14.12
C TYR A 127 8.59 -0.94 -14.60
N SER A 128 9.33 -0.26 -13.73
CA SER A 128 9.88 1.05 -14.06
C SER A 128 11.20 0.92 -14.82
N GLY A 129 12.18 0.26 -14.21
CA GLY A 129 13.46 0.08 -14.85
C GLY A 129 14.62 0.13 -13.87
N ASN A 130 14.39 0.69 -12.69
CA ASN A 130 15.44 0.79 -11.67
C ASN A 130 14.97 0.22 -10.33
N PHE A 131 15.93 -0.05 -9.45
CA PHE A 131 15.64 -0.60 -8.13
C PHE A 131 15.37 0.52 -7.13
N ASP A 132 16.14 1.60 -7.23
CA ASP A 132 15.99 2.75 -6.34
C ASP A 132 14.57 3.30 -6.36
N GLU A 133 13.85 3.02 -7.44
CA GLU A 133 12.47 3.49 -7.59
C GLU A 133 11.60 3.03 -6.43
N THR A 134 11.63 1.73 -6.14
CA THR A 134 10.84 1.17 -5.06
C THR A 134 10.96 1.98 -3.78
N TYR A 135 12.18 2.38 -3.46
CA TYR A 135 12.43 3.17 -2.25
C TYR A 135 11.80 4.55 -2.35
N LYS A 136 11.92 5.19 -3.51
CA LYS A 136 11.39 6.52 -3.71
C LYS A 136 9.88 6.59 -3.45
N ILE A 137 9.12 5.75 -4.15
CA ILE A 137 7.67 5.72 -3.99
C ILE A 137 7.25 5.22 -2.62
N LEU A 138 7.76 4.06 -2.22
CA LEU A 138 7.42 3.46 -0.93
C LEU A 138 7.69 4.41 0.23
N SER A 139 8.87 5.03 0.24
CA SER A 139 9.24 5.96 1.30
C SER A 139 8.29 7.15 1.39
N LEU A 140 8.15 7.88 0.28
CA LEU A 140 7.27 9.04 0.23
C LEU A 140 5.83 8.67 0.56
N ALA A 141 5.28 7.74 -0.20
CA ALA A 141 3.91 7.28 0.00
C ALA A 141 3.64 6.90 1.46
N CYS A 142 4.56 6.16 2.05
CA CYS A 142 4.40 5.72 3.44
C CYS A 142 4.27 6.90 4.39
N LYS A 143 5.16 7.87 4.26
CA LYS A 143 5.16 9.05 5.12
C LYS A 143 3.87 9.86 4.94
N ASN A 144 3.67 10.39 3.73
CA ASN A 144 2.50 11.19 3.43
C ASN A 144 1.21 10.51 3.87
N LEU A 145 1.07 9.24 3.49
CA LEU A 145 -0.12 8.47 3.83
C LEU A 145 -0.27 8.32 5.34
N LEU A 146 0.84 8.07 6.02
CA LEU A 146 0.84 7.90 7.47
C LEU A 146 0.31 9.15 8.17
N VAL A 147 0.79 10.30 7.75
CA VAL A 147 0.38 11.58 8.34
C VAL A 147 -1.10 11.87 8.08
N PHE A 148 -1.49 11.81 6.82
CA PHE A 148 -2.87 12.08 6.43
C PHE A 148 -3.84 11.05 7.02
N LEU A 149 -3.36 9.83 7.22
CA LEU A 149 -4.19 8.77 7.78
C LEU A 149 -4.53 9.04 9.25
N SER A 150 -3.51 9.29 10.06
CA SER A 150 -3.71 9.57 11.47
C SER A 150 -2.56 10.37 12.06
N LYS A 151 -2.48 11.64 11.69
CA LYS A 151 -1.42 12.52 12.17
C LYS A 151 -1.59 13.94 11.63
N HIS A 152 -2.53 14.10 10.71
CA HIS A 152 -2.79 15.40 10.09
C HIS A 152 -3.86 16.17 10.87
N HIS A 153 -5.05 15.59 10.96
CA HIS A 153 -6.16 16.22 11.66
C HIS A 153 -6.39 15.57 13.03
N HIS A 154 -7.50 15.91 13.66
CA HIS A 154 -7.84 15.37 14.97
C HIS A 154 -9.35 15.18 15.10
N HIS A 155 -9.80 14.91 16.33
CA HIS A 155 -11.23 14.72 16.60
C HIS A 155 -11.79 13.61 15.72
N HIS A 156 -10.97 12.62 15.40
CA HIS A 156 -11.39 11.50 14.57
C HIS A 156 -10.77 10.20 15.06
N MET A 1 -13.83 2.67 15.43
CA MET A 1 -13.11 1.68 14.58
C MET A 1 -12.52 2.34 13.34
N LYS A 2 -11.19 2.30 13.23
CA LYS A 2 -10.51 2.89 12.09
C LYS A 2 -9.75 1.83 11.30
N LYS A 3 -10.26 1.51 10.12
CA LYS A 3 -9.63 0.50 9.25
C LYS A 3 -9.32 1.08 7.88
N ILE A 4 -8.11 0.81 7.39
CA ILE A 4 -7.68 1.31 6.09
C ILE A 4 -7.25 0.16 5.20
N LEU A 5 -8.03 -0.11 4.15
CA LEU A 5 -7.72 -1.20 3.23
C LEU A 5 -6.99 -0.69 1.99
N PHE A 6 -5.71 -1.06 1.87
CA PHE A 6 -4.91 -0.66 0.71
C PHE A 6 -4.99 -1.74 -0.36
N ILE A 7 -5.18 -1.34 -1.62
CA ILE A 7 -5.28 -2.30 -2.72
C ILE A 7 -4.16 -2.12 -3.73
N CYS A 8 -3.25 -3.09 -3.75
CA CYS A 8 -2.12 -3.07 -4.68
C CYS A 8 -2.24 -4.19 -5.71
N LEU A 9 -2.07 -3.82 -6.99
CA LEU A 9 -2.17 -4.79 -8.07
C LEU A 9 -1.12 -5.89 -7.94
N GLY A 10 -0.02 -5.59 -7.24
CA GLY A 10 1.03 -6.57 -7.07
C GLY A 10 1.57 -6.61 -5.65
N ASN A 11 1.02 -7.52 -4.84
CA ASN A 11 1.45 -7.67 -3.46
C ASN A 11 2.74 -8.50 -3.39
N ILE A 12 3.69 -8.18 -4.26
CA ILE A 12 4.96 -8.89 -4.31
C ILE A 12 6.13 -7.93 -4.49
N CYS A 13 5.88 -6.64 -4.33
CA CYS A 13 6.92 -5.64 -4.47
C CYS A 13 6.67 -4.41 -3.59
N ARG A 14 5.75 -3.55 -4.03
CA ARG A 14 5.43 -2.33 -3.29
C ARG A 14 4.54 -2.64 -2.09
N SER A 15 3.58 -3.53 -2.27
CA SER A 15 2.67 -3.89 -1.19
C SER A 15 3.39 -4.58 -0.02
N PRO A 16 4.24 -5.59 -0.28
CA PRO A 16 4.97 -6.29 0.79
C PRO A 16 5.96 -5.38 1.51
N MET A 17 6.70 -4.59 0.75
CA MET A 17 7.67 -3.67 1.33
C MET A 17 6.99 -2.74 2.33
N ALA A 18 5.98 -2.02 1.85
CA ALA A 18 5.24 -1.10 2.70
C ALA A 18 4.48 -1.84 3.79
N GLU A 19 4.24 -3.13 3.56
CA GLU A 19 3.53 -3.94 4.54
C GLU A 19 4.36 -4.06 5.81
N PHE A 20 5.65 -4.31 5.65
CA PHE A 20 6.56 -4.43 6.79
C PHE A 20 6.77 -3.07 7.44
N ILE A 21 6.98 -2.05 6.61
CA ILE A 21 7.21 -0.69 7.12
C ILE A 21 6.02 -0.21 7.94
N MET A 22 4.83 -0.27 7.35
CA MET A 22 3.62 0.18 8.01
C MET A 22 3.40 -0.56 9.33
N LYS A 23 3.47 -1.89 9.30
CA LYS A 23 3.28 -2.71 10.49
C LYS A 23 4.24 -2.30 11.60
N ASP A 24 5.45 -1.87 11.22
CA ASP A 24 6.46 -1.47 12.18
C ASP A 24 6.07 -0.16 12.87
N LEU A 25 5.91 0.89 12.09
CA LEU A 25 5.55 2.21 12.62
C LEU A 25 4.16 2.21 13.24
N VAL A 26 3.34 1.24 12.86
CA VAL A 26 1.97 1.14 13.38
C VAL A 26 1.97 0.94 14.90
N LYS A 27 2.75 -0.02 15.37
CA LYS A 27 2.79 -0.32 16.80
C LYS A 27 3.02 0.93 17.66
N LYS A 28 3.84 1.86 17.17
CA LYS A 28 4.16 3.07 17.92
C LYS A 28 2.96 4.03 18.11
N ALA A 29 2.29 4.39 17.02
CA ALA A 29 1.17 5.34 17.13
C ALA A 29 -0.09 4.89 16.40
N ASN A 30 -0.29 3.58 16.25
CA ASN A 30 -1.48 3.06 15.57
C ASN A 30 -2.17 1.99 16.41
N LEU A 31 -1.43 0.94 16.74
CA LEU A 31 -1.97 -0.15 17.55
C LEU A 31 -2.38 0.37 18.93
N GLU A 32 -1.81 1.51 19.30
CA GLU A 32 -2.10 2.15 20.58
C GLU A 32 -3.51 2.73 20.58
N LYS A 33 -3.91 3.27 19.42
CA LYS A 33 -5.23 3.86 19.27
C LYS A 33 -6.17 2.89 18.57
N GLU A 34 -5.76 1.62 18.52
CA GLU A 34 -6.56 0.57 17.90
C GLU A 34 -6.79 0.86 16.41
N PHE A 35 -5.70 0.93 15.64
CA PHE A 35 -5.78 1.19 14.22
C PHE A 35 -5.39 -0.05 13.43
N PHE A 36 -6.14 -0.35 12.36
CA PHE A 36 -5.87 -1.52 11.55
C PHE A 36 -5.52 -1.13 10.11
N ILE A 37 -4.56 -1.86 9.53
CA ILE A 37 -4.12 -1.61 8.16
C ILE A 37 -3.97 -2.92 7.39
N ASN A 38 -4.84 -3.13 6.40
CA ASN A 38 -4.80 -4.35 5.60
C ASN A 38 -4.56 -4.03 4.12
N SER A 39 -3.56 -4.68 3.52
CA SER A 39 -3.24 -4.47 2.11
C SER A 39 -3.31 -5.79 1.35
N ALA A 40 -4.13 -5.83 0.30
CA ALA A 40 -4.28 -7.02 -0.51
C ALA A 40 -4.34 -6.67 -1.99
N GLY A 41 -4.56 -7.69 -2.83
CA GLY A 41 -4.63 -7.49 -4.25
C GLY A 41 -6.07 -7.43 -4.75
N THR A 42 -6.25 -7.40 -6.06
CA THR A 42 -7.58 -7.33 -6.66
C THR A 42 -8.24 -8.71 -6.73
N SER A 43 -7.50 -9.69 -7.24
CA SER A 43 -8.02 -11.05 -7.37
C SER A 43 -7.11 -12.05 -6.69
N GLY A 44 -6.06 -11.55 -6.04
CA GLY A 44 -5.12 -12.41 -5.35
C GLY A 44 -4.48 -13.41 -6.28
N GLU A 45 -4.42 -13.07 -7.57
CA GLU A 45 -3.82 -13.95 -8.57
C GLU A 45 -2.39 -14.30 -8.19
N HIS A 46 -1.57 -13.28 -7.98
CA HIS A 46 -0.18 -13.48 -7.59
C HIS A 46 0.16 -12.64 -6.37
N ASP A 47 -0.54 -11.51 -6.23
CA ASP A 47 -0.34 -10.60 -5.11
C ASP A 47 -0.22 -11.36 -3.79
N GLY A 48 1.02 -11.62 -3.36
CA GLY A 48 1.22 -12.34 -2.12
C GLY A 48 2.63 -12.91 -1.97
N GLU A 49 3.29 -13.17 -3.10
CA GLU A 49 4.65 -13.71 -3.07
C GLU A 49 5.57 -12.86 -2.20
N GLY A 50 5.47 -11.54 -2.37
CA GLY A 50 6.30 -10.63 -1.58
C GLY A 50 7.78 -10.84 -1.81
N MET A 51 8.23 -10.56 -3.03
CA MET A 51 9.64 -10.72 -3.38
C MET A 51 9.91 -10.21 -4.80
N HIS A 52 10.50 -9.02 -4.89
CA HIS A 52 10.82 -8.42 -6.19
C HIS A 52 12.19 -7.77 -6.16
N TYR A 53 12.74 -7.52 -7.35
CA TYR A 53 14.06 -6.91 -7.49
C TYR A 53 14.18 -5.64 -6.66
N GLY A 54 13.61 -4.55 -7.18
CA GLY A 54 13.67 -3.27 -6.50
C GLY A 54 13.38 -3.34 -5.02
N THR A 55 12.29 -4.00 -4.65
CA THR A 55 11.91 -4.11 -3.26
C THR A 55 13.02 -4.75 -2.43
N LYS A 56 13.58 -5.84 -2.94
CA LYS A 56 14.66 -6.55 -2.24
C LYS A 56 15.85 -5.63 -1.99
N ASN A 57 16.20 -4.81 -2.98
CA ASN A 57 17.34 -3.90 -2.85
C ASN A 57 17.11 -2.90 -1.71
N LYS A 58 15.92 -2.29 -1.69
CA LYS A 58 15.58 -1.33 -0.67
C LYS A 58 15.54 -1.97 0.70
N LEU A 59 15.06 -3.21 0.75
CA LEU A 59 14.97 -3.95 1.99
C LEU A 59 16.36 -4.27 2.54
N ALA A 60 17.16 -4.97 1.75
CA ALA A 60 18.51 -5.33 2.16
C ALA A 60 19.30 -4.11 2.63
N GLN A 61 18.99 -2.95 2.04
CA GLN A 61 19.67 -1.71 2.40
C GLN A 61 19.57 -1.44 3.90
N LEU A 62 18.39 -1.65 4.46
CA LEU A 62 18.16 -1.43 5.89
C LEU A 62 17.02 -2.29 6.40
N ASN A 63 15.95 -2.38 5.62
CA ASN A 63 14.78 -3.18 6.00
C ASN A 63 15.11 -4.67 5.96
N ILE A 64 14.07 -5.49 5.93
CA ILE A 64 14.23 -6.94 5.89
C ILE A 64 14.07 -7.46 4.46
N GLU A 65 15.04 -8.26 4.02
CA GLU A 65 15.02 -8.80 2.66
C GLU A 65 13.69 -9.44 2.30
N HIS A 66 12.93 -9.80 3.33
CA HIS A 66 11.62 -10.43 3.14
C HIS A 66 10.97 -10.78 4.47
N LYS A 67 9.67 -10.46 4.58
CA LYS A 67 8.91 -10.74 5.79
C LYS A 67 7.47 -10.26 5.63
N ASN A 68 6.94 -10.39 4.41
CA ASN A 68 5.58 -9.97 4.13
C ASN A 68 4.92 -10.88 3.08
N PHE A 69 5.48 -12.06 2.89
CA PHE A 69 4.94 -13.02 1.92
C PHE A 69 3.61 -13.59 2.42
N THR A 70 2.52 -13.07 1.88
CA THR A 70 1.18 -13.53 2.25
C THR A 70 0.20 -13.33 1.12
N SER A 71 -0.20 -14.43 0.48
CA SER A 71 -1.15 -14.36 -0.63
C SER A 71 -2.47 -13.77 -0.18
N LYS A 72 -2.71 -12.51 -0.53
CA LYS A 72 -3.94 -11.83 -0.16
C LYS A 72 -4.81 -11.52 -1.37
N LYS A 73 -6.10 -11.32 -1.13
CA LYS A 73 -7.04 -11.03 -2.21
C LYS A 73 -8.23 -10.23 -1.68
N LEU A 74 -8.15 -8.91 -1.78
CA LEU A 74 -9.23 -8.03 -1.32
C LEU A 74 -10.55 -8.41 -2.00
N THR A 75 -11.59 -8.60 -1.20
CA THR A 75 -12.89 -8.97 -1.72
C THR A 75 -14.00 -8.08 -1.15
N GLN A 76 -15.25 -8.47 -1.37
CA GLN A 76 -16.39 -7.71 -0.88
C GLN A 76 -16.43 -7.70 0.63
N LYS A 77 -16.30 -8.88 1.24
CA LYS A 77 -16.32 -9.00 2.69
C LYS A 77 -15.19 -8.19 3.32
N LEU A 78 -14.00 -8.29 2.73
CA LEU A 78 -12.85 -7.56 3.23
C LEU A 78 -13.09 -6.06 3.20
N CYS A 79 -13.60 -5.57 2.06
CA CYS A 79 -13.90 -4.15 1.90
C CYS A 79 -14.94 -3.70 2.91
N ASP A 80 -15.91 -4.58 3.18
CA ASP A 80 -16.97 -4.27 4.14
C ASP A 80 -16.41 -4.05 5.53
N GLU A 81 -15.19 -4.54 5.76
CA GLU A 81 -14.53 -4.40 7.06
C GLU A 81 -13.90 -3.02 7.19
N SER A 82 -12.99 -2.68 6.28
CA SER A 82 -12.31 -1.40 6.31
C SER A 82 -13.32 -0.26 6.13
N ASP A 83 -12.98 0.90 6.68
CA ASP A 83 -13.85 2.07 6.58
C ASP A 83 -13.34 3.03 5.50
N PHE A 84 -12.07 2.91 5.16
CA PHE A 84 -11.46 3.77 4.14
C PHE A 84 -10.68 2.94 3.13
N LEU A 85 -10.93 3.20 1.85
CA LEU A 85 -10.25 2.49 0.78
C LEU A 85 -9.20 3.39 0.12
N ILE A 86 -8.02 2.85 -0.15
CA ILE A 86 -6.96 3.63 -0.76
C ILE A 86 -6.29 2.89 -1.92
N THR A 87 -6.24 3.56 -3.07
CA THR A 87 -5.62 3.01 -4.26
C THR A 87 -4.52 3.94 -4.76
N MET A 88 -3.36 3.38 -5.08
CA MET A 88 -2.25 4.19 -5.56
C MET A 88 -1.91 3.82 -7.00
N ASP A 89 -2.38 2.65 -7.43
CA ASP A 89 -2.14 2.19 -8.79
C ASP A 89 -3.11 2.85 -9.74
N ASN A 90 -2.58 3.43 -10.81
CA ASN A 90 -3.41 4.13 -11.79
C ASN A 90 -4.46 3.19 -12.39
N SER A 91 -4.14 1.90 -12.43
CA SER A 91 -5.06 0.90 -12.99
C SER A 91 -6.02 0.39 -11.92
N ASN A 92 -5.54 0.31 -10.68
CA ASN A 92 -6.36 -0.16 -9.57
C ASN A 92 -7.57 0.72 -9.36
N PHE A 93 -7.43 2.01 -9.66
CA PHE A 93 -8.52 2.96 -9.49
C PHE A 93 -9.68 2.63 -10.44
N LYS A 94 -9.36 2.48 -11.72
CA LYS A 94 -10.38 2.16 -12.72
C LYS A 94 -10.97 0.79 -12.48
N ASN A 95 -10.16 -0.13 -11.97
CA ASN A 95 -10.60 -1.49 -11.69
C ASN A 95 -11.66 -1.49 -10.59
N VAL A 96 -11.30 -0.94 -9.44
CA VAL A 96 -12.20 -0.86 -8.29
C VAL A 96 -13.47 -0.08 -8.64
N LEU A 97 -13.35 0.87 -9.56
CA LEU A 97 -14.48 1.69 -9.99
C LEU A 97 -15.70 0.82 -10.30
N LYS A 98 -15.49 -0.24 -11.07
CA LYS A 98 -16.58 -1.14 -11.45
C LYS A 98 -16.55 -2.43 -10.64
N ASN A 99 -15.41 -2.72 -10.03
CA ASN A 99 -15.25 -3.93 -9.23
C ASN A 99 -16.20 -3.93 -8.04
N PHE A 100 -16.19 -2.84 -7.27
CA PHE A 100 -17.05 -2.73 -6.10
C PHE A 100 -18.32 -1.94 -6.43
N THR A 101 -19.24 -1.91 -5.48
CA THR A 101 -20.51 -1.20 -5.65
C THR A 101 -20.30 0.31 -5.72
N ASN A 102 -21.40 1.06 -5.66
CA ASN A 102 -21.32 2.52 -5.71
C ASN A 102 -20.68 3.10 -4.46
N THR A 103 -20.11 2.23 -3.62
CA THR A 103 -19.46 2.66 -2.40
C THR A 103 -17.96 2.81 -2.63
N GLN A 104 -17.54 2.68 -3.88
CA GLN A 104 -16.13 2.80 -4.25
C GLN A 104 -15.64 4.24 -4.04
N ASN A 105 -16.58 5.12 -3.74
CA ASN A 105 -16.26 6.53 -3.52
C ASN A 105 -15.34 6.69 -2.32
N LYS A 106 -15.14 5.60 -1.58
CA LYS A 106 -14.27 5.61 -0.41
C LYS A 106 -12.84 5.32 -0.80
N VAL A 107 -12.57 5.31 -2.11
CA VAL A 107 -11.25 5.04 -2.63
C VAL A 107 -10.43 6.33 -2.77
N LEU A 108 -9.15 6.24 -2.41
CA LEU A 108 -8.26 7.40 -2.49
C LEU A 108 -7.29 7.26 -3.67
N LYS A 109 -6.61 8.36 -4.00
CA LYS A 109 -5.66 8.37 -5.11
C LYS A 109 -4.28 8.80 -4.63
N ILE A 110 -3.24 8.23 -5.24
CA ILE A 110 -1.87 8.55 -4.88
C ILE A 110 -1.44 9.87 -5.52
N THR A 111 -2.22 10.34 -6.48
CA THR A 111 -1.92 11.59 -7.17
C THR A 111 -1.96 12.78 -6.21
N ASP A 112 -2.91 12.75 -5.28
CA ASP A 112 -3.05 13.83 -4.31
C ASP A 112 -2.05 13.67 -3.16
N PHE A 113 -1.23 12.64 -3.22
CA PHE A 113 -0.23 12.39 -2.18
C PHE A 113 1.11 11.98 -2.78
N SER A 114 1.24 12.14 -4.10
CA SER A 114 2.47 11.78 -4.80
C SER A 114 2.57 12.53 -6.12
N PRO A 115 2.84 13.86 -6.08
CA PRO A 115 2.96 14.69 -7.27
C PRO A 115 4.19 14.35 -8.12
N SER A 116 5.37 14.60 -7.57
CA SER A 116 6.62 14.33 -8.28
C SER A 116 7.00 12.85 -8.21
N LEU A 117 6.00 12.00 -8.00
CA LEU A 117 6.23 10.56 -7.91
C LEU A 117 5.53 9.83 -9.06
N ASN A 118 5.50 10.46 -10.23
CA ASN A 118 4.86 9.88 -11.40
C ASN A 118 5.43 8.49 -11.72
N TYR A 119 4.72 7.45 -11.31
CA TYR A 119 5.15 6.08 -11.55
C TYR A 119 4.07 5.29 -12.28
N ASP A 120 4.37 4.03 -12.60
CA ASP A 120 3.41 3.18 -13.31
C ASP A 120 3.04 1.95 -12.48
N GLU A 121 2.42 2.18 -11.33
CA GLU A 121 1.98 1.10 -10.44
C GLU A 121 3.17 0.26 -9.98
N VAL A 122 3.48 0.32 -8.69
CA VAL A 122 4.58 -0.43 -8.11
C VAL A 122 5.94 -0.04 -8.73
N PRO A 123 6.96 0.19 -7.90
CA PRO A 123 8.29 0.57 -8.38
C PRO A 123 9.11 -0.62 -8.87
N ASP A 124 10.41 -0.66 -8.53
CA ASP A 124 11.30 -1.75 -8.94
C ASP A 124 11.57 -1.70 -10.44
N PRO A 125 12.72 -2.27 -10.89
CA PRO A 125 13.10 -2.27 -12.29
C PRO A 125 12.08 -2.95 -13.20
N TRP A 126 11.43 -4.00 -12.68
CA TRP A 126 10.43 -4.71 -13.46
C TRP A 126 9.30 -3.78 -13.89
N TYR A 127 9.20 -2.64 -13.20
CA TYR A 127 8.17 -1.66 -13.52
C TYR A 127 8.76 -0.40 -14.15
N SER A 128 9.56 0.33 -13.37
CA SER A 128 10.17 1.57 -13.85
C SER A 128 11.49 1.32 -14.58
N GLY A 129 12.45 0.71 -13.88
CA GLY A 129 13.74 0.45 -14.50
C GLY A 129 14.86 0.24 -13.49
N ASN A 130 14.90 1.06 -12.45
CA ASN A 130 15.94 0.94 -11.44
C ASN A 130 15.37 0.44 -10.11
N PHE A 131 16.27 0.17 -9.16
CA PHE A 131 15.87 -0.32 -7.85
C PHE A 131 15.56 0.82 -6.89
N ASP A 132 16.33 1.90 -6.98
CA ASP A 132 16.15 3.07 -6.11
C ASP A 132 14.70 3.53 -6.08
N GLU A 133 13.93 3.15 -7.11
CA GLU A 133 12.53 3.54 -7.19
C GLU A 133 11.78 3.14 -5.94
N THR A 134 11.93 1.87 -5.53
CA THR A 134 11.24 1.37 -4.36
C THR A 134 11.39 2.33 -3.18
N TYR A 135 12.58 2.89 -3.01
CA TYR A 135 12.82 3.84 -1.92
C TYR A 135 11.97 5.09 -2.10
N LYS A 136 12.11 5.75 -3.24
CA LYS A 136 11.37 6.96 -3.52
C LYS A 136 9.86 6.75 -3.35
N ILE A 137 9.32 5.80 -4.09
CA ILE A 137 7.89 5.50 -4.06
C ILE A 137 7.41 5.06 -2.66
N LEU A 138 7.91 3.91 -2.20
CA LEU A 138 7.50 3.37 -0.90
C LEU A 138 7.71 4.36 0.25
N SER A 139 8.94 4.83 0.43
CA SER A 139 9.25 5.76 1.52
C SER A 139 8.32 6.98 1.53
N LEU A 140 8.19 7.65 0.40
CA LEU A 140 7.34 8.84 0.31
C LEU A 140 5.86 8.50 0.52
N ALA A 141 5.33 7.60 -0.30
CA ALA A 141 3.93 7.20 -0.21
C ALA A 141 3.56 6.72 1.19
N CYS A 142 4.39 5.85 1.76
CA CYS A 142 4.13 5.31 3.09
C CYS A 142 4.11 6.41 4.16
N LYS A 143 5.02 7.38 4.01
CA LYS A 143 5.11 8.47 4.98
C LYS A 143 3.86 9.35 4.95
N ASN A 144 3.62 9.99 3.80
CA ASN A 144 2.45 10.86 3.64
C ASN A 144 1.16 10.13 4.02
N LEU A 145 1.00 8.93 3.49
CA LEU A 145 -0.20 8.14 3.78
C LEU A 145 -0.30 7.85 5.27
N LEU A 146 0.84 7.54 5.90
CA LEU A 146 0.85 7.24 7.32
C LEU A 146 0.21 8.38 8.12
N VAL A 147 0.56 9.61 7.74
CA VAL A 147 0.02 10.79 8.41
C VAL A 147 -1.49 10.90 8.18
N PHE A 148 -1.91 10.56 6.97
CA PHE A 148 -3.33 10.63 6.62
C PHE A 148 -4.16 9.64 7.44
N LEU A 149 -3.77 8.36 7.40
CA LEU A 149 -4.48 7.32 8.13
C LEU A 149 -4.38 7.52 9.64
N SER A 150 -3.25 8.08 10.09
CA SER A 150 -3.04 8.32 11.51
C SER A 150 -3.87 9.51 12.00
N LYS A 151 -4.63 10.12 11.09
CA LYS A 151 -5.46 11.26 11.43
C LYS A 151 -4.62 12.39 12.05
N HIS A 152 -3.57 12.78 11.35
CA HIS A 152 -2.69 13.84 11.82
C HIS A 152 -2.65 15.00 10.83
N HIS A 153 -2.87 16.21 11.33
CA HIS A 153 -2.87 17.40 10.50
C HIS A 153 -1.47 18.03 10.43
N HIS A 154 -1.41 19.29 10.03
CA HIS A 154 -0.14 20.00 9.94
C HIS A 154 0.26 20.59 11.29
N HIS A 155 -0.73 20.84 12.14
CA HIS A 155 -0.48 21.40 13.46
C HIS A 155 -1.09 20.53 14.55
N HIS A 156 -2.33 20.80 14.91
CA HIS A 156 -3.03 20.03 15.93
C HIS A 156 -4.53 20.01 15.69
N MET A 1 -13.60 1.15 16.78
CA MET A 1 -13.15 0.11 15.82
C MET A 1 -12.84 0.72 14.46
N LYS A 2 -11.56 0.95 14.19
CA LYS A 2 -11.13 1.53 12.91
C LYS A 2 -10.37 0.51 12.08
N LYS A 3 -10.77 0.36 10.82
CA LYS A 3 -10.13 -0.59 9.92
C LYS A 3 -9.73 0.09 8.61
N ILE A 4 -8.51 -0.21 8.15
CA ILE A 4 -8.00 0.36 6.91
C ILE A 4 -7.52 -0.73 5.94
N LEU A 5 -8.29 -0.95 4.89
CA LEU A 5 -7.96 -1.96 3.90
C LEU A 5 -6.98 -1.42 2.86
N PHE A 6 -5.78 -1.98 2.84
CA PHE A 6 -4.76 -1.58 1.88
C PHE A 6 -4.87 -2.43 0.62
N ILE A 7 -4.73 -1.82 -0.55
CA ILE A 7 -4.85 -2.56 -1.79
C ILE A 7 -3.72 -2.26 -2.78
N CYS A 8 -2.78 -3.18 -2.90
CA CYS A 8 -1.67 -3.03 -3.84
C CYS A 8 -1.77 -4.10 -4.92
N LEU A 9 -1.84 -3.64 -6.18
CA LEU A 9 -1.95 -4.56 -7.32
C LEU A 9 -0.86 -5.63 -7.29
N GLY A 10 0.27 -5.30 -6.67
CA GLY A 10 1.36 -6.25 -6.58
C GLY A 10 1.96 -6.31 -5.19
N ASN A 11 1.42 -7.19 -4.36
CA ASN A 11 1.92 -7.35 -2.99
C ASN A 11 3.19 -8.19 -2.95
N ILE A 12 4.09 -7.92 -3.90
CA ILE A 12 5.34 -8.65 -3.99
C ILE A 12 6.51 -7.70 -4.33
N CYS A 13 6.25 -6.40 -4.28
CA CYS A 13 7.29 -5.43 -4.59
C CYS A 13 7.21 -4.22 -3.65
N ARG A 14 6.28 -3.30 -3.95
CA ARG A 14 6.11 -2.10 -3.13
C ARG A 14 5.33 -2.41 -1.84
N SER A 15 4.26 -3.19 -1.99
CA SER A 15 3.42 -3.57 -0.86
C SER A 15 4.25 -4.22 0.25
N PRO A 16 5.11 -5.21 -0.07
CA PRO A 16 5.94 -5.90 0.94
C PRO A 16 6.82 -4.95 1.74
N MET A 17 7.44 -4.00 1.05
CA MET A 17 8.33 -3.04 1.73
C MET A 17 7.57 -2.31 2.83
N ALA A 18 6.49 -1.64 2.45
CA ALA A 18 5.68 -0.91 3.41
C ALA A 18 4.99 -1.89 4.36
N GLU A 19 4.83 -3.12 3.89
CA GLU A 19 4.20 -4.15 4.71
C GLU A 19 4.91 -4.30 6.03
N PHE A 20 6.21 -4.57 5.97
CA PHE A 20 7.01 -4.76 7.18
C PHE A 20 7.22 -3.44 7.93
N ILE A 21 7.61 -2.39 7.22
CA ILE A 21 7.86 -1.10 7.89
C ILE A 21 6.59 -0.50 8.50
N MET A 22 5.54 -0.35 7.71
CA MET A 22 4.29 0.22 8.21
C MET A 22 3.73 -0.60 9.36
N LYS A 23 3.63 -1.92 9.17
CA LYS A 23 3.11 -2.80 10.21
C LYS A 23 3.85 -2.58 11.52
N ASP A 24 5.16 -2.34 11.42
CA ASP A 24 5.97 -2.12 12.60
C ASP A 24 5.69 -0.76 13.23
N LEU A 25 5.59 0.26 12.39
CA LEU A 25 5.33 1.63 12.85
C LEU A 25 3.94 1.78 13.48
N VAL A 26 2.94 1.13 12.89
CA VAL A 26 1.57 1.23 13.38
C VAL A 26 1.40 0.58 14.75
N LYS A 27 2.17 -0.46 15.03
CA LYS A 27 2.07 -1.15 16.31
C LYS A 27 2.17 -0.17 17.48
N LYS A 28 3.22 0.64 17.48
CA LYS A 28 3.47 1.62 18.54
C LYS A 28 2.45 2.76 18.54
N ALA A 29 1.90 3.10 17.38
CA ALA A 29 0.97 4.23 17.29
C ALA A 29 -0.39 3.86 16.71
N ASN A 30 -0.81 2.61 16.89
CA ASN A 30 -2.11 2.16 16.37
C ASN A 30 -2.59 0.91 17.09
N LEU A 31 -1.75 -0.12 17.09
CA LEU A 31 -2.10 -1.38 17.76
C LEU A 31 -2.31 -1.14 19.25
N GLU A 32 -1.74 -0.06 19.74
CA GLU A 32 -1.86 0.29 21.15
C GLU A 32 -3.28 0.74 21.46
N LYS A 33 -3.89 1.45 20.51
CA LYS A 33 -5.26 1.93 20.67
C LYS A 33 -6.24 0.97 20.00
N GLU A 34 -5.77 -0.23 19.71
CA GLU A 34 -6.59 -1.27 19.07
C GLU A 34 -7.03 -0.82 17.68
N PHE A 35 -6.06 -0.64 16.79
CA PHE A 35 -6.34 -0.24 15.42
C PHE A 35 -6.06 -1.38 14.45
N PHE A 36 -7.01 -1.65 13.55
CA PHE A 36 -6.87 -2.73 12.59
C PHE A 36 -6.53 -2.19 11.20
N ILE A 37 -5.50 -2.77 10.59
CA ILE A 37 -5.07 -2.38 9.26
C ILE A 37 -4.82 -3.60 8.39
N ASN A 38 -5.56 -3.72 7.30
CA ASN A 38 -5.43 -4.85 6.39
C ASN A 38 -4.64 -4.49 5.14
N SER A 39 -4.35 -5.49 4.32
CA SER A 39 -3.61 -5.30 3.08
C SER A 39 -3.75 -6.52 2.17
N ALA A 40 -4.11 -6.28 0.91
CA ALA A 40 -4.30 -7.36 -0.05
C ALA A 40 -4.15 -6.87 -1.48
N GLY A 41 -4.21 -7.81 -2.43
CA GLY A 41 -4.09 -7.46 -3.83
C GLY A 41 -5.44 -7.38 -4.53
N THR A 42 -5.44 -6.86 -5.76
CA THR A 42 -6.67 -6.73 -6.53
C THR A 42 -7.38 -8.06 -6.72
N SER A 43 -6.63 -9.08 -7.12
CA SER A 43 -7.21 -10.41 -7.35
C SER A 43 -6.53 -11.47 -6.49
N GLY A 44 -5.60 -11.04 -5.64
CA GLY A 44 -4.90 -11.96 -4.77
C GLY A 44 -4.18 -13.06 -5.53
N GLU A 45 -3.80 -12.79 -6.77
CA GLU A 45 -3.10 -13.78 -7.58
C GLU A 45 -1.81 -14.20 -6.89
N HIS A 46 -0.81 -13.33 -6.96
CA HIS A 46 0.48 -13.60 -6.33
C HIS A 46 0.72 -12.60 -5.20
N ASP A 47 -0.04 -11.50 -5.21
CA ASP A 47 0.07 -10.46 -4.20
C ASP A 47 0.19 -11.07 -2.80
N GLY A 48 1.42 -11.12 -2.30
CA GLY A 48 1.66 -11.68 -0.97
C GLY A 48 3.00 -12.38 -0.90
N GLU A 49 3.51 -12.80 -2.04
CA GLU A 49 4.79 -13.51 -2.10
C GLU A 49 5.92 -12.62 -1.58
N GLY A 50 5.81 -11.32 -1.85
CA GLY A 50 6.82 -10.37 -1.40
C GLY A 50 8.20 -10.68 -1.96
N MET A 51 8.40 -10.37 -3.23
CA MET A 51 9.69 -10.60 -3.89
C MET A 51 9.73 -9.99 -5.28
N HIS A 52 10.44 -8.87 -5.41
CA HIS A 52 10.57 -8.19 -6.69
C HIS A 52 11.74 -7.21 -6.68
N TYR A 53 12.30 -6.97 -7.86
CA TYR A 53 13.43 -6.05 -8.01
C TYR A 53 13.18 -4.72 -7.34
N GLY A 54 14.22 -3.90 -7.25
CA GLY A 54 14.09 -2.58 -6.65
C GLY A 54 13.92 -2.64 -5.14
N THR A 55 12.72 -2.97 -4.68
CA THR A 55 12.44 -3.03 -3.25
C THR A 55 13.31 -4.07 -2.57
N LYS A 56 13.34 -5.28 -3.12
CA LYS A 56 14.15 -6.35 -2.55
C LYS A 56 15.62 -5.95 -2.51
N ASN A 57 16.11 -5.43 -3.63
CA ASN A 57 17.49 -5.00 -3.74
C ASN A 57 17.83 -4.00 -2.64
N LYS A 58 16.91 -3.08 -2.39
CA LYS A 58 17.10 -2.07 -1.37
C LYS A 58 17.12 -2.69 0.02
N LEU A 59 16.21 -3.62 0.27
CA LEU A 59 16.13 -4.29 1.56
C LEU A 59 17.47 -4.93 1.90
N ALA A 60 17.97 -5.75 0.98
CA ALA A 60 19.26 -6.41 1.18
C ALA A 60 20.37 -5.37 1.33
N GLN A 61 20.18 -4.23 0.66
CA GLN A 61 21.16 -3.15 0.70
C GLN A 61 21.27 -2.53 2.09
N LEU A 62 20.17 -2.47 2.83
CA LEU A 62 20.19 -1.88 4.16
C LEU A 62 19.07 -2.45 5.05
N ASN A 63 17.85 -2.50 4.50
CA ASN A 63 16.70 -3.01 5.26
C ASN A 63 16.80 -4.51 5.48
N ILE A 64 15.66 -5.17 5.61
CA ILE A 64 15.62 -6.60 5.83
C ILE A 64 15.06 -7.34 4.61
N GLU A 65 15.79 -8.34 4.13
CA GLU A 65 15.39 -9.12 2.98
C GLU A 65 14.12 -9.93 3.27
N HIS A 66 13.49 -9.68 4.41
CA HIS A 66 12.28 -10.40 4.79
C HIS A 66 11.07 -9.47 4.88
N LYS A 67 9.88 -10.06 4.71
CA LYS A 67 8.64 -9.31 4.77
C LYS A 67 7.47 -10.25 5.08
N ASN A 68 6.32 -9.68 5.43
CA ASN A 68 5.15 -10.48 5.74
C ASN A 68 4.69 -11.29 4.53
N PHE A 69 5.08 -12.56 4.49
CA PHE A 69 4.71 -13.44 3.39
C PHE A 69 3.30 -14.00 3.61
N THR A 70 2.31 -13.32 3.03
CA THR A 70 0.93 -13.75 3.17
C THR A 70 0.11 -13.39 1.94
N SER A 71 -0.14 -14.37 1.09
CA SER A 71 -0.92 -14.15 -0.14
C SER A 71 -2.33 -13.70 0.21
N LYS A 72 -2.58 -12.41 0.07
CA LYS A 72 -3.89 -11.85 0.37
C LYS A 72 -4.68 -11.53 -0.90
N LYS A 73 -6.01 -11.59 -0.80
CA LYS A 73 -6.87 -11.32 -1.94
C LYS A 73 -8.03 -10.41 -1.54
N LEU A 74 -7.91 -9.13 -1.84
CA LEU A 74 -8.96 -8.16 -1.52
C LEU A 74 -10.30 -8.58 -2.13
N THR A 75 -11.34 -8.60 -1.30
CA THR A 75 -12.66 -8.99 -1.77
C THR A 75 -13.73 -8.03 -1.24
N GLN A 76 -14.98 -8.30 -1.59
CA GLN A 76 -16.09 -7.47 -1.13
C GLN A 76 -16.34 -7.66 0.36
N LYS A 77 -16.18 -8.90 0.82
CA LYS A 77 -16.38 -9.23 2.23
C LYS A 77 -15.45 -8.43 3.12
N LEU A 78 -14.19 -8.31 2.70
CA LEU A 78 -13.19 -7.57 3.47
C LEU A 78 -13.46 -6.07 3.41
N CYS A 79 -13.82 -5.57 2.22
CA CYS A 79 -14.11 -4.16 2.03
C CYS A 79 -15.27 -3.72 2.90
N ASP A 80 -16.27 -4.58 3.02
CA ASP A 80 -17.45 -4.27 3.83
C ASP A 80 -17.06 -4.08 5.29
N GLU A 81 -15.91 -4.62 5.67
CA GLU A 81 -15.43 -4.51 7.05
C GLU A 81 -14.64 -3.22 7.25
N SER A 82 -13.57 -3.05 6.47
CA SER A 82 -12.73 -1.86 6.57
C SER A 82 -13.55 -0.59 6.39
N ASP A 83 -13.21 0.44 7.16
CA ASP A 83 -13.91 1.72 7.08
C ASP A 83 -13.20 2.67 6.12
N PHE A 84 -11.94 2.36 5.82
CA PHE A 84 -11.15 3.20 4.92
C PHE A 84 -10.39 2.35 3.91
N LEU A 85 -10.64 2.57 2.63
CA LEU A 85 -9.97 1.82 1.57
C LEU A 85 -8.89 2.67 0.91
N ILE A 86 -7.78 2.04 0.55
CA ILE A 86 -6.66 2.72 -0.09
C ILE A 86 -6.18 1.96 -1.33
N THR A 87 -6.08 2.67 -2.46
CA THR A 87 -5.63 2.07 -3.70
C THR A 87 -4.16 2.37 -3.98
N MET A 88 -3.87 3.65 -4.21
CA MET A 88 -2.51 4.12 -4.50
C MET A 88 -2.12 3.82 -5.95
N ASP A 89 -2.52 2.64 -6.45
CA ASP A 89 -2.21 2.26 -7.82
C ASP A 89 -3.20 2.90 -8.79
N ASN A 90 -2.68 3.39 -9.91
CA ASN A 90 -3.51 4.04 -10.91
C ASN A 90 -4.59 3.09 -11.44
N SER A 91 -4.17 1.96 -11.99
CA SER A 91 -5.09 0.97 -12.53
C SER A 91 -6.07 0.48 -11.47
N ASN A 92 -5.57 0.31 -10.24
CA ASN A 92 -6.40 -0.16 -9.14
C ASN A 92 -7.56 0.80 -8.88
N PHE A 93 -7.36 2.07 -9.21
CA PHE A 93 -8.40 3.08 -9.01
C PHE A 93 -9.60 2.81 -9.89
N LYS A 94 -9.38 2.82 -11.21
CA LYS A 94 -10.45 2.58 -12.17
C LYS A 94 -11.02 1.17 -12.02
N ASN A 95 -10.15 0.22 -11.66
CA ASN A 95 -10.58 -1.16 -11.48
C ASN A 95 -11.54 -1.28 -10.30
N VAL A 96 -11.10 -0.80 -9.14
CA VAL A 96 -11.89 -0.85 -7.93
C VAL A 96 -13.24 -0.15 -8.14
N LEU A 97 -13.25 0.85 -9.02
CA LEU A 97 -14.46 1.61 -9.31
C LEU A 97 -15.64 0.69 -9.61
N LYS A 98 -15.42 -0.31 -10.46
CA LYS A 98 -16.47 -1.27 -10.82
C LYS A 98 -16.28 -2.60 -10.10
N ASN A 99 -15.12 -2.80 -9.50
CA ASN A 99 -14.82 -4.04 -8.80
C ASN A 99 -15.47 -4.07 -7.42
N PHE A 100 -16.06 -2.95 -7.02
CA PHE A 100 -16.72 -2.86 -5.72
C PHE A 100 -18.10 -2.23 -5.85
N THR A 101 -18.81 -2.14 -4.72
CA THR A 101 -20.15 -1.56 -4.69
C THR A 101 -20.10 -0.04 -4.76
N ASN A 102 -21.25 0.60 -4.52
CA ASN A 102 -21.34 2.05 -4.55
C ASN A 102 -20.58 2.69 -3.39
N THR A 103 -19.93 1.86 -2.59
CA THR A 103 -19.17 2.35 -1.44
C THR A 103 -17.71 2.63 -1.83
N GLN A 104 -17.45 2.57 -3.15
CA GLN A 104 -16.10 2.82 -3.66
C GLN A 104 -15.64 4.24 -3.36
N ASN A 105 -16.57 5.07 -2.90
CA ASN A 105 -16.26 6.46 -2.57
C ASN A 105 -15.45 6.55 -1.29
N LYS A 106 -15.17 5.40 -0.68
CA LYS A 106 -14.39 5.34 0.54
C LYS A 106 -12.93 4.98 0.27
N VAL A 107 -12.54 5.03 -1.00
CA VAL A 107 -11.17 4.70 -1.39
C VAL A 107 -10.36 5.98 -1.64
N LEU A 108 -9.08 5.92 -1.31
CA LEU A 108 -8.20 7.07 -1.49
C LEU A 108 -7.21 6.84 -2.63
N LYS A 109 -6.79 7.92 -3.27
CA LYS A 109 -5.84 7.85 -4.37
C LYS A 109 -4.58 8.65 -4.05
N ILE A 110 -3.43 8.15 -4.51
CA ILE A 110 -2.15 8.82 -4.26
C ILE A 110 -1.89 9.92 -5.29
N THR A 111 -2.76 10.03 -6.28
CA THR A 111 -2.59 11.05 -7.31
C THR A 111 -2.57 12.46 -6.70
N ASP A 112 -3.34 12.64 -5.63
CA ASP A 112 -3.42 13.93 -4.95
C ASP A 112 -2.25 14.11 -3.98
N PHE A 113 -1.56 13.02 -3.66
CA PHE A 113 -0.43 13.07 -2.75
C PHE A 113 0.87 12.66 -3.43
N SER A 114 0.81 12.48 -4.75
CA SER A 114 1.98 12.09 -5.52
C SER A 114 2.08 12.92 -6.80
N PRO A 115 2.50 14.19 -6.67
CA PRO A 115 2.61 15.10 -7.82
C PRO A 115 3.90 14.91 -8.62
N SER A 116 5.01 15.41 -8.10
CA SER A 116 6.31 15.32 -8.78
C SER A 116 6.82 13.88 -8.85
N LEU A 117 6.05 12.94 -8.30
CA LEU A 117 6.45 11.54 -8.33
C LEU A 117 6.06 10.89 -9.66
N ASN A 118 4.81 11.09 -10.07
CA ASN A 118 4.30 10.52 -11.32
C ASN A 118 4.67 9.06 -11.44
N TYR A 119 4.41 8.29 -10.39
CA TYR A 119 4.72 6.87 -10.37
C TYR A 119 3.62 6.05 -11.05
N ASP A 120 3.92 4.81 -11.40
CA ASP A 120 2.95 3.94 -12.06
C ASP A 120 2.88 2.57 -11.39
N GLU A 121 1.82 2.35 -10.61
CA GLU A 121 1.57 1.10 -9.89
C GLU A 121 2.86 0.36 -9.53
N VAL A 122 3.31 0.53 -8.29
CA VAL A 122 4.52 -0.13 -7.80
C VAL A 122 5.76 0.31 -8.59
N PRO A 123 6.88 0.59 -7.88
CA PRO A 123 8.13 1.02 -8.49
C PRO A 123 8.93 -0.16 -9.07
N ASP A 124 10.22 -0.23 -8.75
CA ASP A 124 11.10 -1.30 -9.24
C ASP A 124 11.37 -1.13 -10.74
N PRO A 125 12.51 -1.64 -11.23
CA PRO A 125 12.90 -1.53 -12.64
C PRO A 125 11.90 -2.19 -13.60
N TRP A 126 11.15 -3.16 -13.10
CA TRP A 126 10.16 -3.86 -13.92
C TRP A 126 9.01 -2.92 -14.31
N TYR A 127 8.75 -1.93 -13.46
CA TYR A 127 7.68 -0.98 -13.71
C TYR A 127 8.23 0.30 -14.35
N SER A 128 9.19 0.94 -13.68
CA SER A 128 9.79 2.16 -14.19
C SER A 128 11.09 1.89 -14.94
N GLY A 129 12.04 1.27 -14.25
CA GLY A 129 13.32 0.96 -14.87
C GLY A 129 14.50 1.16 -13.93
N ASN A 130 14.21 1.47 -12.66
CA ASN A 130 15.26 1.69 -11.68
C ASN A 130 14.96 0.94 -10.38
N PHE A 131 16.02 0.49 -9.72
CA PHE A 131 15.88 -0.24 -8.46
C PHE A 131 15.64 0.73 -7.30
N ASP A 132 16.46 1.77 -7.24
CA ASP A 132 16.36 2.80 -6.20
C ASP A 132 14.99 3.45 -6.23
N GLU A 133 14.32 3.36 -7.38
CA GLU A 133 13.01 3.95 -7.56
C GLU A 133 12.04 3.47 -6.48
N THR A 134 12.20 2.22 -6.06
CA THR A 134 11.36 1.66 -5.01
C THR A 134 11.46 2.47 -3.73
N TYR A 135 12.68 2.92 -3.43
CA TYR A 135 12.91 3.71 -2.23
C TYR A 135 12.24 5.07 -2.33
N LYS A 136 12.39 5.71 -3.49
CA LYS A 136 11.79 7.03 -3.72
C LYS A 136 10.28 6.98 -3.53
N ILE A 137 9.63 6.00 -4.17
CA ILE A 137 8.17 5.87 -4.08
C ILE A 137 7.73 5.42 -2.69
N LEU A 138 8.31 4.32 -2.20
CA LEU A 138 7.95 3.79 -0.89
C LEU A 138 8.06 4.86 0.19
N SER A 139 9.13 5.63 0.17
CA SER A 139 9.35 6.69 1.15
C SER A 139 8.25 7.75 1.07
N LEU A 140 8.07 8.32 -0.13
CA LEU A 140 7.06 9.36 -0.33
C LEU A 140 5.66 8.85 0.03
N ALA A 141 5.24 7.77 -0.63
CA ALA A 141 3.93 7.18 -0.39
C ALA A 141 3.71 6.88 1.08
N CYS A 142 4.72 6.31 1.73
CA CYS A 142 4.63 5.97 3.15
C CYS A 142 4.37 7.23 3.98
N LYS A 143 4.94 8.35 3.55
CA LYS A 143 4.78 9.62 4.25
C LYS A 143 3.35 10.13 4.10
N ASN A 144 2.94 10.40 2.87
CA ASN A 144 1.59 10.90 2.58
C ASN A 144 0.54 10.04 3.30
N LEU A 145 0.65 8.73 3.13
CA LEU A 145 -0.29 7.81 3.76
C LEU A 145 -0.24 7.95 5.27
N LEU A 146 0.97 8.08 5.81
CA LEU A 146 1.14 8.23 7.25
C LEU A 146 0.37 9.44 7.77
N VAL A 147 0.34 10.50 6.97
CA VAL A 147 -0.35 11.72 7.34
C VAL A 147 -1.87 11.52 7.42
N PHE A 148 -2.46 11.08 6.32
CA PHE A 148 -3.91 10.85 6.27
C PHE A 148 -4.35 9.74 7.22
N LEU A 149 -3.75 8.56 7.06
CA LEU A 149 -4.10 7.40 7.88
C LEU A 149 -3.99 7.70 9.37
N SER A 150 -2.86 8.25 9.80
CA SER A 150 -2.64 8.56 11.21
C SER A 150 -3.43 9.79 11.64
N LYS A 151 -4.33 10.25 10.79
CA LYS A 151 -5.16 11.42 11.08
C LYS A 151 -4.28 12.66 11.31
N HIS A 152 -4.20 13.50 10.29
CA HIS A 152 -3.40 14.72 10.39
C HIS A 152 -3.95 15.81 9.47
N HIS A 153 -3.31 16.98 9.48
CA HIS A 153 -3.73 18.09 8.65
C HIS A 153 -2.61 19.11 8.49
N HIS A 154 -2.33 19.48 7.24
CA HIS A 154 -1.28 20.45 6.95
C HIS A 154 -1.81 21.88 7.08
N HIS A 155 -0.98 22.86 6.71
CA HIS A 155 -1.36 24.26 6.78
C HIS A 155 -1.93 24.74 5.44
N HIS A 156 -2.13 26.04 5.34
CA HIS A 156 -2.66 26.64 4.11
C HIS A 156 -1.55 27.04 3.16
N MET A 1 -14.47 3.44 14.65
CA MET A 1 -13.18 2.74 14.46
C MET A 1 -12.38 3.31 13.29
N LYS A 2 -11.19 2.79 13.07
CA LYS A 2 -10.34 3.25 11.99
C LYS A 2 -9.73 2.07 11.23
N LYS A 3 -10.25 1.83 10.02
CA LYS A 3 -9.77 0.73 9.20
C LYS A 3 -9.40 1.24 7.81
N ILE A 4 -8.15 0.99 7.41
CA ILE A 4 -7.68 1.43 6.09
C ILE A 4 -7.16 0.25 5.27
N LEU A 5 -7.89 -0.09 4.21
CA LEU A 5 -7.51 -1.20 3.34
C LEU A 5 -6.60 -0.74 2.21
N PHE A 6 -5.39 -1.28 2.17
CA PHE A 6 -4.44 -0.93 1.12
C PHE A 6 -4.43 -2.01 0.04
N ILE A 7 -4.76 -1.62 -1.20
CA ILE A 7 -4.80 -2.58 -2.30
C ILE A 7 -3.65 -2.35 -3.28
N CYS A 8 -2.87 -3.40 -3.51
CA CYS A 8 -1.74 -3.32 -4.44
C CYS A 8 -1.78 -4.47 -5.44
N LEU A 9 -1.63 -4.13 -6.72
CA LEU A 9 -1.65 -5.12 -7.79
C LEU A 9 -0.45 -6.06 -7.71
N GLY A 10 0.43 -5.82 -6.74
CA GLY A 10 1.60 -6.65 -6.58
C GLY A 10 2.06 -6.73 -5.14
N ASN A 11 1.48 -7.66 -4.39
CA ASN A 11 1.83 -7.83 -2.98
C ASN A 11 3.17 -8.54 -2.84
N ILE A 12 4.10 -8.25 -3.75
CA ILE A 12 5.42 -8.86 -3.72
C ILE A 12 6.52 -7.84 -3.90
N CYS A 13 6.15 -6.56 -3.86
CA CYS A 13 7.13 -5.49 -4.02
C CYS A 13 6.90 -4.36 -3.02
N ARG A 14 6.00 -3.43 -3.37
CA ARG A 14 5.72 -2.30 -2.49
C ARG A 14 4.75 -2.68 -1.37
N SER A 15 3.74 -3.49 -1.69
CA SER A 15 2.76 -3.92 -0.70
C SER A 15 3.41 -4.60 0.50
N PRO A 16 4.31 -5.59 0.27
CA PRO A 16 4.98 -6.30 1.36
C PRO A 16 5.87 -5.39 2.19
N MET A 17 6.60 -4.51 1.51
CA MET A 17 7.50 -3.57 2.17
C MET A 17 6.74 -2.71 3.17
N ALA A 18 5.74 -1.98 2.68
CA ALA A 18 4.95 -1.12 3.54
C ALA A 18 4.17 -1.94 4.56
N GLU A 19 3.96 -3.21 4.25
CA GLU A 19 3.24 -4.10 5.17
C GLU A 19 3.99 -4.19 6.49
N PHE A 20 5.28 -4.50 6.41
CA PHE A 20 6.13 -4.61 7.59
C PHE A 20 6.44 -3.24 8.19
N ILE A 21 6.82 -2.29 7.32
CA ILE A 21 7.14 -0.95 7.78
C ILE A 21 5.99 -0.32 8.54
N MET A 22 4.83 -0.27 7.91
CA MET A 22 3.63 0.29 8.53
C MET A 22 3.32 -0.42 9.84
N LYS A 23 3.38 -1.75 9.81
CA LYS A 23 3.10 -2.55 10.99
C LYS A 23 3.92 -2.07 12.19
N ASP A 24 5.16 -1.69 11.93
CA ASP A 24 6.05 -1.21 12.98
C ASP A 24 5.62 0.17 13.49
N LEU A 25 5.48 1.12 12.57
CA LEU A 25 5.09 2.48 12.92
C LEU A 25 3.74 2.55 13.63
N VAL A 26 2.73 1.88 13.07
CA VAL A 26 1.38 1.88 13.63
C VAL A 26 1.39 1.46 15.11
N LYS A 27 2.19 0.46 15.44
CA LYS A 27 2.26 -0.03 16.82
C LYS A 27 2.47 1.12 17.81
N LYS A 28 3.15 2.17 17.36
CA LYS A 28 3.44 3.32 18.22
C LYS A 28 2.20 4.14 18.58
N ALA A 29 1.43 4.56 17.57
CA ALA A 29 0.24 5.39 17.84
C ALA A 29 -1.00 4.91 17.10
N ASN A 30 -1.09 3.61 16.82
CA ASN A 30 -2.26 3.07 16.12
C ASN A 30 -2.82 1.88 16.89
N LEU A 31 -2.00 0.87 17.10
CA LEU A 31 -2.43 -0.32 17.83
C LEU A 31 -2.83 0.05 19.25
N GLU A 32 -2.30 1.16 19.74
CA GLU A 32 -2.60 1.65 21.07
C GLU A 32 -4.01 2.23 21.12
N LYS A 33 -4.44 2.80 20.00
CA LYS A 33 -5.76 3.39 19.89
C LYS A 33 -6.71 2.45 19.14
N GLU A 34 -6.29 1.18 19.03
CA GLU A 34 -7.08 0.17 18.34
C GLU A 34 -7.28 0.51 16.86
N PHE A 35 -6.16 0.64 16.15
CA PHE A 35 -6.21 0.95 14.72
C PHE A 35 -5.83 -0.28 13.90
N PHE A 36 -6.47 -0.45 12.75
CA PHE A 36 -6.19 -1.61 11.89
C PHE A 36 -5.99 -1.21 10.44
N ILE A 37 -5.01 -1.84 9.80
CA ILE A 37 -4.71 -1.59 8.40
C ILE A 37 -4.52 -2.91 7.66
N ASN A 38 -5.20 -3.07 6.52
CA ASN A 38 -5.11 -4.29 5.74
C ASN A 38 -4.29 -4.08 4.47
N SER A 39 -4.01 -5.17 3.76
CA SER A 39 -3.24 -5.11 2.53
C SER A 39 -3.40 -6.40 1.73
N ALA A 40 -3.86 -6.26 0.48
CA ALA A 40 -4.05 -7.41 -0.39
C ALA A 40 -4.12 -6.99 -1.85
N GLY A 41 -3.99 -7.96 -2.75
CA GLY A 41 -4.04 -7.67 -4.18
C GLY A 41 -5.45 -7.43 -4.67
N THR A 42 -5.58 -7.07 -5.94
CA THR A 42 -6.89 -6.82 -6.53
C THR A 42 -7.66 -8.11 -6.76
N SER A 43 -6.98 -9.11 -7.33
CA SER A 43 -7.59 -10.40 -7.60
C SER A 43 -6.84 -11.53 -6.90
N GLY A 44 -5.77 -11.17 -6.20
CA GLY A 44 -4.97 -12.16 -5.50
C GLY A 44 -4.42 -13.23 -6.42
N GLU A 45 -4.22 -12.88 -7.69
CA GLU A 45 -3.70 -13.81 -8.67
C GLU A 45 -2.31 -14.31 -8.25
N HIS A 46 -1.41 -13.37 -7.99
CA HIS A 46 -0.05 -13.70 -7.57
C HIS A 46 0.37 -12.82 -6.40
N ASP A 47 -0.29 -11.68 -6.26
CA ASP A 47 0.00 -10.73 -5.18
C ASP A 47 0.21 -11.46 -3.86
N GLY A 48 1.47 -11.66 -3.49
CA GLY A 48 1.78 -12.35 -2.25
C GLY A 48 2.83 -13.42 -2.44
N GLU A 49 3.34 -13.54 -3.66
CA GLU A 49 4.35 -14.54 -3.99
C GLU A 49 5.58 -14.39 -3.09
N GLY A 50 6.43 -13.41 -3.40
CA GLY A 50 7.63 -13.19 -2.62
C GLY A 50 8.10 -11.74 -2.65
N MET A 51 9.29 -11.52 -3.20
CA MET A 51 9.85 -10.18 -3.28
C MET A 51 10.04 -9.74 -4.73
N HIS A 52 10.50 -8.50 -4.91
CA HIS A 52 10.73 -7.95 -6.24
C HIS A 52 12.05 -7.20 -6.30
N TYR A 53 12.66 -7.15 -7.48
CA TYR A 53 13.93 -6.46 -7.67
C TYR A 53 13.87 -5.04 -7.11
N GLY A 54 15.02 -4.51 -6.71
CA GLY A 54 15.07 -3.17 -6.19
C GLY A 54 14.52 -3.02 -4.78
N THR A 55 13.32 -3.56 -4.55
CA THR A 55 12.70 -3.48 -3.23
C THR A 55 13.56 -4.17 -2.19
N LYS A 56 13.90 -5.43 -2.44
CA LYS A 56 14.75 -6.18 -1.53
C LYS A 56 16.08 -5.46 -1.37
N ASN A 57 16.53 -4.85 -2.46
CA ASN A 57 17.80 -4.13 -2.48
C ASN A 57 17.77 -2.96 -1.49
N LYS A 58 16.70 -2.18 -1.57
CA LYS A 58 16.53 -1.02 -0.71
C LYS A 58 16.41 -1.43 0.76
N LEU A 59 15.55 -2.39 1.02
CA LEU A 59 15.33 -2.88 2.37
C LEU A 59 16.60 -3.51 2.95
N ALA A 60 17.20 -4.43 2.19
CA ALA A 60 18.42 -5.09 2.64
C ALA A 60 19.47 -4.05 3.05
N GLN A 61 19.46 -2.92 2.35
CA GLN A 61 20.41 -1.85 2.63
C GLN A 61 20.26 -1.33 4.06
N LEU A 62 19.01 -1.13 4.50
CA LEU A 62 18.76 -0.63 5.85
C LEU A 62 17.50 -1.27 6.45
N ASN A 63 16.43 -1.31 5.68
CA ASN A 63 15.17 -1.89 6.14
C ASN A 63 15.29 -3.40 6.33
N ILE A 64 14.14 -4.07 6.41
CA ILE A 64 14.11 -5.52 6.58
C ILE A 64 13.92 -6.20 5.23
N GLU A 65 14.74 -7.21 4.95
CA GLU A 65 14.69 -7.93 3.67
C GLU A 65 13.29 -8.46 3.37
N HIS A 66 12.47 -7.59 2.76
CA HIS A 66 11.09 -7.92 2.38
C HIS A 66 10.36 -8.70 3.47
N LYS A 67 10.16 -10.00 3.25
CA LYS A 67 9.46 -10.86 4.20
C LYS A 67 7.97 -10.54 4.21
N ASN A 68 7.24 -11.22 5.09
CA ASN A 68 5.80 -11.02 5.20
C ASN A 68 5.10 -11.31 3.87
N PHE A 69 5.62 -12.30 3.14
CA PHE A 69 5.05 -12.67 1.85
C PHE A 69 3.89 -13.65 2.02
N THR A 70 2.71 -13.24 1.57
CA THR A 70 1.53 -14.09 1.68
C THR A 70 0.49 -13.72 0.61
N SER A 71 0.09 -14.70 -0.19
CA SER A 71 -0.89 -14.48 -1.24
C SER A 71 -2.22 -14.01 -0.66
N LYS A 72 -2.58 -12.76 -0.93
CA LYS A 72 -3.82 -12.19 -0.44
C LYS A 72 -4.66 -11.66 -1.59
N LYS A 73 -5.98 -11.78 -1.47
CA LYS A 73 -6.89 -11.32 -2.50
C LYS A 73 -8.03 -10.49 -1.91
N LEU A 74 -7.90 -9.16 -2.01
CA LEU A 74 -8.92 -8.25 -1.51
C LEU A 74 -10.28 -8.57 -2.13
N THR A 75 -11.32 -8.60 -1.31
CA THR A 75 -12.67 -8.89 -1.80
C THR A 75 -13.66 -7.84 -1.33
N GLN A 76 -14.93 -8.04 -1.66
CA GLN A 76 -15.98 -7.11 -1.29
C GLN A 76 -16.23 -7.14 0.22
N LYS A 77 -16.30 -8.34 0.79
CA LYS A 77 -16.53 -8.50 2.21
C LYS A 77 -15.46 -7.81 3.04
N LEU A 78 -14.21 -7.91 2.56
CA LEU A 78 -13.08 -7.29 3.26
C LEU A 78 -13.14 -5.77 3.15
N CYS A 79 -13.44 -5.27 1.95
CA CYS A 79 -13.53 -3.84 1.72
C CYS A 79 -14.67 -3.22 2.52
N ASP A 80 -15.73 -4.00 2.73
CA ASP A 80 -16.89 -3.52 3.49
C ASP A 80 -16.50 -3.20 4.93
N GLU A 81 -15.38 -3.75 5.37
CA GLU A 81 -14.90 -3.53 6.73
C GLU A 81 -14.16 -2.19 6.84
N SER A 82 -13.11 -2.02 6.05
CA SER A 82 -12.33 -0.79 6.08
C SER A 82 -13.18 0.41 5.66
N ASP A 83 -13.02 1.52 6.38
CA ASP A 83 -13.77 2.73 6.10
C ASP A 83 -13.06 3.56 5.02
N PHE A 84 -11.78 3.26 4.80
CA PHE A 84 -10.99 3.97 3.80
C PHE A 84 -10.18 2.99 2.95
N LEU A 85 -10.27 3.13 1.63
CA LEU A 85 -9.55 2.26 0.72
C LEU A 85 -8.57 3.05 -0.15
N ILE A 86 -7.48 2.40 -0.54
CA ILE A 86 -6.47 3.04 -1.38
C ILE A 86 -6.00 2.11 -2.50
N THR A 87 -6.40 2.42 -3.73
CA THR A 87 -6.03 1.61 -4.88
C THR A 87 -4.54 1.66 -5.16
N MET A 88 -3.96 2.87 -5.15
CA MET A 88 -2.53 3.07 -5.40
C MET A 88 -2.21 2.92 -6.88
N ASP A 89 -2.65 1.81 -7.48
CA ASP A 89 -2.41 1.57 -8.89
C ASP A 89 -3.43 2.31 -9.74
N ASN A 90 -2.98 2.90 -10.83
CA ASN A 90 -3.85 3.66 -11.73
C ASN A 90 -5.00 2.80 -12.26
N SER A 91 -4.67 1.81 -13.07
CA SER A 91 -5.67 0.92 -13.66
C SER A 91 -6.53 0.26 -12.60
N ASN A 92 -6.01 0.15 -11.38
CA ASN A 92 -6.73 -0.48 -10.28
C ASN A 92 -8.04 0.26 -9.98
N PHE A 93 -8.02 1.58 -10.17
CA PHE A 93 -9.19 2.40 -9.90
C PHE A 93 -10.35 2.06 -10.84
N LYS A 94 -10.07 2.07 -12.14
CA LYS A 94 -11.09 1.76 -13.14
C LYS A 94 -11.67 0.36 -12.96
N ASN A 95 -10.80 -0.59 -12.64
CA ASN A 95 -11.24 -1.97 -12.45
C ASN A 95 -12.13 -2.13 -11.23
N VAL A 96 -11.65 -1.69 -10.07
CA VAL A 96 -12.40 -1.79 -8.83
C VAL A 96 -13.69 -0.97 -8.88
N LEU A 97 -13.71 0.05 -9.73
CA LEU A 97 -14.88 0.90 -9.85
C LEU A 97 -16.12 0.11 -10.27
N LYS A 98 -15.95 -0.76 -11.25
CA LYS A 98 -17.06 -1.57 -11.75
C LYS A 98 -17.21 -2.87 -10.96
N ASN A 99 -16.08 -3.51 -10.67
CA ASN A 99 -16.09 -4.77 -9.93
C ASN A 99 -16.70 -4.61 -8.54
N PHE A 100 -16.76 -3.37 -8.06
CA PHE A 100 -17.34 -3.10 -6.73
C PHE A 100 -18.66 -2.36 -6.84
N THR A 101 -19.28 -2.11 -5.69
CA THR A 101 -20.56 -1.41 -5.63
C THR A 101 -20.39 0.10 -5.77
N ASN A 102 -21.47 0.83 -5.50
CA ASN A 102 -21.47 2.29 -5.61
C ASN A 102 -20.60 2.93 -4.51
N THR A 103 -19.82 2.12 -3.83
CA THR A 103 -18.95 2.60 -2.75
C THR A 103 -17.58 3.01 -3.29
N GLN A 104 -17.45 3.07 -4.61
CA GLN A 104 -16.19 3.46 -5.24
C GLN A 104 -15.71 4.81 -4.74
N ASN A 105 -16.62 5.57 -4.13
CA ASN A 105 -16.30 6.89 -3.61
C ASN A 105 -15.50 6.80 -2.32
N LYS A 106 -15.08 5.59 -1.97
CA LYS A 106 -14.31 5.38 -0.75
C LYS A 106 -12.88 4.95 -1.08
N VAL A 107 -12.58 4.84 -2.38
CA VAL A 107 -11.25 4.45 -2.83
C VAL A 107 -10.45 5.66 -3.29
N LEU A 108 -9.18 5.71 -2.91
CA LEU A 108 -8.30 6.81 -3.31
C LEU A 108 -7.07 6.30 -4.04
N LYS A 109 -6.49 7.16 -4.86
CA LYS A 109 -5.30 6.80 -5.63
C LYS A 109 -4.09 7.60 -5.16
N ILE A 110 -2.91 6.97 -5.18
CA ILE A 110 -1.69 7.62 -4.76
C ILE A 110 -1.38 8.86 -5.61
N THR A 111 -2.10 9.01 -6.72
CA THR A 111 -1.90 10.16 -7.60
C THR A 111 -2.19 11.46 -6.86
N ASP A 112 -3.21 11.42 -6.01
CA ASP A 112 -3.59 12.60 -5.23
C ASP A 112 -2.70 12.76 -4.02
N PHE A 113 -1.97 11.69 -3.67
CA PHE A 113 -1.08 11.71 -2.53
C PHE A 113 0.38 11.75 -2.99
N SER A 114 0.56 11.67 -4.30
CA SER A 114 1.90 11.68 -4.89
C SER A 114 1.83 12.13 -6.35
N PRO A 115 1.46 13.40 -6.60
CA PRO A 115 1.36 13.94 -7.96
C PRO A 115 2.73 14.06 -8.66
N SER A 116 3.68 14.68 -7.97
CA SER A 116 5.02 14.87 -8.53
C SER A 116 5.77 13.54 -8.63
N LEU A 117 5.16 12.47 -8.14
CA LEU A 117 5.78 11.15 -8.18
C LEU A 117 5.52 10.47 -9.52
N ASN A 118 4.25 10.45 -9.94
CA ASN A 118 3.85 9.83 -11.20
C ASN A 118 4.62 8.53 -11.47
N TYR A 119 4.18 7.45 -10.84
CA TYR A 119 4.84 6.15 -11.02
C TYR A 119 3.97 5.21 -11.86
N ASP A 120 4.39 3.95 -11.96
CA ASP A 120 3.65 2.96 -12.74
C ASP A 120 3.42 1.67 -11.95
N GLU A 121 2.31 1.63 -11.21
CA GLU A 121 1.94 0.45 -10.41
C GLU A 121 3.16 -0.20 -9.76
N VAL A 122 3.44 0.18 -8.52
CA VAL A 122 4.57 -0.38 -7.77
C VAL A 122 5.91 0.00 -8.41
N PRO A 123 6.92 0.35 -7.59
CA PRO A 123 8.26 0.73 -8.08
C PRO A 123 9.07 -0.45 -8.58
N ASP A 124 10.37 -0.45 -8.29
CA ASP A 124 11.28 -1.52 -8.72
C ASP A 124 11.49 -1.51 -10.23
N PRO A 125 12.65 -2.04 -10.70
CA PRO A 125 13.00 -2.07 -12.13
C PRO A 125 11.91 -2.67 -13.02
N TRP A 126 11.29 -3.74 -12.54
CA TRP A 126 10.24 -4.41 -13.32
C TRP A 126 9.17 -3.43 -13.78
N TYR A 127 9.02 -2.33 -13.05
CA TYR A 127 8.03 -1.32 -13.38
C TYR A 127 8.67 -0.04 -13.92
N SER A 128 9.48 0.61 -13.09
CA SER A 128 10.15 1.84 -13.49
C SER A 128 11.46 1.56 -14.23
N GLY A 129 12.36 0.83 -13.56
CA GLY A 129 13.64 0.51 -14.16
C GLY A 129 14.81 0.73 -13.22
N ASN A 130 14.51 1.25 -12.02
CA ASN A 130 15.55 1.50 -11.03
C ASN A 130 15.22 0.85 -9.69
N PHE A 131 16.26 0.55 -8.91
CA PHE A 131 16.09 -0.06 -7.60
C PHE A 131 15.84 1.00 -6.54
N ASP A 132 16.26 2.24 -6.83
CA ASP A 132 16.09 3.35 -5.91
C ASP A 132 14.63 3.79 -5.84
N GLU A 133 13.86 3.44 -6.86
CA GLU A 133 12.44 3.80 -6.90
C GLU A 133 11.72 3.29 -5.66
N THR A 134 11.94 2.02 -5.34
CA THR A 134 11.33 1.41 -4.17
C THR A 134 11.47 2.31 -2.94
N TYR A 135 12.59 3.00 -2.85
CA TYR A 135 12.83 3.91 -1.73
C TYR A 135 11.94 5.14 -1.83
N LYS A 136 12.04 5.84 -2.95
CA LYS A 136 11.25 7.04 -3.17
C LYS A 136 9.76 6.78 -3.01
N ILE A 137 9.25 5.78 -3.72
CA ILE A 137 7.83 5.44 -3.66
C ILE A 137 7.39 4.98 -2.28
N LEU A 138 7.93 3.85 -1.81
CA LEU A 138 7.55 3.30 -0.51
C LEU A 138 7.71 4.32 0.62
N SER A 139 8.93 4.85 0.79
CA SER A 139 9.19 5.81 1.86
C SER A 139 8.24 7.01 1.83
N LEU A 140 8.20 7.71 0.70
CA LEU A 140 7.34 8.89 0.56
C LEU A 140 5.87 8.54 0.69
N ALA A 141 5.39 7.63 -0.14
CA ALA A 141 3.99 7.21 -0.14
C ALA A 141 3.54 6.74 1.25
N CYS A 142 4.34 5.89 1.89
CA CYS A 142 3.99 5.36 3.20
C CYS A 142 3.82 6.48 4.22
N LYS A 143 4.79 7.40 4.27
CA LYS A 143 4.75 8.52 5.21
C LYS A 143 3.53 9.41 4.97
N ASN A 144 3.44 9.97 3.76
CA ASN A 144 2.33 10.85 3.42
C ASN A 144 0.98 10.16 3.65
N LEU A 145 0.86 8.94 3.13
CA LEU A 145 -0.38 8.17 3.30
C LEU A 145 -0.64 7.89 4.77
N LEU A 146 0.44 7.78 5.54
CA LEU A 146 0.33 7.50 6.97
C LEU A 146 -0.30 8.70 7.70
N VAL A 147 0.29 9.87 7.52
CA VAL A 147 -0.20 11.09 8.17
C VAL A 147 -1.68 11.34 7.86
N PHE A 148 -2.04 11.23 6.58
CA PHE A 148 -3.42 11.46 6.15
C PHE A 148 -4.39 10.42 6.72
N LEU A 149 -4.10 9.14 6.48
CA LEU A 149 -4.96 8.07 6.94
C LEU A 149 -4.97 7.96 8.47
N SER A 150 -4.03 8.64 9.13
CA SER A 150 -3.97 8.61 10.59
C SER A 150 -4.46 9.93 11.19
N LYS A 151 -3.56 10.89 11.30
CA LYS A 151 -3.91 12.20 11.87
C LYS A 151 -3.09 13.31 11.22
N HIS A 152 -3.57 13.81 10.08
CA HIS A 152 -2.87 14.87 9.36
C HIS A 152 -2.85 16.15 10.18
N HIS A 153 -1.69 16.83 10.17
CA HIS A 153 -1.51 18.08 10.90
C HIS A 153 -1.62 17.86 12.40
N HIS A 154 -0.51 18.02 13.11
CA HIS A 154 -0.47 17.84 14.56
C HIS A 154 0.55 18.77 15.19
N HIS A 155 1.76 18.79 14.63
CA HIS A 155 2.83 19.63 15.13
C HIS A 155 3.55 20.36 13.99
N HIS A 156 3.80 21.65 14.19
CA HIS A 156 4.47 22.46 13.18
C HIS A 156 5.58 23.30 13.81
N MET A 1 -13.46 2.69 16.36
CA MET A 1 -13.44 1.69 15.26
C MET A 1 -12.92 2.30 13.97
N LYS A 2 -11.64 2.08 13.68
CA LYS A 2 -11.02 2.60 12.48
C LYS A 2 -10.50 1.47 11.60
N LYS A 3 -11.01 1.40 10.37
CA LYS A 3 -10.59 0.36 9.43
C LYS A 3 -10.19 0.96 8.09
N ILE A 4 -8.95 0.69 7.67
CA ILE A 4 -8.45 1.20 6.41
C ILE A 4 -7.92 0.07 5.55
N LEU A 5 -8.70 -0.32 4.54
CA LEU A 5 -8.29 -1.40 3.66
C LEU A 5 -7.37 -0.90 2.54
N PHE A 6 -6.16 -1.44 2.51
CA PHE A 6 -5.18 -1.09 1.49
C PHE A 6 -5.32 -2.01 0.29
N ILE A 7 -5.20 -1.46 -0.92
CA ILE A 7 -5.34 -2.27 -2.13
C ILE A 7 -4.18 -2.04 -3.09
N CYS A 8 -3.31 -3.04 -3.22
CA CYS A 8 -2.16 -2.96 -4.12
C CYS A 8 -2.30 -3.93 -5.27
N LEU A 9 -2.23 -3.41 -6.50
CA LEU A 9 -2.35 -4.23 -7.69
C LEU A 9 -1.30 -5.33 -7.69
N GLY A 10 -0.16 -5.04 -7.08
CA GLY A 10 0.92 -6.00 -7.00
C GLY A 10 1.51 -6.10 -5.61
N ASN A 11 1.02 -7.05 -4.82
CA ASN A 11 1.52 -7.23 -3.46
C ASN A 11 2.83 -8.00 -3.47
N ILE A 12 3.52 -7.96 -4.61
CA ILE A 12 4.78 -8.64 -4.76
C ILE A 12 5.92 -7.65 -4.96
N CYS A 13 5.69 -6.40 -4.57
CA CYS A 13 6.71 -5.36 -4.71
C CYS A 13 6.55 -4.26 -3.66
N ARG A 14 5.67 -3.30 -3.93
CA ARG A 14 5.45 -2.18 -3.03
C ARG A 14 4.60 -2.55 -1.82
N SER A 15 3.53 -3.32 -2.05
CA SER A 15 2.64 -3.71 -0.96
C SER A 15 3.40 -4.40 0.19
N PRO A 16 4.25 -5.42 -0.11
CA PRO A 16 5.02 -6.12 0.92
C PRO A 16 6.01 -5.22 1.64
N MET A 17 6.70 -4.38 0.88
CA MET A 17 7.68 -3.47 1.47
C MET A 17 7.02 -2.59 2.52
N ALA A 18 5.98 -1.87 2.11
CA ALA A 18 5.25 -1.00 3.02
C ALA A 18 4.51 -1.83 4.04
N GLU A 19 4.27 -3.10 3.72
CA GLU A 19 3.57 -4.00 4.62
C GLU A 19 4.33 -4.14 5.94
N PHE A 20 5.63 -4.43 5.84
CA PHE A 20 6.46 -4.59 7.02
C PHE A 20 6.78 -3.24 7.67
N ILE A 21 7.20 -2.27 6.86
CA ILE A 21 7.55 -0.95 7.40
C ILE A 21 6.36 -0.31 8.11
N MET A 22 5.22 -0.22 7.43
CA MET A 22 4.03 0.37 8.01
C MET A 22 3.63 -0.39 9.27
N LYS A 23 3.60 -1.71 9.20
CA LYS A 23 3.24 -2.55 10.35
C LYS A 23 4.06 -2.18 11.57
N ASP A 24 5.33 -1.84 11.36
CA ASP A 24 6.23 -1.47 12.45
C ASP A 24 5.80 -0.16 13.10
N LEU A 25 5.76 0.90 12.29
CA LEU A 25 5.39 2.22 12.78
C LEU A 25 3.92 2.27 13.21
N VAL A 26 3.12 1.34 12.71
CA VAL A 26 1.70 1.29 13.02
C VAL A 26 1.42 1.00 14.49
N LYS A 27 1.95 -0.11 15.00
CA LYS A 27 1.71 -0.47 16.39
C LYS A 27 1.99 0.70 17.34
N LYS A 28 3.16 1.31 17.20
CA LYS A 28 3.54 2.44 18.05
C LYS A 28 2.70 3.69 17.79
N ALA A 29 2.15 3.83 16.59
CA ALA A 29 1.37 5.03 16.24
C ALA A 29 -0.02 4.71 15.67
N ASN A 30 -0.59 3.57 16.05
CA ASN A 30 -1.91 3.20 15.54
C ASN A 30 -2.57 2.17 16.45
N LEU A 31 -1.88 1.05 16.69
CA LEU A 31 -2.40 0.00 17.54
C LEU A 31 -2.61 0.53 18.96
N GLU A 32 -1.96 1.65 19.27
CA GLU A 32 -2.10 2.27 20.57
C GLU A 32 -3.55 2.63 20.85
N LYS A 33 -4.16 3.31 19.89
CA LYS A 33 -5.57 3.71 20.01
C LYS A 33 -6.46 2.58 19.49
N GLU A 34 -5.86 1.41 19.30
CA GLU A 34 -6.58 0.24 18.81
C GLU A 34 -7.15 0.48 17.42
N PHE A 35 -6.26 0.72 16.45
CA PHE A 35 -6.66 0.96 15.07
C PHE A 35 -6.48 -0.30 14.23
N PHE A 36 -7.28 -0.43 13.16
CA PHE A 36 -7.21 -1.60 12.30
C PHE A 36 -6.95 -1.20 10.84
N ILE A 37 -5.95 -1.85 10.24
CA ILE A 37 -5.58 -1.58 8.86
C ILE A 37 -5.40 -2.88 8.08
N ASN A 38 -6.02 -2.95 6.90
CA ASN A 38 -5.93 -4.14 6.07
C ASN A 38 -5.09 -3.89 4.83
N SER A 39 -4.83 -4.96 4.07
CA SER A 39 -4.03 -4.86 2.85
C SER A 39 -4.16 -6.15 2.03
N ALA A 40 -4.49 -5.99 0.75
CA ALA A 40 -4.65 -7.15 -0.13
C ALA A 40 -4.64 -6.73 -1.59
N GLY A 41 -4.63 -7.72 -2.49
CA GLY A 41 -4.63 -7.44 -3.91
C GLY A 41 -6.02 -7.37 -4.49
N THR A 42 -6.13 -6.97 -5.74
CA THR A 42 -7.43 -6.84 -6.40
C THR A 42 -8.10 -8.20 -6.58
N SER A 43 -7.36 -9.18 -7.08
CA SER A 43 -7.91 -10.52 -7.30
C SER A 43 -7.08 -11.58 -6.60
N GLY A 44 -6.06 -11.15 -5.87
CA GLY A 44 -5.22 -12.09 -5.15
C GLY A 44 -4.52 -13.09 -6.07
N GLU A 45 -4.35 -12.71 -7.33
CA GLU A 45 -3.70 -13.58 -8.30
C GLU A 45 -2.30 -13.93 -7.83
N HIS A 46 -1.41 -12.94 -7.81
CA HIS A 46 -0.04 -13.14 -7.37
C HIS A 46 0.22 -12.34 -6.10
N ASP A 47 -0.51 -11.23 -5.96
CA ASP A 47 -0.38 -10.36 -4.79
C ASP A 47 -0.29 -11.16 -3.50
N GLY A 48 0.83 -11.00 -2.78
CA GLY A 48 1.01 -11.71 -1.53
C GLY A 48 2.31 -12.48 -1.47
N GLU A 49 3.10 -12.41 -2.55
CA GLU A 49 4.37 -13.12 -2.61
C GLU A 49 5.38 -12.49 -1.64
N GLY A 50 5.78 -11.25 -1.93
CA GLY A 50 6.73 -10.55 -1.08
C GLY A 50 7.59 -9.57 -1.85
N MET A 51 8.86 -9.47 -1.46
CA MET A 51 9.80 -8.55 -2.10
C MET A 51 9.82 -8.74 -3.62
N HIS A 52 10.37 -7.75 -4.32
CA HIS A 52 10.46 -7.80 -5.77
C HIS A 52 11.90 -7.58 -6.24
N TYR A 53 12.07 -7.32 -7.53
CA TYR A 53 13.40 -7.09 -8.11
C TYR A 53 14.19 -6.07 -7.31
N GLY A 54 13.76 -4.81 -7.39
CA GLY A 54 14.45 -3.75 -6.69
C GLY A 54 13.97 -3.57 -5.25
N THR A 55 12.75 -4.00 -4.96
CA THR A 55 12.22 -3.87 -3.62
C THR A 55 13.12 -4.57 -2.61
N LYS A 56 13.45 -5.84 -2.89
CA LYS A 56 14.32 -6.61 -2.01
C LYS A 56 15.66 -5.91 -1.84
N ASN A 57 16.12 -5.26 -2.90
CA ASN A 57 17.39 -4.54 -2.88
C ASN A 57 17.37 -3.45 -1.82
N LYS A 58 16.31 -2.65 -1.83
CA LYS A 58 16.14 -1.55 -0.90
C LYS A 58 16.14 -2.08 0.54
N LEU A 59 15.43 -3.17 0.74
CA LEU A 59 15.34 -3.79 2.06
C LEU A 59 16.69 -4.34 2.52
N ALA A 60 17.33 -5.11 1.64
CA ALA A 60 18.63 -5.70 1.94
C ALA A 60 19.62 -4.64 2.39
N GLN A 61 19.48 -3.43 1.86
CA GLN A 61 20.37 -2.32 2.20
C GLN A 61 20.41 -2.10 3.71
N LEU A 62 19.23 -1.97 4.33
CA LEU A 62 19.15 -1.74 5.76
C LEU A 62 17.97 -2.51 6.37
N ASN A 63 16.84 -2.51 5.67
CA ASN A 63 15.65 -3.19 6.14
C ASN A 63 15.84 -4.71 6.14
N ILE A 64 14.75 -5.44 6.30
CA ILE A 64 14.78 -6.90 6.30
C ILE A 64 14.57 -7.45 4.90
N GLU A 65 15.33 -8.48 4.54
CA GLU A 65 15.23 -9.08 3.22
C GLU A 65 13.86 -9.73 3.00
N HIS A 66 13.01 -9.68 4.01
CA HIS A 66 11.67 -10.26 3.93
C HIS A 66 10.94 -10.16 5.27
N LYS A 67 9.63 -9.97 5.21
CA LYS A 67 8.81 -9.86 6.42
C LYS A 67 7.33 -9.76 6.06
N ASN A 68 6.50 -10.59 6.71
CA ASN A 68 5.06 -10.58 6.48
C ASN A 68 4.73 -10.80 5.01
N PHE A 69 4.86 -12.04 4.56
CA PHE A 69 4.57 -12.40 3.16
C PHE A 69 3.46 -13.45 3.10
N THR A 70 2.24 -13.00 2.83
CA THR A 70 1.10 -13.89 2.73
C THR A 70 0.16 -13.50 1.61
N SER A 71 -0.17 -14.46 0.75
CA SER A 71 -1.06 -14.21 -0.37
C SER A 71 -2.41 -13.69 0.10
N LYS A 72 -2.78 -12.49 -0.37
CA LYS A 72 -4.04 -11.87 0.01
C LYS A 72 -4.90 -11.58 -1.20
N LYS A 73 -6.22 -11.66 -1.02
CA LYS A 73 -7.16 -11.41 -2.11
C LYS A 73 -8.36 -10.60 -1.63
N LEU A 74 -8.28 -9.28 -1.77
CA LEU A 74 -9.36 -8.40 -1.35
C LEU A 74 -10.68 -8.79 -2.03
N THR A 75 -11.70 -9.07 -1.24
CA THR A 75 -13.00 -9.46 -1.77
C THR A 75 -14.12 -8.59 -1.19
N GLN A 76 -15.36 -8.94 -1.52
CA GLN A 76 -16.51 -8.19 -1.03
C GLN A 76 -16.56 -8.20 0.49
N LYS A 77 -16.31 -9.37 1.08
CA LYS A 77 -16.32 -9.51 2.52
C LYS A 77 -15.29 -8.60 3.19
N LEU A 78 -14.14 -8.46 2.54
CA LEU A 78 -13.06 -7.62 3.06
C LEU A 78 -13.44 -6.14 3.01
N CYS A 79 -13.86 -5.68 1.83
CA CYS A 79 -14.25 -4.29 1.64
C CYS A 79 -15.38 -3.90 2.59
N ASP A 80 -16.36 -4.78 2.71
CA ASP A 80 -17.50 -4.53 3.59
C ASP A 80 -17.07 -4.40 5.05
N GLU A 81 -15.88 -4.92 5.37
CA GLU A 81 -15.36 -4.87 6.72
C GLU A 81 -14.74 -3.51 7.02
N SER A 82 -13.75 -3.13 6.23
CA SER A 82 -13.09 -1.84 6.41
C SER A 82 -14.05 -0.69 6.19
N ASP A 83 -13.60 0.53 6.47
CA ASP A 83 -14.43 1.71 6.30
C ASP A 83 -13.91 2.60 5.19
N PHE A 84 -12.58 2.63 5.02
CA PHE A 84 -11.96 3.45 3.99
C PHE A 84 -11.18 2.59 3.00
N LEU A 85 -11.41 2.82 1.72
CA LEU A 85 -10.74 2.07 0.67
C LEU A 85 -9.65 2.92 0.01
N ILE A 86 -8.46 2.34 -0.14
CA ILE A 86 -7.34 3.04 -0.76
C ILE A 86 -6.74 2.23 -1.89
N THR A 87 -6.60 2.86 -3.06
CA THR A 87 -6.03 2.20 -4.23
C THR A 87 -4.55 2.51 -4.37
N MET A 88 -4.23 3.79 -4.56
CA MET A 88 -2.85 4.25 -4.72
C MET A 88 -2.35 3.95 -6.13
N ASP A 89 -2.69 2.78 -6.66
CA ASP A 89 -2.28 2.40 -8.01
C ASP A 89 -3.22 3.04 -9.03
N ASN A 90 -2.64 3.51 -10.13
CA ASN A 90 -3.41 4.15 -11.19
C ASN A 90 -4.47 3.22 -11.78
N SER A 91 -4.03 2.08 -12.28
CA SER A 91 -4.95 1.11 -12.90
C SER A 91 -5.91 0.50 -11.88
N ASN A 92 -5.48 0.44 -10.62
CA ASN A 92 -6.31 -0.13 -9.56
C ASN A 92 -7.62 0.63 -9.40
N PHE A 93 -7.56 1.96 -9.52
CA PHE A 93 -8.74 2.81 -9.38
C PHE A 93 -9.79 2.48 -10.43
N LYS A 94 -9.38 2.45 -11.69
CA LYS A 94 -10.30 2.15 -12.79
C LYS A 94 -10.87 0.75 -12.65
N ASN A 95 -10.06 -0.19 -12.17
CA ASN A 95 -10.50 -1.57 -12.01
C ASN A 95 -11.58 -1.69 -10.94
N VAL A 96 -11.25 -1.27 -9.72
CA VAL A 96 -12.19 -1.34 -8.61
C VAL A 96 -13.43 -0.50 -8.88
N LEU A 97 -13.29 0.48 -9.76
CA LEU A 97 -14.39 1.38 -10.12
C LEU A 97 -15.63 0.60 -10.53
N LYS A 98 -15.50 -0.25 -11.54
CA LYS A 98 -16.64 -1.02 -12.04
C LYS A 98 -16.59 -2.49 -11.58
N ASN A 99 -15.50 -2.87 -10.92
CA ASN A 99 -15.35 -4.25 -10.44
C ASN A 99 -16.02 -4.45 -9.09
N PHE A 100 -16.50 -3.37 -8.48
CA PHE A 100 -17.14 -3.45 -7.19
C PHE A 100 -18.50 -2.75 -7.19
N THR A 101 -19.20 -2.80 -6.06
CA THR A 101 -20.51 -2.19 -5.93
C THR A 101 -20.43 -0.67 -6.01
N ASN A 102 -21.53 0.00 -5.68
CA ASN A 102 -21.58 1.46 -5.72
C ASN A 102 -20.74 2.08 -4.60
N THR A 103 -19.93 1.26 -3.94
CA THR A 103 -19.08 1.73 -2.85
C THR A 103 -17.72 2.15 -3.39
N GLN A 104 -17.59 2.20 -4.71
CA GLN A 104 -16.34 2.58 -5.35
C GLN A 104 -16.02 4.05 -5.09
N ASN A 105 -17.00 4.80 -4.59
CA ASN A 105 -16.82 6.21 -4.29
C ASN A 105 -16.14 6.40 -2.95
N LYS A 106 -15.92 5.29 -2.24
CA LYS A 106 -15.27 5.33 -0.93
C LYS A 106 -13.79 5.02 -1.06
N VAL A 107 -13.29 5.07 -2.30
CA VAL A 107 -11.88 4.79 -2.56
C VAL A 107 -11.14 6.07 -2.92
N LEU A 108 -9.88 6.16 -2.47
CA LEU A 108 -9.05 7.33 -2.74
C LEU A 108 -7.80 6.93 -3.52
N LYS A 109 -7.29 7.86 -4.33
CA LYS A 109 -6.09 7.60 -5.13
C LYS A 109 -4.89 8.35 -4.56
N ILE A 110 -3.72 7.71 -4.64
CA ILE A 110 -2.49 8.32 -4.15
C ILE A 110 -1.89 9.27 -5.18
N THR A 111 -2.36 9.16 -6.41
CA THR A 111 -1.89 10.02 -7.49
C THR A 111 -2.15 11.49 -7.17
N ASP A 112 -3.22 11.75 -6.43
CA ASP A 112 -3.58 13.11 -6.06
C ASP A 112 -2.76 13.58 -4.86
N PHE A 113 -2.27 12.61 -4.09
CA PHE A 113 -1.46 12.92 -2.91
C PHE A 113 0.02 12.88 -3.25
N SER A 114 0.34 12.33 -4.41
CA SER A 114 1.73 12.22 -4.86
C SER A 114 2.13 13.44 -5.67
N PRO A 115 3.38 13.91 -5.51
CA PRO A 115 3.89 15.08 -6.24
C PRO A 115 4.18 14.77 -7.71
N SER A 116 5.32 15.27 -8.20
CA SER A 116 5.72 15.05 -9.59
C SER A 116 6.29 13.65 -9.79
N LEU A 117 5.89 12.72 -8.93
CA LEU A 117 6.38 11.35 -9.03
C LEU A 117 5.78 10.64 -10.24
N ASN A 118 4.47 10.76 -10.41
CA ASN A 118 3.78 10.14 -11.54
C ASN A 118 4.13 8.65 -11.63
N TYR A 119 4.34 8.03 -10.48
CA TYR A 119 4.68 6.60 -10.44
C TYR A 119 3.60 5.75 -11.09
N ASP A 120 3.93 4.51 -11.41
CA ASP A 120 2.98 3.60 -12.06
C ASP A 120 2.86 2.27 -11.32
N GLU A 121 1.94 2.21 -10.36
CA GLU A 121 1.70 0.99 -9.58
C GLU A 121 2.99 0.35 -9.09
N VAL A 122 3.33 0.59 -7.83
CA VAL A 122 4.54 0.02 -7.21
C VAL A 122 5.81 0.40 -7.99
N PRO A 123 6.94 0.59 -7.27
CA PRO A 123 8.22 0.96 -7.86
C PRO A 123 9.01 -0.23 -8.40
N ASP A 124 10.32 -0.25 -8.11
CA ASP A 124 11.21 -1.33 -8.58
C ASP A 124 11.50 -1.19 -10.07
N PRO A 125 12.69 -1.63 -10.51
CA PRO A 125 13.10 -1.55 -11.92
C PRO A 125 12.09 -2.15 -12.89
N TRP A 126 11.54 -3.31 -12.52
CA TRP A 126 10.57 -4.00 -13.37
C TRP A 126 9.39 -3.09 -13.72
N TYR A 127 9.11 -2.11 -12.87
CA TYR A 127 8.00 -1.19 -13.12
C TYR A 127 8.49 0.15 -13.68
N SER A 128 9.54 0.70 -13.09
CA SER A 128 10.08 1.99 -13.55
C SER A 128 11.49 1.84 -14.10
N GLY A 129 12.43 1.34 -13.29
CA GLY A 129 13.79 1.17 -13.75
C GLY A 129 14.85 1.43 -12.68
N ASN A 130 14.44 1.88 -11.51
CA ASN A 130 15.41 2.16 -10.44
C ASN A 130 15.19 1.25 -9.22
N PHE A 131 16.28 1.00 -8.48
CA PHE A 131 16.23 0.17 -7.29
C PHE A 131 16.02 1.03 -6.04
N ASP A 132 16.32 2.32 -6.18
CA ASP A 132 16.16 3.28 -5.09
C ASP A 132 14.79 3.92 -5.13
N GLU A 133 14.17 3.91 -6.31
CA GLU A 133 12.85 4.49 -6.48
C GLU A 133 11.88 3.85 -5.50
N THR A 134 12.10 2.57 -5.21
CA THR A 134 11.26 1.85 -4.26
C THR A 134 11.17 2.63 -2.96
N TYR A 135 12.31 3.15 -2.52
CA TYR A 135 12.36 3.94 -1.30
C TYR A 135 11.59 5.24 -1.47
N LYS A 136 11.82 5.92 -2.59
CA LYS A 136 11.16 7.19 -2.87
C LYS A 136 9.63 7.05 -2.80
N ILE A 137 9.09 6.14 -3.60
CA ILE A 137 7.64 5.92 -3.66
C ILE A 137 7.09 5.39 -2.33
N LEU A 138 7.63 4.25 -1.89
CA LEU A 138 7.16 3.61 -0.67
C LEU A 138 7.21 4.56 0.54
N SER A 139 8.40 5.11 0.80
CA SER A 139 8.57 6.01 1.94
C SER A 139 7.61 7.21 1.87
N LEU A 140 7.63 7.91 0.74
CA LEU A 140 6.76 9.08 0.55
C LEU A 140 5.30 8.71 0.76
N ALA A 141 4.82 7.74 -0.03
CA ALA A 141 3.44 7.29 0.06
C ALA A 141 3.09 6.85 1.48
N CYS A 142 4.06 6.26 2.17
CA CYS A 142 3.85 5.78 3.53
C CYS A 142 3.46 6.94 4.46
N LYS A 143 4.22 8.03 4.38
CA LYS A 143 3.98 9.20 5.21
C LYS A 143 2.71 9.94 4.78
N ASN A 144 2.69 10.39 3.54
CA ASN A 144 1.54 11.13 3.00
C ASN A 144 0.23 10.41 3.30
N LEU A 145 0.16 9.13 2.95
CA LEU A 145 -1.04 8.34 3.19
C LEU A 145 -1.36 8.27 4.69
N LEU A 146 -0.33 8.05 5.49
CA LEU A 146 -0.50 7.96 6.94
C LEU A 146 -1.21 9.20 7.48
N VAL A 147 -0.80 10.37 7.00
CA VAL A 147 -1.38 11.63 7.45
C VAL A 147 -2.86 11.71 7.11
N PHE A 148 -3.19 11.48 5.84
CA PHE A 148 -4.58 11.55 5.39
C PHE A 148 -5.46 10.52 6.10
N LEU A 149 -5.02 9.27 6.09
CA LEU A 149 -5.77 8.19 6.73
C LEU A 149 -5.88 8.40 8.23
N SER A 150 -4.75 8.41 8.93
CA SER A 150 -4.73 8.60 10.38
C SER A 150 -3.33 8.84 10.92
N LYS A 151 -2.97 10.12 11.08
CA LYS A 151 -1.64 10.48 11.59
C LYS A 151 -1.52 12.00 11.73
N HIS A 152 -1.21 12.66 10.62
CA HIS A 152 -1.05 14.11 10.62
C HIS A 152 0.01 14.55 11.62
N HIS A 153 1.27 14.49 11.20
CA HIS A 153 2.39 14.88 12.06
C HIS A 153 2.37 16.37 12.35
N HIS A 154 3.30 16.82 13.18
CA HIS A 154 3.40 18.23 13.54
C HIS A 154 4.86 18.64 13.76
N HIS A 155 5.78 17.76 13.39
CA HIS A 155 7.20 18.04 13.54
C HIS A 155 7.62 19.26 12.74
N HIS A 156 7.36 19.22 11.43
CA HIS A 156 7.70 20.34 10.55
C HIS A 156 6.45 20.95 9.94
N MET A 1 -13.56 1.29 15.88
CA MET A 1 -13.34 0.27 14.82
C MET A 1 -12.76 0.91 13.57
N LYS A 2 -11.57 1.50 13.69
CA LYS A 2 -10.91 2.14 12.57
C LYS A 2 -10.01 1.16 11.84
N LYS A 3 -10.36 0.85 10.60
CA LYS A 3 -9.58 -0.09 9.79
C LYS A 3 -9.17 0.54 8.47
N ILE A 4 -7.94 0.30 8.06
CA ILE A 4 -7.41 0.84 6.82
C ILE A 4 -7.00 -0.30 5.88
N LEU A 5 -7.73 -0.46 4.78
CA LEU A 5 -7.44 -1.51 3.82
C LEU A 5 -6.57 -1.02 2.68
N PHE A 6 -5.32 -1.48 2.63
CA PHE A 6 -4.40 -1.12 1.55
C PHE A 6 -4.52 -2.15 0.43
N ILE A 7 -4.77 -1.68 -0.80
CA ILE A 7 -4.92 -2.60 -1.93
C ILE A 7 -3.91 -2.32 -3.04
N CYS A 8 -2.99 -3.26 -3.25
CA CYS A 8 -1.99 -3.13 -4.30
C CYS A 8 -2.26 -4.13 -5.42
N LEU A 9 -2.43 -3.62 -6.63
CA LEU A 9 -2.70 -4.47 -7.79
C LEU A 9 -1.66 -5.57 -7.94
N GLY A 10 -0.43 -5.27 -7.55
CA GLY A 10 0.64 -6.26 -7.65
C GLY A 10 0.96 -6.89 -6.31
N ASN A 11 0.91 -6.10 -5.25
CA ASN A 11 1.20 -6.57 -3.90
C ASN A 11 2.49 -7.38 -3.87
N ILE A 12 3.39 -7.05 -4.78
CA ILE A 12 4.68 -7.75 -4.86
C ILE A 12 5.82 -6.75 -5.08
N CYS A 13 5.53 -5.48 -4.85
CA CYS A 13 6.51 -4.43 -5.02
C CYS A 13 6.44 -3.41 -3.88
N ARG A 14 5.51 -2.48 -4.00
CA ARG A 14 5.34 -1.44 -2.99
C ARG A 14 4.57 -1.95 -1.77
N SER A 15 3.70 -2.92 -1.98
CA SER A 15 2.91 -3.49 -0.90
C SER A 15 3.76 -4.29 0.09
N PRO A 16 4.63 -5.22 -0.40
CA PRO A 16 5.47 -6.04 0.48
C PRO A 16 6.44 -5.21 1.33
N MET A 17 7.12 -4.25 0.70
CA MET A 17 8.06 -3.41 1.40
C MET A 17 7.39 -2.70 2.57
N ALA A 18 6.33 -1.93 2.26
CA ALA A 18 5.59 -1.23 3.30
C ALA A 18 4.88 -2.20 4.21
N GLU A 19 4.76 -3.45 3.75
CA GLU A 19 4.10 -4.48 4.54
C GLU A 19 4.87 -4.73 5.84
N PHE A 20 6.17 -5.01 5.69
CA PHE A 20 7.02 -5.26 6.85
C PHE A 20 7.27 -3.97 7.65
N ILE A 21 7.58 -2.88 6.93
CA ILE A 21 7.84 -1.60 7.58
C ILE A 21 6.65 -1.15 8.43
N MET A 22 5.48 -1.08 7.82
CA MET A 22 4.27 -0.66 8.53
C MET A 22 4.01 -1.57 9.72
N LYS A 23 4.11 -2.88 9.51
CA LYS A 23 3.88 -3.85 10.57
C LYS A 23 4.69 -3.50 11.82
N ASP A 24 5.91 -3.01 11.60
CA ASP A 24 6.78 -2.63 12.70
C ASP A 24 6.34 -1.33 13.37
N LEU A 25 6.24 -0.27 12.57
CA LEU A 25 5.89 1.06 13.07
C LEU A 25 4.44 1.17 13.59
N VAL A 26 3.55 0.29 13.16
CA VAL A 26 2.15 0.36 13.60
C VAL A 26 2.02 0.31 15.12
N LYS A 27 2.65 -0.68 15.74
CA LYS A 27 2.59 -0.84 17.19
C LYS A 27 2.93 0.45 17.92
N LYS A 28 3.76 1.28 17.29
CA LYS A 28 4.19 2.55 17.90
C LYS A 28 3.05 3.57 18.03
N ALA A 29 2.36 3.87 16.93
CA ALA A 29 1.28 4.86 16.96
C ALA A 29 0.00 4.38 16.28
N ASN A 30 -0.23 3.07 16.25
CA ASN A 30 -1.43 2.54 15.62
C ASN A 30 -2.14 1.55 16.54
N LEU A 31 -1.42 0.52 16.97
CA LEU A 31 -1.99 -0.49 17.86
C LEU A 31 -2.30 0.11 19.23
N GLU A 32 -1.90 1.36 19.43
CA GLU A 32 -2.13 2.04 20.70
C GLU A 32 -3.59 2.49 20.79
N LYS A 33 -4.16 2.87 19.66
CA LYS A 33 -5.55 3.32 19.61
C LYS A 33 -6.45 2.21 19.08
N GLU A 34 -5.92 0.99 19.08
CA GLU A 34 -6.66 -0.18 18.61
C GLU A 34 -7.04 -0.03 17.14
N PHE A 35 -6.04 0.26 16.31
CA PHE A 35 -6.26 0.42 14.87
C PHE A 35 -5.79 -0.82 14.13
N PHE A 36 -6.58 -1.25 13.14
CA PHE A 36 -6.23 -2.43 12.35
C PHE A 36 -6.01 -2.08 10.89
N ILE A 37 -5.01 -2.69 10.27
CA ILE A 37 -4.69 -2.44 8.87
C ILE A 37 -4.62 -3.75 8.08
N ASN A 38 -4.97 -3.67 6.80
CA ASN A 38 -4.94 -4.84 5.93
C ASN A 38 -4.19 -4.53 4.64
N SER A 39 -3.96 -5.57 3.83
CA SER A 39 -3.24 -5.42 2.56
C SER A 39 -3.48 -6.63 1.67
N ALA A 40 -3.92 -6.38 0.44
CA ALA A 40 -4.19 -7.46 -0.50
C ALA A 40 -4.33 -6.93 -1.93
N GLY A 41 -4.43 -7.85 -2.89
CA GLY A 41 -4.56 -7.46 -4.28
C GLY A 41 -6.02 -7.42 -4.71
N THR A 42 -6.25 -7.12 -5.97
CA THR A 42 -7.61 -7.03 -6.51
C THR A 42 -8.21 -8.41 -6.78
N SER A 43 -7.39 -9.32 -7.29
CA SER A 43 -7.85 -10.68 -7.60
C SER A 43 -7.09 -11.73 -6.80
N GLY A 44 -6.09 -11.28 -6.04
CA GLY A 44 -5.31 -12.20 -5.23
C GLY A 44 -4.66 -13.29 -6.05
N GLU A 45 -4.54 -13.08 -7.36
CA GLU A 45 -3.91 -14.06 -8.24
C GLU A 45 -2.48 -14.32 -7.79
N HIS A 46 -1.65 -13.29 -7.87
CA HIS A 46 -0.25 -13.40 -7.47
C HIS A 46 0.04 -12.44 -6.32
N ASP A 47 -0.74 -11.37 -6.26
CA ASP A 47 -0.60 -10.36 -5.21
C ASP A 47 -0.36 -10.99 -3.84
N GLY A 48 0.86 -10.89 -3.34
CA GLY A 48 1.18 -11.46 -2.04
C GLY A 48 2.46 -12.27 -2.05
N GLU A 49 3.14 -12.29 -3.19
CA GLU A 49 4.38 -13.05 -3.31
C GLU A 49 5.39 -12.58 -2.27
N GLY A 50 6.02 -11.43 -2.52
CA GLY A 50 6.99 -10.90 -1.59
C GLY A 50 8.17 -10.21 -2.26
N MET A 51 8.17 -8.88 -2.21
CA MET A 51 9.24 -8.07 -2.80
C MET A 51 9.41 -8.34 -4.29
N HIS A 52 10.24 -7.52 -4.94
CA HIS A 52 10.50 -7.65 -6.37
C HIS A 52 11.96 -7.31 -6.67
N TYR A 53 12.27 -7.07 -7.94
CA TYR A 53 13.62 -6.74 -8.37
C TYR A 53 14.21 -5.62 -7.51
N GLY A 54 13.74 -4.40 -7.77
CA GLY A 54 14.23 -3.23 -7.03
C GLY A 54 13.98 -3.30 -5.55
N THR A 55 12.80 -3.81 -5.16
CA THR A 55 12.45 -3.90 -3.74
C THR A 55 13.48 -4.75 -3.00
N LYS A 56 13.73 -5.94 -3.51
CA LYS A 56 14.72 -6.83 -2.89
C LYS A 56 16.08 -6.17 -2.83
N ASN A 57 16.35 -5.30 -3.81
CA ASN A 57 17.62 -4.60 -3.87
C ASN A 57 17.83 -3.73 -2.64
N LYS A 58 16.81 -2.94 -2.29
CA LYS A 58 16.89 -2.06 -1.14
C LYS A 58 16.96 -2.87 0.16
N LEU A 59 16.24 -3.99 0.20
CA LEU A 59 16.21 -4.84 1.37
C LEU A 59 17.60 -5.45 1.60
N ALA A 60 18.17 -6.03 0.55
CA ALA A 60 19.48 -6.64 0.65
C ALA A 60 20.53 -5.60 1.05
N GLN A 61 20.31 -4.36 0.65
CA GLN A 61 21.22 -3.27 0.96
C GLN A 61 21.37 -3.09 2.47
N LEU A 62 20.24 -2.92 3.16
CA LEU A 62 20.26 -2.73 4.61
C LEU A 62 19.06 -3.39 5.29
N ASN A 63 17.89 -3.29 4.65
CA ASN A 63 16.67 -3.88 5.21
C ASN A 63 16.74 -5.40 5.21
N ILE A 64 15.57 -6.03 5.28
CA ILE A 64 15.49 -7.49 5.28
C ILE A 64 14.87 -8.01 3.99
N GLU A 65 15.49 -9.02 3.39
CA GLU A 65 15.00 -9.60 2.15
C GLU A 65 13.64 -10.26 2.35
N HIS A 66 13.11 -10.15 3.56
CA HIS A 66 11.81 -10.73 3.90
C HIS A 66 10.79 -9.65 4.24
N LYS A 67 9.77 -9.53 3.40
CA LYS A 67 8.72 -8.53 3.62
C LYS A 67 7.34 -9.16 3.50
N ASN A 68 7.11 -10.21 4.29
CA ASN A 68 5.83 -10.91 4.30
C ASN A 68 5.54 -11.57 2.96
N PHE A 69 5.40 -12.90 2.98
CA PHE A 69 5.11 -13.67 1.77
C PHE A 69 3.79 -14.43 1.92
N THR A 70 2.69 -13.77 1.62
CA THR A 70 1.37 -14.38 1.71
C THR A 70 0.41 -13.81 0.68
N SER A 71 0.07 -14.61 -0.32
CA SER A 71 -0.85 -14.17 -1.37
C SER A 71 -2.22 -13.85 -0.80
N LYS A 72 -2.61 -12.58 -0.85
CA LYS A 72 -3.90 -12.14 -0.34
C LYS A 72 -4.80 -11.68 -1.48
N LYS A 73 -6.11 -11.92 -1.31
CA LYS A 73 -7.07 -11.54 -2.34
C LYS A 73 -8.22 -10.72 -1.74
N LEU A 74 -8.07 -9.40 -1.79
CA LEU A 74 -9.10 -8.50 -1.27
C LEU A 74 -10.44 -8.76 -1.95
N THR A 75 -11.48 -8.94 -1.14
CA THR A 75 -12.81 -9.19 -1.66
C THR A 75 -13.83 -8.21 -1.08
N GLN A 76 -15.10 -8.43 -1.39
CA GLN A 76 -16.16 -7.56 -0.90
C GLN A 76 -16.27 -7.66 0.62
N LYS A 77 -16.15 -8.89 1.14
CA LYS A 77 -16.22 -9.11 2.57
C LYS A 77 -15.13 -8.34 3.30
N LEU A 78 -13.92 -8.35 2.73
CA LEU A 78 -12.78 -7.64 3.31
C LEU A 78 -13.03 -6.14 3.32
N CYS A 79 -13.51 -5.61 2.20
CA CYS A 79 -13.79 -4.19 2.08
C CYS A 79 -14.85 -3.78 3.10
N ASP A 80 -15.84 -4.64 3.30
CA ASP A 80 -16.92 -4.36 4.24
C ASP A 80 -16.37 -4.25 5.66
N GLU A 81 -15.19 -4.80 5.88
CA GLU A 81 -14.56 -4.76 7.20
C GLU A 81 -13.87 -3.42 7.44
N SER A 82 -12.92 -3.07 6.57
CA SER A 82 -12.20 -1.81 6.70
C SER A 82 -13.15 -0.62 6.52
N ASP A 83 -12.73 0.53 7.02
CA ASP A 83 -13.52 1.74 6.91
C ASP A 83 -12.93 2.71 5.89
N PHE A 84 -11.64 2.54 5.60
CA PHE A 84 -10.95 3.40 4.65
C PHE A 84 -10.21 2.58 3.59
N LEU A 85 -10.59 2.79 2.33
CA LEU A 85 -9.97 2.08 1.21
C LEU A 85 -8.83 2.93 0.63
N ILE A 86 -7.65 2.35 0.51
CA ILE A 86 -6.50 3.08 -0.01
C ILE A 86 -5.77 2.30 -1.10
N THR A 87 -5.79 2.85 -2.31
CA THR A 87 -5.11 2.24 -3.45
C THR A 87 -4.00 3.17 -3.93
N MET A 88 -2.95 2.57 -4.48
CA MET A 88 -1.82 3.36 -4.98
C MET A 88 -1.69 3.21 -6.49
N ASP A 89 -2.31 2.16 -7.04
CA ASP A 89 -2.26 1.93 -8.48
C ASP A 89 -3.27 2.80 -9.19
N ASN A 90 -2.82 3.48 -10.24
CA ASN A 90 -3.69 4.37 -11.00
C ASN A 90 -4.89 3.62 -11.57
N SER A 91 -4.72 2.32 -11.82
CA SER A 91 -5.79 1.50 -12.36
C SER A 91 -6.64 0.89 -11.25
N ASN A 92 -6.04 0.75 -10.06
CA ASN A 92 -6.76 0.18 -8.93
C ASN A 92 -7.99 1.01 -8.56
N PHE A 93 -7.92 2.31 -8.82
CA PHE A 93 -9.04 3.21 -8.54
C PHE A 93 -10.24 2.86 -9.39
N LYS A 94 -10.01 2.71 -10.70
CA LYS A 94 -11.09 2.37 -11.62
C LYS A 94 -11.63 0.97 -11.35
N ASN A 95 -10.76 0.11 -10.83
CA ASN A 95 -11.13 -1.26 -10.51
C ASN A 95 -12.13 -1.30 -9.35
N VAL A 96 -11.72 -0.72 -8.22
CA VAL A 96 -12.58 -0.69 -7.04
C VAL A 96 -13.85 0.09 -7.31
N LEU A 97 -13.80 0.99 -8.29
CA LEU A 97 -14.94 1.81 -8.66
C LEU A 97 -16.15 0.93 -9.00
N LYS A 98 -15.92 -0.11 -9.80
CA LYS A 98 -16.99 -1.01 -10.20
C LYS A 98 -16.92 -2.33 -9.43
N ASN A 99 -15.87 -2.47 -8.63
CA ASN A 99 -15.69 -3.69 -7.83
C ASN A 99 -16.65 -3.74 -6.66
N PHE A 100 -16.64 -2.70 -5.83
CA PHE A 100 -17.51 -2.65 -4.66
C PHE A 100 -18.74 -1.78 -4.91
N THR A 101 -19.56 -1.63 -3.88
CA THR A 101 -20.79 -0.84 -3.96
C THR A 101 -20.49 0.65 -4.17
N ASN A 102 -21.52 1.46 -4.02
CA ASN A 102 -21.42 2.92 -4.19
C ASN A 102 -20.50 3.55 -3.13
N THR A 103 -19.76 2.72 -2.40
CA THR A 103 -18.87 3.22 -1.36
C THR A 103 -17.48 3.52 -1.93
N GLN A 104 -17.37 3.51 -3.26
CA GLN A 104 -16.10 3.77 -3.93
C GLN A 104 -15.56 5.15 -3.53
N ASN A 105 -16.43 6.00 -2.99
CA ASN A 105 -16.02 7.34 -2.58
C ASN A 105 -15.13 7.29 -1.33
N LYS A 106 -14.86 6.08 -0.86
CA LYS A 106 -14.02 5.89 0.33
C LYS A 106 -12.64 5.41 -0.06
N VAL A 107 -12.30 5.52 -1.35
CA VAL A 107 -10.99 5.10 -1.84
C VAL A 107 -10.13 6.30 -2.20
N LEU A 108 -8.84 6.23 -1.84
CA LEU A 108 -7.91 7.31 -2.14
C LEU A 108 -6.65 6.77 -2.82
N LYS A 109 -6.21 7.46 -3.87
CA LYS A 109 -5.04 7.06 -4.62
C LYS A 109 -3.77 7.68 -4.04
N ILE A 110 -2.67 6.92 -4.09
CA ILE A 110 -1.39 7.37 -3.58
C ILE A 110 -0.64 8.19 -4.63
N THR A 111 -0.90 7.89 -5.90
CA THR A 111 -0.26 8.61 -6.99
C THR A 111 -0.58 10.10 -6.90
N ASP A 112 -1.78 10.41 -6.41
CA ASP A 112 -2.20 11.79 -6.25
C ASP A 112 -1.64 12.37 -4.96
N PHE A 113 -1.36 11.50 -4.01
CA PHE A 113 -0.81 11.90 -2.72
C PHE A 113 0.70 11.98 -2.79
N SER A 114 1.27 11.40 -3.83
CA SER A 114 2.72 11.40 -4.03
C SER A 114 3.08 11.97 -5.40
N PRO A 115 2.79 13.25 -5.65
CA PRO A 115 3.09 13.90 -6.92
C PRO A 115 4.55 14.34 -7.03
N SER A 116 5.28 14.18 -5.94
CA SER A 116 6.69 14.57 -5.89
C SER A 116 7.54 13.61 -6.74
N LEU A 117 6.99 12.44 -7.02
CA LEU A 117 7.70 11.44 -7.82
C LEU A 117 6.91 11.09 -9.08
N ASN A 118 5.60 10.88 -8.93
CA ASN A 118 4.74 10.54 -10.06
C ASN A 118 5.24 9.27 -10.75
N TYR A 119 4.75 8.12 -10.29
CA TYR A 119 5.15 6.84 -10.84
C TYR A 119 4.02 6.22 -11.68
N ASP A 120 4.22 4.97 -12.06
CA ASP A 120 3.24 4.24 -12.86
C ASP A 120 3.00 2.86 -12.25
N GLU A 121 2.09 2.79 -11.29
CA GLU A 121 1.76 1.53 -10.61
C GLU A 121 2.98 0.96 -9.90
N VAL A 122 3.11 1.27 -8.60
CA VAL A 122 4.23 0.80 -7.79
C VAL A 122 5.59 1.12 -8.43
N PRO A 123 6.69 1.03 -7.65
CA PRO A 123 8.03 1.32 -8.13
C PRO A 123 8.73 0.10 -8.73
N ASP A 124 10.04 -0.01 -8.47
CA ASP A 124 10.85 -1.13 -8.97
C ASP A 124 11.10 -0.99 -10.48
N PRO A 125 12.19 -1.61 -10.99
CA PRO A 125 12.56 -1.55 -12.41
C PRO A 125 11.53 -2.19 -13.32
N TRP A 126 10.74 -3.10 -12.78
CA TRP A 126 9.71 -3.79 -13.55
C TRP A 126 8.67 -2.81 -14.09
N TYR A 127 8.38 -1.78 -13.31
CA TYR A 127 7.39 -0.77 -13.70
C TYR A 127 8.04 0.51 -14.20
N SER A 128 9.05 1.00 -13.48
CA SER A 128 9.72 2.24 -13.86
C SER A 128 11.04 1.97 -14.57
N GLY A 129 11.94 1.25 -13.91
CA GLY A 129 13.23 0.94 -14.50
C GLY A 129 14.39 1.26 -13.58
N ASN A 130 14.12 1.36 -12.28
CA ASN A 130 15.16 1.66 -11.31
C ASN A 130 14.95 0.88 -10.02
N PHE A 131 16.05 0.46 -9.39
CA PHE A 131 15.99 -0.29 -8.15
C PHE A 131 15.78 0.65 -6.97
N ASP A 132 16.42 1.80 -7.02
CA ASP A 132 16.31 2.81 -5.97
C ASP A 132 14.90 3.39 -5.95
N GLU A 133 14.20 3.25 -7.08
CA GLU A 133 12.84 3.77 -7.20
C GLU A 133 11.93 3.18 -6.11
N THR A 134 12.16 1.92 -5.76
CA THR A 134 11.35 1.27 -4.73
C THR A 134 11.40 2.04 -3.42
N TYR A 135 12.60 2.39 -2.97
CA TYR A 135 12.76 3.11 -1.72
C TYR A 135 12.10 4.49 -1.78
N LYS A 136 12.36 5.23 -2.86
CA LYS A 136 11.80 6.56 -3.01
C LYS A 136 10.28 6.54 -2.87
N ILE A 137 9.63 5.69 -3.65
CA ILE A 137 8.17 5.59 -3.63
C ILE A 137 7.64 5.00 -2.32
N LEU A 138 8.34 3.99 -1.79
CA LEU A 138 7.92 3.33 -0.56
C LEU A 138 8.02 4.28 0.64
N SER A 139 9.21 4.80 0.87
CA SER A 139 9.45 5.71 1.99
C SER A 139 8.52 6.92 1.95
N LEU A 140 8.33 7.49 0.75
CA LEU A 140 7.47 8.65 0.58
C LEU A 140 6.00 8.29 0.80
N ALA A 141 5.56 7.21 0.18
CA ALA A 141 4.16 6.77 0.31
C ALA A 141 3.81 6.44 1.75
N CYS A 142 4.65 5.65 2.41
CA CYS A 142 4.41 5.26 3.80
C CYS A 142 4.30 6.47 4.71
N LYS A 143 5.24 7.40 4.57
CA LYS A 143 5.26 8.60 5.40
C LYS A 143 4.03 9.47 5.14
N ASN A 144 3.90 9.95 3.90
CA ASN A 144 2.77 10.80 3.52
C ASN A 144 1.45 10.16 3.91
N LEU A 145 1.26 8.90 3.51
CA LEU A 145 0.05 8.16 3.80
C LEU A 145 -0.14 8.01 5.31
N LEU A 146 0.97 8.00 6.05
CA LEU A 146 0.91 7.87 7.50
C LEU A 146 0.29 9.11 8.13
N VAL A 147 0.63 10.27 7.58
CA VAL A 147 0.12 11.54 8.07
C VAL A 147 -1.38 11.67 7.75
N PHE A 148 -1.73 11.39 6.50
CA PHE A 148 -3.12 11.48 6.06
C PHE A 148 -3.98 10.45 6.79
N LEU A 149 -3.43 9.24 6.97
CA LEU A 149 -4.15 8.18 7.67
C LEU A 149 -4.38 8.56 9.12
N SER A 150 -3.42 9.26 9.70
CA SER A 150 -3.51 9.70 11.10
C SER A 150 -4.29 11.00 11.20
N LYS A 151 -4.55 11.62 10.06
CA LYS A 151 -5.29 12.88 10.00
C LYS A 151 -4.59 13.98 10.80
N HIS A 152 -3.65 14.67 10.16
CA HIS A 152 -2.92 15.75 10.80
C HIS A 152 -3.66 17.08 10.65
N HIS A 153 -3.65 17.62 9.43
CA HIS A 153 -4.32 18.88 9.14
C HIS A 153 -4.52 19.06 7.64
N HIS A 154 -5.56 19.78 7.26
CA HIS A 154 -5.85 20.02 5.85
C HIS A 154 -6.22 21.48 5.60
N HIS A 155 -6.35 22.25 6.68
CA HIS A 155 -6.70 23.66 6.58
C HIS A 155 -8.03 23.85 5.84
N HIS A 156 -9.11 23.97 6.61
CA HIS A 156 -10.44 24.15 6.03
C HIS A 156 -10.68 25.61 5.67
N MET A 1 -13.33 1.26 16.45
CA MET A 1 -12.46 0.41 15.61
C MET A 1 -12.30 1.00 14.22
N LYS A 2 -11.09 0.87 13.66
CA LYS A 2 -10.81 1.39 12.33
C LYS A 2 -9.78 0.51 11.61
N LYS A 3 -10.09 0.13 10.38
CA LYS A 3 -9.20 -0.71 9.59
C LYS A 3 -8.77 0.00 8.31
N ILE A 4 -7.63 -0.39 7.77
CA ILE A 4 -7.11 0.22 6.54
C ILE A 4 -6.74 -0.82 5.49
N LEU A 5 -7.52 -0.88 4.42
CA LEU A 5 -7.28 -1.84 3.34
C LEU A 5 -6.36 -1.25 2.27
N PHE A 6 -5.14 -1.77 2.18
CA PHE A 6 -4.18 -1.32 1.17
C PHE A 6 -4.22 -2.26 -0.03
N ILE A 7 -4.59 -1.75 -1.19
CA ILE A 7 -4.69 -2.57 -2.39
C ILE A 7 -3.50 -2.38 -3.33
N CYS A 8 -2.89 -3.49 -3.74
CA CYS A 8 -1.75 -3.45 -4.65
C CYS A 8 -1.87 -4.54 -5.72
N LEU A 9 -1.82 -4.11 -6.99
CA LEU A 9 -1.92 -5.05 -8.11
C LEU A 9 -0.91 -6.17 -7.97
N GLY A 10 0.20 -5.87 -7.30
CA GLY A 10 1.23 -6.86 -7.08
C GLY A 10 1.80 -6.78 -5.68
N ASN A 11 1.34 -7.66 -4.80
CA ASN A 11 1.79 -7.68 -3.42
C ASN A 11 3.14 -8.38 -3.29
N ILE A 12 4.04 -8.07 -4.22
CA ILE A 12 5.37 -8.66 -4.22
C ILE A 12 6.42 -7.61 -4.58
N CYS A 13 6.07 -6.35 -4.33
CA CYS A 13 6.96 -5.23 -4.63
C CYS A 13 6.77 -4.09 -3.63
N ARG A 14 5.86 -3.17 -3.96
CA ARG A 14 5.59 -2.03 -3.09
C ARG A 14 4.67 -2.42 -1.93
N SER A 15 3.70 -3.28 -2.21
CA SER A 15 2.75 -3.72 -1.19
C SER A 15 3.47 -4.31 0.04
N PRO A 16 4.41 -5.25 -0.17
CA PRO A 16 5.14 -5.87 0.93
C PRO A 16 6.08 -4.90 1.64
N MET A 17 6.70 -4.00 0.87
CA MET A 17 7.61 -3.02 1.43
C MET A 17 6.93 -2.19 2.51
N ALA A 18 5.83 -1.53 2.14
CA ALA A 18 5.08 -0.72 3.09
C ALA A 18 4.44 -1.59 4.16
N GLU A 19 4.12 -2.83 3.80
CA GLU A 19 3.50 -3.75 4.75
C GLU A 19 4.36 -3.89 6.01
N PHE A 20 5.64 -4.19 5.82
CA PHE A 20 6.56 -4.37 6.94
C PHE A 20 6.92 -3.04 7.59
N ILE A 21 7.29 -2.04 6.79
CA ILE A 21 7.67 -0.73 7.33
C ILE A 21 6.51 -0.09 8.09
N MET A 22 5.35 0.01 7.45
CA MET A 22 4.18 0.60 8.09
C MET A 22 3.83 -0.17 9.36
N LYS A 23 3.89 -1.50 9.28
CA LYS A 23 3.58 -2.35 10.43
C LYS A 23 4.39 -1.89 11.65
N ASP A 24 5.65 -1.58 11.42
CA ASP A 24 6.52 -1.11 12.50
C ASP A 24 6.10 0.28 12.96
N LEU A 25 5.77 1.13 12.00
CA LEU A 25 5.33 2.49 12.27
C LEU A 25 3.98 2.50 12.99
N VAL A 26 3.25 1.39 12.88
CA VAL A 26 1.94 1.28 13.50
C VAL A 26 2.02 1.31 15.03
N LYS A 27 2.97 0.59 15.59
CA LYS A 27 3.12 0.53 17.04
C LYS A 27 3.42 1.90 17.65
N LYS A 28 4.15 2.74 16.92
CA LYS A 28 4.53 4.06 17.43
C LYS A 28 3.34 5.02 17.59
N ALA A 29 2.51 5.18 16.54
CA ALA A 29 1.39 6.12 16.63
C ALA A 29 0.05 5.53 16.17
N ASN A 30 0.06 4.38 15.52
CA ASN A 30 -1.18 3.77 15.04
C ASN A 30 -1.83 2.94 16.14
N LEU A 31 -1.00 2.50 17.09
CA LEU A 31 -1.49 1.68 18.20
C LEU A 31 -2.00 0.35 17.70
N GLU A 32 -1.07 -0.53 17.34
CA GLU A 32 -1.41 -1.85 16.83
C GLU A 32 -2.41 -2.57 17.73
N LYS A 33 -2.42 -2.20 19.01
CA LYS A 33 -3.33 -2.79 19.98
C LYS A 33 -4.64 -2.01 20.04
N GLU A 34 -4.97 -1.35 18.94
CA GLU A 34 -6.20 -0.56 18.86
C GLU A 34 -6.78 -0.62 17.45
N PHE A 35 -5.98 -0.20 16.47
CA PHE A 35 -6.40 -0.19 15.08
C PHE A 35 -5.80 -1.38 14.34
N PHE A 36 -6.23 -1.57 13.10
CA PHE A 36 -5.73 -2.69 12.29
C PHE A 36 -5.54 -2.27 10.83
N ILE A 37 -4.46 -2.75 10.22
CA ILE A 37 -4.17 -2.42 8.83
C ILE A 37 -4.02 -3.67 7.98
N ASN A 38 -4.83 -3.76 6.93
CA ASN A 38 -4.81 -4.91 6.03
C ASN A 38 -4.21 -4.51 4.69
N SER A 39 -3.88 -5.50 3.86
CA SER A 39 -3.30 -5.24 2.56
C SER A 39 -3.38 -6.47 1.66
N ALA A 40 -3.89 -6.28 0.44
CA ALA A 40 -4.02 -7.35 -0.52
C ALA A 40 -4.16 -6.81 -1.94
N GLY A 41 -4.21 -7.71 -2.92
CA GLY A 41 -4.35 -7.28 -4.30
C GLY A 41 -5.80 -7.09 -4.70
N THR A 42 -6.02 -6.64 -5.92
CA THR A 42 -7.37 -6.40 -6.41
C THR A 42 -8.14 -7.71 -6.60
N SER A 43 -7.51 -8.68 -7.25
CA SER A 43 -8.13 -9.97 -7.49
C SER A 43 -7.27 -11.11 -6.96
N GLY A 44 -6.27 -10.77 -6.15
CA GLY A 44 -5.38 -11.77 -5.60
C GLY A 44 -4.71 -12.60 -6.67
N GLU A 45 -4.55 -12.02 -7.85
CA GLU A 45 -3.91 -12.71 -8.98
C GLU A 45 -2.45 -13.01 -8.67
N HIS A 46 -1.78 -12.08 -7.99
CA HIS A 46 -0.38 -12.26 -7.65
C HIS A 46 -0.13 -11.95 -6.17
N ASP A 47 -0.95 -11.08 -5.60
CA ASP A 47 -0.82 -10.70 -4.19
C ASP A 47 -0.54 -11.92 -3.32
N GLY A 48 0.65 -11.97 -2.73
CA GLY A 48 1.02 -13.07 -1.87
C GLY A 48 1.87 -14.11 -2.58
N GLU A 49 3.15 -13.80 -2.77
CA GLU A 49 4.07 -14.71 -3.45
C GLU A 49 5.51 -14.44 -3.03
N GLY A 50 5.69 -13.44 -2.17
CA GLY A 50 7.02 -13.10 -1.71
C GLY A 50 7.37 -11.65 -2.00
N MET A 51 8.32 -11.44 -2.91
CA MET A 51 8.73 -10.08 -3.28
C MET A 51 9.49 -10.08 -4.59
N HIS A 52 10.06 -8.92 -4.94
CA HIS A 52 10.81 -8.77 -6.18
C HIS A 52 11.86 -7.67 -6.05
N TYR A 53 12.56 -7.40 -7.14
CA TYR A 53 13.60 -6.37 -7.18
C TYR A 53 13.10 -5.04 -6.62
N GLY A 54 13.99 -4.06 -6.58
CA GLY A 54 13.63 -2.75 -6.09
C GLY A 54 13.46 -2.70 -4.58
N THR A 55 12.28 -3.10 -4.11
CA THR A 55 11.99 -3.09 -2.68
C THR A 55 12.97 -3.96 -1.90
N LYS A 56 13.13 -5.20 -2.35
CA LYS A 56 14.03 -6.16 -1.69
C LYS A 56 15.45 -5.61 -1.62
N ASN A 57 15.88 -4.97 -2.70
CA ASN A 57 17.23 -4.42 -2.76
C ASN A 57 17.45 -3.36 -1.68
N LYS A 58 16.51 -2.43 -1.57
CA LYS A 58 16.59 -1.36 -0.58
C LYS A 58 16.54 -1.94 0.83
N LEU A 59 15.67 -2.92 1.04
CA LEU A 59 15.53 -3.54 2.35
C LEU A 59 16.81 -4.28 2.74
N ALA A 60 17.30 -5.13 1.83
CA ALA A 60 18.52 -5.88 2.07
C ALA A 60 19.67 -4.95 2.41
N GLN A 61 19.64 -3.75 1.84
CA GLN A 61 20.67 -2.75 2.08
C GLN A 61 20.77 -2.40 3.56
N LEU A 62 19.62 -2.12 4.18
CA LEU A 62 19.60 -1.77 5.60
C LEU A 62 18.30 -2.22 6.27
N ASN A 63 17.19 -2.03 5.59
CA ASN A 63 15.87 -2.40 6.12
C ASN A 63 15.75 -3.92 6.28
N ILE A 64 14.52 -4.40 6.40
CA ILE A 64 14.27 -5.83 6.56
C ILE A 64 13.74 -6.44 5.26
N GLU A 65 14.31 -7.57 4.88
CA GLU A 65 13.91 -8.27 3.65
C GLU A 65 12.43 -8.65 3.69
N HIS A 66 11.98 -9.31 2.63
CA HIS A 66 10.59 -9.74 2.52
C HIS A 66 10.25 -10.74 3.61
N LYS A 67 9.10 -10.52 4.25
CA LYS A 67 8.63 -11.39 5.33
C LYS A 67 7.14 -11.20 5.54
N ASN A 68 6.45 -10.84 4.47
CA ASN A 68 5.01 -10.62 4.51
C ASN A 68 4.33 -11.37 3.38
N PHE A 69 4.78 -12.60 3.14
CA PHE A 69 4.23 -13.43 2.08
C PHE A 69 2.91 -14.07 2.52
N THR A 70 1.81 -13.58 1.95
CA THR A 70 0.49 -14.12 2.29
C THR A 70 -0.48 -13.94 1.13
N SER A 71 -0.82 -15.04 0.45
CA SER A 71 -1.73 -15.00 -0.68
C SER A 71 -3.11 -14.52 -0.25
N LYS A 72 -3.42 -13.26 -0.56
CA LYS A 72 -4.71 -12.67 -0.21
C LYS A 72 -5.42 -12.13 -1.44
N LYS A 73 -6.64 -11.64 -1.24
CA LYS A 73 -7.43 -11.08 -2.33
C LYS A 73 -8.52 -10.17 -1.79
N LEU A 74 -8.33 -8.86 -1.94
CA LEU A 74 -9.31 -7.88 -1.47
C LEU A 74 -10.67 -8.16 -2.09
N THR A 75 -11.68 -8.33 -1.25
CA THR A 75 -13.04 -8.59 -1.72
C THR A 75 -14.07 -7.78 -0.94
N GLN A 76 -15.34 -8.11 -1.13
CA GLN A 76 -16.42 -7.42 -0.45
C GLN A 76 -16.32 -7.60 1.06
N LYS A 77 -16.14 -8.85 1.48
CA LYS A 77 -16.02 -9.17 2.90
C LYS A 77 -14.83 -8.44 3.52
N LEU A 78 -13.76 -8.32 2.76
CA LEU A 78 -12.55 -7.63 3.22
C LEU A 78 -12.84 -6.14 3.43
N CYS A 79 -13.53 -5.54 2.46
CA CYS A 79 -13.86 -4.12 2.54
C CYS A 79 -14.89 -3.87 3.64
N ASP A 80 -15.67 -4.90 3.96
CA ASP A 80 -16.69 -4.79 5.00
C ASP A 80 -16.05 -4.48 6.35
N GLU A 81 -14.76 -4.81 6.47
CA GLU A 81 -14.03 -4.57 7.71
C GLU A 81 -13.29 -3.23 7.64
N SER A 82 -12.44 -3.09 6.63
CA SER A 82 -11.67 -1.86 6.44
C SER A 82 -12.57 -0.65 6.29
N ASP A 83 -12.23 0.42 6.99
CA ASP A 83 -13.00 1.65 6.93
C ASP A 83 -12.43 2.61 5.89
N PHE A 84 -11.12 2.50 5.66
CA PHE A 84 -10.44 3.34 4.70
C PHE A 84 -9.80 2.49 3.60
N LEU A 85 -10.22 2.71 2.37
CA LEU A 85 -9.69 1.96 1.23
C LEU A 85 -8.67 2.79 0.46
N ILE A 86 -7.62 2.13 -0.02
CA ILE A 86 -6.57 2.78 -0.79
C ILE A 86 -6.18 1.96 -2.01
N THR A 87 -5.95 2.65 -3.13
CA THR A 87 -5.58 1.99 -4.37
C THR A 87 -4.07 2.03 -4.59
N MET A 88 -3.50 3.23 -4.52
CA MET A 88 -2.07 3.45 -4.71
C MET A 88 -1.69 3.38 -6.18
N ASP A 89 -2.24 2.38 -6.88
CA ASP A 89 -1.97 2.22 -8.31
C ASP A 89 -2.86 3.16 -9.10
N ASN A 90 -2.35 3.64 -10.23
CA ASN A 90 -3.10 4.57 -11.07
C ASN A 90 -4.31 3.91 -11.72
N SER A 91 -4.05 2.92 -12.58
CA SER A 91 -5.12 2.21 -13.28
C SER A 91 -6.09 1.55 -12.31
N ASN A 92 -5.59 1.11 -11.16
CA ASN A 92 -6.42 0.45 -10.17
C ASN A 92 -7.55 1.35 -9.68
N PHE A 93 -7.36 2.66 -9.82
CA PHE A 93 -8.38 3.62 -9.40
C PHE A 93 -9.64 3.49 -10.24
N LYS A 94 -9.49 3.58 -11.55
CA LYS A 94 -10.62 3.46 -12.47
C LYS A 94 -11.18 2.05 -12.46
N ASN A 95 -10.32 1.08 -12.16
CA ASN A 95 -10.73 -0.33 -12.11
C ASN A 95 -11.70 -0.57 -10.95
N VAL A 96 -11.27 -0.22 -9.74
CA VAL A 96 -12.09 -0.41 -8.56
C VAL A 96 -13.35 0.45 -8.61
N LEU A 97 -13.28 1.54 -9.37
CA LEU A 97 -14.41 2.45 -9.50
C LEU A 97 -15.66 1.72 -9.97
N LYS A 98 -15.50 0.80 -10.92
CA LYS A 98 -16.62 0.03 -11.45
C LYS A 98 -16.64 -1.38 -10.86
N ASN A 99 -15.48 -1.87 -10.47
CA ASN A 99 -15.34 -3.21 -9.90
C ASN A 99 -16.20 -3.35 -8.64
N PHE A 100 -16.12 -2.37 -7.76
CA PHE A 100 -16.89 -2.40 -6.52
C PHE A 100 -18.14 -1.53 -6.61
N THR A 101 -18.87 -1.44 -5.51
CA THR A 101 -20.09 -0.65 -5.46
C THR A 101 -19.78 0.85 -5.43
N ASN A 102 -20.81 1.64 -5.17
CA ASN A 102 -20.69 3.10 -5.11
C ASN A 102 -19.90 3.55 -3.89
N THR A 103 -19.25 2.61 -3.20
CA THR A 103 -18.48 2.92 -2.01
C THR A 103 -17.03 3.26 -2.36
N GLN A 104 -16.77 3.41 -3.67
CA GLN A 104 -15.43 3.74 -4.15
C GLN A 104 -15.05 5.17 -3.74
N ASN A 105 -16.00 5.90 -3.20
CA ASN A 105 -15.77 7.28 -2.77
C ASN A 105 -14.92 7.32 -1.50
N LYS A 106 -14.67 6.14 -0.93
CA LYS A 106 -13.87 6.04 0.29
C LYS A 106 -12.49 5.48 -0.01
N VAL A 107 -12.08 5.57 -1.27
CA VAL A 107 -10.77 5.08 -1.70
C VAL A 107 -9.83 6.23 -2.02
N LEU A 108 -8.57 6.09 -1.59
CA LEU A 108 -7.57 7.11 -1.84
C LEU A 108 -6.63 6.69 -2.96
N LYS A 109 -6.02 7.66 -3.63
CA LYS A 109 -5.10 7.39 -4.72
C LYS A 109 -3.73 8.01 -4.45
N ILE A 110 -2.71 7.16 -4.38
CA ILE A 110 -1.35 7.62 -4.13
C ILE A 110 -0.86 8.50 -5.29
N THR A 111 -1.33 8.19 -6.48
CA THR A 111 -0.95 8.96 -7.66
C THR A 111 -1.33 10.43 -7.50
N ASP A 112 -2.40 10.67 -6.75
CA ASP A 112 -2.87 12.03 -6.51
C ASP A 112 -2.04 12.68 -5.40
N PHE A 113 -1.52 11.85 -4.50
CA PHE A 113 -0.72 12.35 -3.40
C PHE A 113 0.77 12.37 -3.78
N SER A 114 1.06 12.01 -5.02
CA SER A 114 2.42 11.99 -5.52
C SER A 114 2.69 13.21 -6.41
N PRO A 115 3.61 14.10 -5.99
CA PRO A 115 3.95 15.31 -6.72
C PRO A 115 4.66 15.01 -8.05
N SER A 116 5.98 15.22 -8.07
CA SER A 116 6.78 14.97 -9.26
C SER A 116 7.33 13.55 -9.27
N LEU A 117 6.65 12.66 -8.56
CA LEU A 117 7.08 11.26 -8.48
C LEU A 117 6.86 10.55 -9.82
N ASN A 118 5.69 10.77 -10.43
CA ASN A 118 5.37 10.14 -11.70
C ASN A 118 5.61 8.64 -11.63
N TYR A 119 4.72 7.93 -10.95
CA TYR A 119 4.85 6.49 -10.80
C TYR A 119 3.55 5.77 -11.16
N ASP A 120 3.70 4.55 -11.69
CA ASP A 120 2.54 3.74 -12.09
C ASP A 120 2.10 2.83 -10.95
N GLU A 121 2.05 1.53 -11.22
CA GLU A 121 1.66 0.55 -10.23
C GLU A 121 2.89 -0.15 -9.63
N VAL A 122 3.21 0.23 -8.39
CA VAL A 122 4.36 -0.31 -7.65
C VAL A 122 5.68 -0.17 -8.43
N PRO A 123 6.75 0.29 -7.76
CA PRO A 123 8.06 0.53 -8.37
C PRO A 123 8.81 -0.76 -8.73
N ASP A 124 10.12 -0.77 -8.46
CA ASP A 124 10.99 -1.91 -8.77
C ASP A 124 11.29 -1.97 -10.27
N PRO A 125 12.50 -2.44 -10.64
CA PRO A 125 12.93 -2.53 -12.05
C PRO A 125 11.94 -3.26 -12.95
N TRP A 126 11.20 -4.21 -12.40
CA TRP A 126 10.24 -4.98 -13.17
C TRP A 126 9.07 -4.11 -13.65
N TYR A 127 8.85 -2.98 -12.98
CA TYR A 127 7.75 -2.10 -13.35
C TYR A 127 8.23 -0.80 -14.00
N SER A 128 9.29 -0.20 -13.47
CA SER A 128 9.79 1.05 -14.03
C SER A 128 11.16 0.85 -14.70
N GLY A 129 12.15 0.38 -13.93
CA GLY A 129 13.46 0.16 -14.51
C GLY A 129 14.56 0.00 -13.47
N ASN A 130 14.59 0.87 -12.46
CA ASN A 130 15.62 0.80 -11.44
C ASN A 130 15.06 0.24 -10.12
N PHE A 131 15.95 -0.09 -9.18
CA PHE A 131 15.55 -0.65 -7.89
C PHE A 131 15.31 0.42 -6.84
N ASP A 132 16.27 1.31 -6.66
CA ASP A 132 16.19 2.39 -5.68
C ASP A 132 14.86 3.17 -5.80
N GLU A 133 14.24 3.09 -6.97
CA GLU A 133 12.99 3.78 -7.22
C GLU A 133 11.93 3.36 -6.21
N THR A 134 11.99 2.11 -5.77
CA THR A 134 11.04 1.59 -4.79
C THR A 134 11.10 2.40 -3.51
N TYR A 135 12.31 2.77 -3.10
CA TYR A 135 12.49 3.56 -1.88
C TYR A 135 11.94 4.96 -2.08
N LYS A 136 12.18 5.54 -3.25
CA LYS A 136 11.71 6.87 -3.55
C LYS A 136 10.19 6.96 -3.41
N ILE A 137 9.49 6.11 -4.14
CA ILE A 137 8.02 6.08 -4.10
C ILE A 137 7.50 5.67 -2.73
N LEU A 138 8.02 4.58 -2.19
CA LEU A 138 7.58 4.08 -0.90
C LEU A 138 7.75 5.12 0.20
N SER A 139 8.95 5.69 0.31
CA SER A 139 9.22 6.70 1.33
C SER A 139 8.22 7.84 1.27
N LEU A 140 8.09 8.46 0.10
CA LEU A 140 7.18 9.59 -0.08
C LEU A 140 5.72 9.16 0.11
N ALA A 141 5.29 8.18 -0.69
CA ALA A 141 3.92 7.69 -0.64
C ALA A 141 3.49 7.28 0.78
N CYS A 142 4.33 6.50 1.46
CA CYS A 142 4.02 6.05 2.81
C CYS A 142 3.85 7.23 3.75
N LYS A 143 4.75 8.21 3.65
CA LYS A 143 4.69 9.39 4.50
C LYS A 143 3.37 10.14 4.29
N ASN A 144 3.15 10.59 3.06
CA ASN A 144 1.94 11.32 2.72
C ASN A 144 0.70 10.50 3.08
N LEU A 145 0.80 9.18 2.91
CA LEU A 145 -0.29 8.29 3.23
C LEU A 145 -0.63 8.35 4.72
N LEU A 146 0.41 8.30 5.54
CA LEU A 146 0.24 8.36 6.99
C LEU A 146 -0.53 9.61 7.39
N VAL A 147 -0.17 10.74 6.76
CA VAL A 147 -0.83 12.01 7.04
C VAL A 147 -2.33 11.97 6.72
N PHE A 148 -2.66 11.64 5.48
CA PHE A 148 -4.04 11.56 5.05
C PHE A 148 -4.81 10.47 5.78
N LEU A 149 -4.29 9.25 5.72
CA LEU A 149 -4.92 8.10 6.36
C LEU A 149 -5.22 8.39 7.84
N SER A 150 -4.22 8.93 8.56
CA SER A 150 -4.38 9.25 9.97
C SER A 150 -3.10 9.83 10.57
N LYS A 151 -2.98 11.16 10.53
CA LYS A 151 -1.81 11.85 11.08
C LYS A 151 -1.92 13.35 10.87
N HIS A 152 -2.79 13.76 9.96
CA HIS A 152 -2.98 15.18 9.65
C HIS A 152 -3.40 15.96 10.90
N HIS A 153 -4.70 16.08 11.13
CA HIS A 153 -5.22 16.81 12.30
C HIS A 153 -4.74 18.24 12.30
N HIS A 154 -4.67 18.85 11.12
CA HIS A 154 -4.22 20.23 10.99
C HIS A 154 -4.88 20.91 9.79
N HIS A 155 -5.51 20.10 8.94
CA HIS A 155 -6.19 20.62 7.75
C HIS A 155 -7.30 21.59 8.14
N HIS A 156 -7.15 22.85 7.70
CA HIS A 156 -8.14 23.88 7.99
C HIS A 156 -8.27 24.11 9.50
N MET A 1 -13.43 1.60 15.70
CA MET A 1 -12.91 0.53 14.80
C MET A 1 -12.54 1.09 13.43
N LYS A 2 -11.28 1.47 13.27
CA LYS A 2 -10.80 2.01 12.00
C LYS A 2 -10.02 0.96 11.22
N LYS A 3 -10.45 0.68 10.00
CA LYS A 3 -9.79 -0.31 9.16
C LYS A 3 -9.34 0.29 7.83
N ILE A 4 -8.07 0.12 7.51
CA ILE A 4 -7.51 0.62 6.26
C ILE A 4 -7.14 -0.53 5.34
N LEU A 5 -7.59 -0.46 4.09
CA LEU A 5 -7.29 -1.51 3.13
C LEU A 5 -6.33 -1.03 2.05
N PHE A 6 -5.11 -1.56 2.08
CA PHE A 6 -4.09 -1.21 1.10
C PHE A 6 -4.12 -2.20 -0.06
N ILE A 7 -4.57 -1.73 -1.23
CA ILE A 7 -4.65 -2.59 -2.41
C ILE A 7 -3.47 -2.36 -3.34
N CYS A 8 -2.77 -3.44 -3.65
CA CYS A 8 -1.61 -3.38 -4.54
C CYS A 8 -1.67 -4.47 -5.60
N LEU A 9 -1.55 -4.07 -6.87
CA LEU A 9 -1.58 -5.01 -7.98
C LEU A 9 -0.52 -6.08 -7.79
N GLY A 10 0.50 -5.76 -7.00
CA GLY A 10 1.56 -6.70 -6.74
C GLY A 10 2.02 -6.64 -5.29
N ASN A 11 1.51 -7.55 -4.47
CA ASN A 11 1.87 -7.58 -3.05
C ASN A 11 3.24 -8.22 -2.85
N ILE A 12 4.13 -8.00 -3.80
CA ILE A 12 5.49 -8.53 -3.73
C ILE A 12 6.52 -7.44 -3.94
N CYS A 13 6.06 -6.20 -4.07
CA CYS A 13 6.96 -5.07 -4.28
C CYS A 13 6.65 -3.91 -3.34
N ARG A 14 5.62 -3.14 -3.66
CA ARG A 14 5.23 -1.99 -2.85
C ARG A 14 4.43 -2.40 -1.62
N SER A 15 3.46 -3.29 -1.81
CA SER A 15 2.62 -3.76 -0.71
C SER A 15 3.44 -4.36 0.43
N PRO A 16 4.38 -5.28 0.15
CA PRO A 16 5.20 -5.93 1.19
C PRO A 16 6.18 -4.97 1.86
N MET A 17 6.86 -4.15 1.06
CA MET A 17 7.82 -3.19 1.58
C MET A 17 7.16 -2.29 2.62
N ALA A 18 6.04 -1.69 2.24
CA ALA A 18 5.32 -0.80 3.14
C ALA A 18 4.57 -1.61 4.20
N GLU A 19 4.37 -2.90 3.92
CA GLU A 19 3.68 -3.77 4.88
C GLU A 19 4.47 -3.87 6.17
N PHE A 20 5.77 -4.17 6.05
CA PHE A 20 6.63 -4.30 7.21
C PHE A 20 6.96 -2.92 7.80
N ILE A 21 7.27 -1.95 6.93
CA ILE A 21 7.60 -0.61 7.38
C ILE A 21 6.44 -0.01 8.17
N MET A 22 5.26 0.04 7.56
CA MET A 22 4.08 0.58 8.21
C MET A 22 3.79 -0.17 9.51
N LYS A 23 3.91 -1.49 9.46
CA LYS A 23 3.68 -2.33 10.62
C LYS A 23 4.49 -1.82 11.81
N ASP A 24 5.70 -1.37 11.53
CA ASP A 24 6.57 -0.84 12.59
C ASP A 24 6.06 0.48 13.11
N LEU A 25 5.73 1.40 12.21
CA LEU A 25 5.23 2.72 12.57
C LEU A 25 3.85 2.62 13.23
N VAL A 26 3.15 1.53 12.97
CA VAL A 26 1.82 1.33 13.53
C VAL A 26 1.82 1.43 15.05
N LYS A 27 2.65 0.63 15.70
CA LYS A 27 2.74 0.63 17.15
C LYS A 27 2.97 2.03 17.71
N LYS A 28 3.60 2.89 16.92
CA LYS A 28 3.91 4.25 17.36
C LYS A 28 2.65 5.11 17.55
N ALA A 29 1.82 5.21 16.51
CA ALA A 29 0.61 6.03 16.58
C ALA A 29 -0.64 5.32 16.08
N ASN A 30 -0.68 4.00 16.19
CA ASN A 30 -1.84 3.23 15.73
C ASN A 30 -2.24 2.18 16.75
N LEU A 31 -1.31 1.30 17.10
CA LEU A 31 -1.59 0.23 18.06
C LEU A 31 -2.01 0.81 19.40
N GLU A 32 -1.67 2.08 19.62
CA GLU A 32 -2.02 2.76 20.86
C GLU A 32 -3.52 3.07 20.90
N LYS A 33 -4.04 3.52 19.76
CA LYS A 33 -5.46 3.85 19.65
C LYS A 33 -6.23 2.70 19.02
N GLU A 34 -5.59 1.55 18.93
CA GLU A 34 -6.19 0.35 18.34
C GLU A 34 -6.57 0.58 16.88
N PHE A 35 -5.56 0.79 16.04
CA PHE A 35 -5.80 1.01 14.61
C PHE A 35 -5.49 -0.25 13.82
N PHE A 36 -6.40 -0.62 12.93
CA PHE A 36 -6.23 -1.83 12.12
C PHE A 36 -5.88 -1.50 10.67
N ILE A 37 -4.90 -2.20 10.14
CA ILE A 37 -4.47 -2.01 8.75
C ILE A 37 -4.41 -3.34 8.01
N ASN A 38 -4.67 -3.30 6.70
CA ASN A 38 -4.66 -4.50 5.88
C ASN A 38 -3.96 -4.25 4.55
N SER A 39 -3.62 -5.33 3.86
CA SER A 39 -2.95 -5.24 2.56
C SER A 39 -3.16 -6.51 1.75
N ALA A 40 -3.69 -6.37 0.55
CA ALA A 40 -3.94 -7.53 -0.32
C ALA A 40 -3.86 -7.13 -1.79
N GLY A 41 -4.09 -8.10 -2.67
CA GLY A 41 -4.05 -7.85 -4.09
C GLY A 41 -5.43 -7.74 -4.70
N THR A 42 -5.49 -7.55 -6.02
CA THR A 42 -6.77 -7.44 -6.71
C THR A 42 -7.46 -8.79 -6.80
N SER A 43 -6.71 -9.80 -7.20
CA SER A 43 -7.26 -11.16 -7.34
C SER A 43 -6.44 -12.16 -6.54
N GLY A 44 -5.38 -11.69 -5.90
CA GLY A 44 -4.53 -12.57 -5.12
C GLY A 44 -3.82 -13.60 -5.97
N GLU A 45 -3.69 -13.32 -7.26
CA GLU A 45 -3.03 -14.22 -8.19
C GLU A 45 -1.62 -14.54 -7.72
N HIS A 46 -0.82 -13.49 -7.56
CA HIS A 46 0.56 -13.63 -7.11
C HIS A 46 0.81 -12.74 -5.90
N ASP A 47 0.03 -11.66 -5.80
CA ASP A 47 0.16 -10.70 -4.70
C ASP A 47 0.32 -11.42 -3.37
N GLY A 48 1.53 -11.41 -2.83
CA GLY A 48 1.79 -12.06 -1.57
C GLY A 48 2.60 -13.34 -1.73
N GLU A 49 3.47 -13.37 -2.73
CA GLU A 49 4.30 -14.53 -2.99
C GLU A 49 5.42 -14.64 -1.95
N GLY A 50 6.43 -13.79 -2.09
CA GLY A 50 7.54 -13.81 -1.16
C GLY A 50 8.63 -12.82 -1.52
N MET A 51 8.68 -12.39 -2.78
CA MET A 51 9.69 -11.44 -3.23
C MET A 51 9.43 -11.00 -4.67
N HIS A 52 10.10 -9.92 -5.08
CA HIS A 52 9.95 -9.39 -6.43
C HIS A 52 11.07 -8.39 -6.75
N TYR A 53 11.45 -8.33 -8.02
CA TYR A 53 12.50 -7.42 -8.48
C TYR A 53 12.27 -6.00 -7.96
N GLY A 54 13.36 -5.29 -7.69
CA GLY A 54 13.26 -3.93 -7.21
C GLY A 54 13.21 -3.83 -5.70
N THR A 55 12.03 -4.08 -5.14
CA THR A 55 11.84 -4.00 -3.70
C THR A 55 12.77 -4.96 -2.96
N LYS A 56 12.79 -6.22 -3.39
CA LYS A 56 13.64 -7.23 -2.76
C LYS A 56 15.11 -6.79 -2.79
N ASN A 57 15.50 -6.13 -3.87
CA ASN A 57 16.88 -5.65 -4.01
C ASN A 57 17.22 -4.67 -2.90
N LYS A 58 16.35 -3.67 -2.72
CA LYS A 58 16.56 -2.67 -1.69
C LYS A 58 16.55 -3.32 -0.31
N LEU A 59 15.54 -4.14 -0.06
CA LEU A 59 15.42 -4.85 1.20
C LEU A 59 16.70 -5.61 1.52
N ALA A 60 17.22 -6.32 0.52
CA ALA A 60 18.44 -7.09 0.70
C ALA A 60 19.61 -6.17 1.07
N GLN A 61 19.58 -4.95 0.56
CA GLN A 61 20.63 -3.97 0.84
C GLN A 61 20.80 -3.73 2.35
N LEU A 62 19.71 -3.34 3.02
CA LEU A 62 19.77 -3.09 4.47
C LEU A 62 18.50 -3.58 5.19
N ASN A 63 17.36 -3.50 4.51
CA ASN A 63 16.09 -3.93 5.11
C ASN A 63 16.02 -5.45 5.20
N ILE A 64 14.81 -5.98 5.33
CA ILE A 64 14.60 -7.42 5.41
C ILE A 64 14.16 -7.97 4.06
N GLU A 65 14.82 -9.03 3.60
CA GLU A 65 14.52 -9.64 2.31
C GLU A 65 13.04 -9.98 2.19
N HIS A 66 12.34 -9.96 3.31
CA HIS A 66 10.92 -10.27 3.34
C HIS A 66 10.37 -10.24 4.76
N LYS A 67 9.07 -10.01 4.88
CA LYS A 67 8.41 -9.97 6.17
C LYS A 67 6.91 -9.73 5.99
N ASN A 68 6.10 -10.48 6.72
CA ASN A 68 4.65 -10.37 6.62
C ASN A 68 4.17 -10.72 5.22
N PHE A 69 4.89 -11.63 4.56
CA PHE A 69 4.55 -12.06 3.21
C PHE A 69 3.50 -13.16 3.23
N THR A 70 2.36 -12.90 2.59
CA THR A 70 1.28 -13.88 2.52
C THR A 70 0.38 -13.61 1.32
N SER A 71 0.09 -14.66 0.56
CA SER A 71 -0.77 -14.53 -0.62
C SER A 71 -2.17 -14.09 -0.21
N LYS A 72 -2.46 -12.79 -0.38
CA LYS A 72 -3.77 -12.25 -0.03
C LYS A 72 -4.52 -11.75 -1.26
N LYS A 73 -5.84 -11.83 -1.21
CA LYS A 73 -6.69 -11.40 -2.31
C LYS A 73 -7.86 -10.55 -1.81
N LEU A 74 -7.70 -9.23 -1.88
CA LEU A 74 -8.75 -8.32 -1.44
C LEU A 74 -10.07 -8.64 -2.15
N THR A 75 -11.10 -8.93 -1.35
CA THR A 75 -12.41 -9.27 -1.89
C THR A 75 -13.45 -8.23 -1.51
N GLN A 76 -14.71 -8.49 -1.90
CA GLN A 76 -15.80 -7.58 -1.60
C GLN A 76 -16.06 -7.50 -0.10
N LYS A 77 -16.14 -8.67 0.54
CA LYS A 77 -16.37 -8.73 1.98
C LYS A 77 -15.26 -8.01 2.74
N LEU A 78 -14.02 -8.20 2.29
CA LEU A 78 -12.88 -7.56 2.92
C LEU A 78 -12.95 -6.04 2.75
N CYS A 79 -13.38 -5.60 1.57
CA CYS A 79 -13.49 -4.18 1.28
C CYS A 79 -14.58 -3.55 2.13
N ASP A 80 -15.67 -4.27 2.32
CA ASP A 80 -16.80 -3.78 3.12
C ASP A 80 -16.37 -3.57 4.58
N GLU A 81 -15.27 -4.21 4.96
CA GLU A 81 -14.75 -4.08 6.32
C GLU A 81 -13.98 -2.79 6.51
N SER A 82 -12.94 -2.61 5.71
CA SER A 82 -12.12 -1.39 5.79
C SER A 82 -12.96 -0.16 5.49
N ASP A 83 -12.81 0.87 6.32
CA ASP A 83 -13.55 2.10 6.16
C ASP A 83 -12.82 3.03 5.19
N PHE A 84 -11.54 2.77 4.96
CA PHE A 84 -10.73 3.59 4.07
C PHE A 84 -10.09 2.73 2.97
N LEU A 85 -10.44 3.03 1.72
CA LEU A 85 -9.89 2.29 0.59
C LEU A 85 -8.67 3.02 0.03
N ILE A 86 -7.60 2.28 -0.24
CA ILE A 86 -6.38 2.88 -0.75
C ILE A 86 -5.89 2.21 -2.04
N THR A 87 -5.84 2.98 -3.12
CA THR A 87 -5.38 2.49 -4.40
C THR A 87 -4.12 3.24 -4.83
N MET A 88 -2.97 2.58 -4.72
CA MET A 88 -1.70 3.20 -5.06
C MET A 88 -1.41 3.05 -6.55
N ASP A 89 -1.85 1.94 -7.13
CA ASP A 89 -1.64 1.69 -8.54
C ASP A 89 -2.69 2.43 -9.37
N ASN A 90 -2.30 2.86 -10.56
CA ASN A 90 -3.20 3.59 -11.44
C ASN A 90 -4.37 2.71 -11.87
N SER A 91 -4.06 1.49 -12.32
CA SER A 91 -5.09 0.57 -12.77
C SER A 91 -5.90 0.03 -11.60
N ASN A 92 -5.32 0.11 -10.39
CA ASN A 92 -5.98 -0.37 -9.19
C ASN A 92 -7.31 0.36 -8.97
N PHE A 93 -7.34 1.65 -9.32
CA PHE A 93 -8.53 2.47 -9.16
C PHE A 93 -9.65 1.99 -10.07
N LYS A 94 -9.30 1.67 -11.31
CA LYS A 94 -10.30 1.20 -12.27
C LYS A 94 -10.86 -0.15 -11.88
N ASN A 95 -9.99 -1.04 -11.38
CA ASN A 95 -10.40 -2.37 -10.97
C ASN A 95 -11.40 -2.30 -9.82
N VAL A 96 -11.00 -1.65 -8.73
CA VAL A 96 -11.86 -1.50 -7.56
C VAL A 96 -13.14 -0.74 -7.89
N LEU A 97 -13.09 0.07 -8.94
CA LEU A 97 -14.23 0.87 -9.35
C LEU A 97 -15.39 -0.03 -9.81
N LYS A 98 -15.07 -1.07 -10.57
CA LYS A 98 -16.08 -1.99 -11.08
C LYS A 98 -16.15 -3.27 -10.24
N ASN A 99 -15.23 -3.40 -9.29
CA ASN A 99 -15.19 -4.59 -8.45
C ASN A 99 -15.89 -4.34 -7.10
N PHE A 100 -16.10 -3.08 -6.77
CA PHE A 100 -16.75 -2.73 -5.51
C PHE A 100 -18.04 -1.95 -5.75
N THR A 101 -18.75 -1.66 -4.67
CA THR A 101 -20.01 -0.92 -4.74
C THR A 101 -19.76 0.58 -4.85
N ASN A 102 -20.82 1.36 -4.67
CA ASN A 102 -20.74 2.81 -4.76
C ASN A 102 -19.85 3.41 -3.66
N THR A 103 -19.11 2.56 -2.96
CA THR A 103 -18.21 3.00 -1.90
C THR A 103 -16.82 3.30 -2.46
N GLN A 104 -16.69 3.18 -3.78
CA GLN A 104 -15.42 3.43 -4.45
C GLN A 104 -14.96 4.87 -4.25
N ASN A 105 -15.84 5.70 -3.69
CA ASN A 105 -15.52 7.10 -3.45
C ASN A 105 -14.61 7.25 -2.23
N LYS A 106 -14.20 6.13 -1.66
CA LYS A 106 -13.33 6.14 -0.49
C LYS A 106 -11.94 5.65 -0.84
N VAL A 107 -11.59 5.72 -2.12
CA VAL A 107 -10.28 5.28 -2.59
C VAL A 107 -9.25 6.41 -2.59
N LEU A 108 -8.02 6.07 -2.21
CA LEU A 108 -6.93 7.05 -2.17
C LEU A 108 -5.94 6.81 -3.31
N LYS A 109 -5.58 7.87 -4.01
CA LYS A 109 -4.64 7.76 -5.13
C LYS A 109 -3.36 8.52 -4.85
N ILE A 110 -2.25 7.98 -5.34
CA ILE A 110 -0.93 8.59 -5.15
C ILE A 110 -0.82 9.91 -5.92
N THR A 111 -1.53 10.01 -7.04
CA THR A 111 -1.49 11.21 -7.86
C THR A 111 -1.95 12.43 -7.08
N ASP A 112 -2.71 12.20 -6.01
CA ASP A 112 -3.20 13.28 -5.18
C ASP A 112 -2.13 13.74 -4.18
N PHE A 113 -1.22 12.84 -3.85
CA PHE A 113 -0.15 13.15 -2.90
C PHE A 113 1.20 12.68 -3.42
N SER A 114 1.63 13.23 -4.56
CA SER A 114 2.91 12.88 -5.16
C SER A 114 3.30 13.89 -6.24
N PRO A 115 4.39 14.65 -6.01
CA PRO A 115 4.87 15.66 -6.96
C PRO A 115 5.49 15.03 -8.20
N SER A 116 6.81 14.85 -8.19
CA SER A 116 7.51 14.26 -9.31
C SER A 116 7.61 12.74 -9.14
N LEU A 117 6.73 12.20 -8.30
CA LEU A 117 6.71 10.77 -8.03
C LEU A 117 5.70 10.07 -8.93
N ASN A 118 5.59 10.54 -10.17
CA ASN A 118 4.65 9.97 -11.12
C ASN A 118 5.15 8.61 -11.65
N TYR A 119 4.28 7.61 -11.57
CA TYR A 119 4.60 6.27 -12.04
C TYR A 119 3.35 5.61 -12.62
N ASP A 120 3.49 4.35 -13.05
CA ASP A 120 2.37 3.62 -13.61
C ASP A 120 1.66 2.83 -12.53
N GLU A 121 2.30 1.76 -12.14
CA GLU A 121 1.77 0.88 -11.09
C GLU A 121 2.90 0.28 -10.28
N VAL A 122 3.15 0.85 -9.10
CA VAL A 122 4.22 0.37 -8.22
C VAL A 122 5.60 0.69 -8.80
N PRO A 123 6.56 1.09 -7.95
CA PRO A 123 7.93 1.43 -8.41
C PRO A 123 8.67 0.22 -9.01
N ASP A 124 9.90 0.00 -8.56
CA ASP A 124 10.73 -1.10 -9.06
C ASP A 124 11.09 -0.88 -10.54
N PRO A 125 12.21 -1.46 -11.00
CA PRO A 125 12.66 -1.30 -12.39
C PRO A 125 11.73 -1.97 -13.40
N TRP A 126 11.03 -3.01 -12.95
CA TRP A 126 10.11 -3.74 -13.82
C TRP A 126 8.94 -2.85 -14.25
N TYR A 127 8.70 -1.79 -13.50
CA TYR A 127 7.61 -0.87 -13.81
C TYR A 127 8.16 0.50 -14.22
N SER A 128 9.08 1.03 -13.42
CA SER A 128 9.68 2.33 -13.70
C SER A 128 10.96 2.19 -14.51
N GLY A 129 11.92 1.44 -13.98
CA GLY A 129 13.18 1.24 -14.68
C GLY A 129 14.37 1.14 -13.75
N ASN A 130 14.16 1.46 -12.48
CA ASN A 130 15.23 1.39 -11.49
C ASN A 130 14.75 0.71 -10.20
N PHE A 131 15.69 0.16 -9.45
CA PHE A 131 15.37 -0.52 -8.20
C PHE A 131 15.22 0.49 -7.06
N ASP A 132 16.06 1.51 -7.09
CA ASP A 132 16.03 2.56 -6.07
C ASP A 132 14.65 3.21 -5.98
N GLU A 133 13.87 3.07 -7.06
CA GLU A 133 12.53 3.64 -7.09
C GLU A 133 11.70 3.14 -5.92
N THR A 134 11.78 1.84 -5.65
CA THR A 134 11.04 1.25 -4.55
C THR A 134 11.22 2.06 -3.28
N TYR A 135 12.41 2.62 -3.11
CA TYR A 135 12.72 3.43 -1.94
C TYR A 135 12.06 4.81 -2.04
N LYS A 136 12.39 5.55 -3.08
CA LYS A 136 11.84 6.90 -3.28
C LYS A 136 10.32 6.89 -3.25
N ILE A 137 9.71 6.03 -4.06
CA ILE A 137 8.26 5.94 -4.14
C ILE A 137 7.62 5.46 -2.84
N LEU A 138 8.10 4.33 -2.30
CA LEU A 138 7.54 3.79 -1.06
C LEU A 138 7.77 4.70 0.13
N SER A 139 9.02 5.12 0.33
CA SER A 139 9.36 6.00 1.45
C SER A 139 8.47 7.24 1.47
N LEU A 140 8.46 7.97 0.35
CA LEU A 140 7.66 9.18 0.23
C LEU A 140 6.17 8.88 0.41
N ALA A 141 5.65 7.97 -0.41
CA ALA A 141 4.23 7.60 -0.35
C ALA A 141 3.82 7.16 1.05
N CYS A 142 4.64 6.32 1.68
CA CYS A 142 4.35 5.83 3.02
C CYS A 142 4.23 6.98 4.02
N LYS A 143 5.04 8.02 3.82
CA LYS A 143 5.02 9.18 4.71
C LYS A 143 3.69 9.93 4.60
N ASN A 144 3.42 10.48 3.41
CA ASN A 144 2.19 11.22 3.18
C ASN A 144 0.98 10.36 3.52
N LEU A 145 1.05 9.09 3.15
CA LEU A 145 -0.03 8.15 3.41
C LEU A 145 -0.25 8.01 4.92
N LEU A 146 0.84 7.77 5.65
CA LEU A 146 0.77 7.60 7.10
C LEU A 146 -0.02 8.75 7.73
N VAL A 147 0.22 9.95 7.23
CA VAL A 147 -0.46 11.14 7.74
C VAL A 147 -1.97 11.08 7.48
N PHE A 148 -2.34 10.82 6.23
CA PHE A 148 -3.75 10.75 5.84
C PHE A 148 -4.48 9.59 6.51
N LEU A 149 -3.93 8.38 6.35
CA LEU A 149 -4.52 7.19 6.93
C LEU A 149 -4.71 7.32 8.43
N SER A 150 -3.77 7.99 9.09
CA SER A 150 -3.85 8.18 10.54
C SER A 150 -4.65 9.44 10.88
N LYS A 151 -5.02 10.19 9.85
CA LYS A 151 -5.79 11.42 10.04
C LYS A 151 -5.09 12.38 10.98
N HIS A 152 -4.15 13.15 10.43
CA HIS A 152 -3.39 14.12 11.22
C HIS A 152 -4.30 15.20 11.80
N HIS A 153 -4.89 15.99 10.91
CA HIS A 153 -5.79 17.08 11.32
C HIS A 153 -5.06 18.10 12.20
N HIS A 154 -5.14 17.90 13.51
CA HIS A 154 -4.47 18.79 14.48
C HIS A 154 -5.07 20.20 14.42
N HIS A 155 -5.28 20.78 15.61
CA HIS A 155 -5.83 22.13 15.72
C HIS A 155 -7.26 22.19 15.19
N HIS A 156 -8.16 22.76 15.98
CA HIS A 156 -9.56 22.88 15.60
C HIS A 156 -9.99 24.34 15.57
N MET A 1 -13.51 2.73 16.14
CA MET A 1 -13.37 1.77 15.02
C MET A 1 -12.77 2.45 13.79
N LYS A 2 -11.58 2.00 13.39
CA LYS A 2 -10.91 2.57 12.23
C LYS A 2 -10.05 1.52 11.52
N LYS A 3 -10.43 1.20 10.28
CA LYS A 3 -9.69 0.22 9.49
C LYS A 3 -9.34 0.79 8.13
N ILE A 4 -8.07 0.70 7.76
CA ILE A 4 -7.60 1.21 6.48
C ILE A 4 -7.09 0.08 5.59
N LEU A 5 -7.77 -0.15 4.47
CA LEU A 5 -7.36 -1.20 3.54
C LEU A 5 -6.56 -0.63 2.37
N PHE A 6 -5.28 -0.95 2.32
CA PHE A 6 -4.41 -0.49 1.24
C PHE A 6 -4.37 -1.54 0.13
N ILE A 7 -4.85 -1.17 -1.05
CA ILE A 7 -4.86 -2.08 -2.19
C ILE A 7 -3.74 -1.77 -3.17
N CYS A 8 -2.89 -2.76 -3.42
CA CYS A 8 -1.78 -2.59 -4.35
C CYS A 8 -1.72 -3.72 -5.37
N LEU A 9 -1.55 -3.36 -6.63
CA LEU A 9 -1.48 -4.35 -7.71
C LEU A 9 -0.12 -5.05 -7.73
N GLY A 10 -0.02 -6.16 -7.02
CA GLY A 10 1.24 -6.91 -6.98
C GLY A 10 1.45 -7.60 -5.65
N ASN A 11 1.41 -6.84 -4.56
CA ASN A 11 1.62 -7.39 -3.23
C ASN A 11 2.90 -8.21 -3.16
N ILE A 12 3.80 -7.94 -4.11
CA ILE A 12 5.07 -8.66 -4.17
C ILE A 12 6.22 -7.70 -4.46
N CYS A 13 5.94 -6.41 -4.32
CA CYS A 13 6.94 -5.38 -4.57
C CYS A 13 6.79 -4.20 -3.60
N ARG A 14 5.92 -3.26 -3.95
CA ARG A 14 5.68 -2.09 -3.11
C ARG A 14 4.77 -2.41 -1.94
N SER A 15 3.75 -3.23 -2.18
CA SER A 15 2.80 -3.59 -1.14
C SER A 15 3.49 -4.28 0.04
N PRO A 16 4.33 -5.31 -0.21
CA PRO A 16 5.03 -6.02 0.88
C PRO A 16 5.94 -5.08 1.66
N MET A 17 6.58 -4.16 0.94
CA MET A 17 7.47 -3.19 1.55
C MET A 17 6.71 -2.33 2.56
N ALA A 18 5.67 -1.66 2.08
CA ALA A 18 4.85 -0.81 2.94
C ALA A 18 4.06 -1.67 3.93
N GLU A 19 3.99 -2.97 3.67
CA GLU A 19 3.28 -3.88 4.54
C GLU A 19 4.00 -3.99 5.88
N PHE A 20 5.30 -4.24 5.82
CA PHE A 20 6.11 -4.37 7.03
C PHE A 20 6.31 -2.99 7.68
N ILE A 21 6.48 -1.96 6.86
CA ILE A 21 6.68 -0.61 7.37
C ILE A 21 5.44 -0.11 8.12
N MET A 22 4.30 -0.13 7.44
CA MET A 22 3.05 0.32 8.05
C MET A 22 2.73 -0.46 9.32
N LYS A 23 2.76 -1.78 9.22
CA LYS A 23 2.48 -2.65 10.37
C LYS A 23 3.41 -2.35 11.54
N ASP A 24 4.66 -2.00 11.22
CA ASP A 24 5.65 -1.70 12.25
C ASP A 24 5.23 -0.47 13.06
N LEU A 25 5.08 0.66 12.38
CA LEU A 25 4.69 1.91 13.03
C LEU A 25 3.26 1.81 13.58
N VAL A 26 2.48 0.88 13.04
CA VAL A 26 1.10 0.70 13.46
C VAL A 26 1.02 0.14 14.88
N LYS A 27 1.76 -0.94 15.13
CA LYS A 27 1.75 -1.59 16.44
C LYS A 27 2.05 -0.62 17.58
N LYS A 28 3.05 0.25 17.38
CA LYS A 28 3.47 1.18 18.42
C LYS A 28 2.43 2.27 18.76
N ALA A 29 1.95 3.01 17.76
CA ALA A 29 1.00 4.10 18.02
C ALA A 29 -0.23 4.12 17.12
N ASN A 30 -0.67 2.97 16.61
CA ASN A 30 -1.83 2.95 15.75
C ASN A 30 -2.86 1.94 16.24
N LEU A 31 -2.47 0.67 16.24
CA LEU A 31 -3.37 -0.39 16.68
C LEU A 31 -3.52 -0.37 18.19
N GLU A 32 -2.51 0.14 18.88
CA GLU A 32 -2.54 0.22 20.33
C GLU A 32 -3.69 1.13 20.77
N LYS A 33 -4.19 1.91 19.83
CA LYS A 33 -5.29 2.81 20.10
C LYS A 33 -6.61 2.18 19.63
N GLU A 34 -6.50 1.32 18.60
CA GLU A 34 -7.63 0.59 17.99
C GLU A 34 -7.62 0.72 16.47
N PHE A 35 -6.47 1.05 15.89
CA PHE A 35 -6.37 1.21 14.44
C PHE A 35 -5.78 -0.03 13.78
N PHE A 36 -6.58 -0.68 12.95
CA PHE A 36 -6.13 -1.88 12.24
C PHE A 36 -5.93 -1.59 10.75
N ILE A 37 -4.84 -2.11 10.21
CA ILE A 37 -4.52 -1.89 8.80
C ILE A 37 -4.51 -3.21 8.02
N ASN A 38 -4.86 -3.12 6.74
CA ASN A 38 -4.89 -4.31 5.88
C ASN A 38 -4.24 -3.99 4.54
N SER A 39 -3.79 -5.03 3.84
CA SER A 39 -3.16 -4.85 2.53
C SER A 39 -3.35 -6.08 1.66
N ALA A 40 -3.74 -5.86 0.40
CA ALA A 40 -3.96 -6.96 -0.53
C ALA A 40 -4.09 -6.46 -1.97
N GLY A 41 -4.08 -7.41 -2.92
CA GLY A 41 -4.20 -7.06 -4.31
C GLY A 41 -5.63 -7.11 -4.80
N THR A 42 -5.84 -6.84 -6.08
CA THR A 42 -7.19 -6.84 -6.66
C THR A 42 -7.77 -8.25 -6.72
N SER A 43 -6.98 -9.20 -7.21
CA SER A 43 -7.42 -10.58 -7.31
C SER A 43 -6.45 -11.53 -6.61
N GLY A 44 -5.41 -10.96 -6.02
CA GLY A 44 -4.42 -11.76 -5.31
C GLY A 44 -3.89 -12.91 -6.12
N GLU A 45 -3.75 -12.72 -7.44
CA GLU A 45 -3.23 -13.76 -8.32
C GLU A 45 -1.90 -14.28 -7.77
N HIS A 46 -0.83 -13.53 -8.02
CA HIS A 46 0.49 -13.89 -7.52
C HIS A 46 0.76 -13.11 -6.25
N ASP A 47 -0.04 -12.05 -6.07
CA ASP A 47 0.07 -11.16 -4.91
C ASP A 47 0.25 -11.97 -3.63
N GLY A 48 1.50 -12.07 -3.19
CA GLY A 48 1.79 -12.82 -1.97
C GLY A 48 3.29 -13.03 -1.76
N GLU A 49 4.03 -13.11 -2.86
CA GLU A 49 5.47 -13.29 -2.81
C GLU A 49 6.10 -12.29 -1.84
N GLY A 50 6.05 -11.02 -2.21
CA GLY A 50 6.58 -9.98 -1.34
C GLY A 50 7.99 -9.56 -1.71
N MET A 51 8.69 -10.39 -2.47
CA MET A 51 10.06 -10.08 -2.86
C MET A 51 10.14 -9.74 -4.35
N HIS A 52 10.67 -8.55 -4.65
CA HIS A 52 10.81 -8.11 -6.03
C HIS A 52 12.24 -7.61 -6.28
N TYR A 53 12.55 -7.36 -7.55
CA TYR A 53 13.88 -6.89 -7.93
C TYR A 53 14.33 -5.70 -7.10
N GLY A 54 13.66 -4.56 -7.30
CA GLY A 54 14.02 -3.35 -6.59
C GLY A 54 13.69 -3.40 -5.11
N THR A 55 12.58 -4.04 -4.76
CA THR A 55 12.17 -4.12 -3.36
C THR A 55 13.23 -4.82 -2.51
N LYS A 56 13.64 -6.01 -2.95
CA LYS A 56 14.65 -6.78 -2.22
C LYS A 56 15.95 -5.99 -2.11
N ASN A 57 16.26 -5.19 -3.13
CA ASN A 57 17.47 -4.39 -3.15
C ASN A 57 17.49 -3.38 -2.00
N LYS A 58 16.41 -2.64 -1.85
CA LYS A 58 16.29 -1.64 -0.80
C LYS A 58 16.29 -2.29 0.57
N LEU A 59 15.56 -3.38 0.70
CA LEU A 59 15.48 -4.09 1.97
C LEU A 59 16.83 -4.70 2.33
N ALA A 60 17.53 -5.19 1.31
CA ALA A 60 18.84 -5.78 1.52
C ALA A 60 19.84 -4.74 2.02
N GLN A 61 19.65 -3.50 1.58
CA GLN A 61 20.53 -2.41 1.98
C GLN A 61 20.58 -2.27 3.50
N LEU A 62 19.42 -2.10 4.14
CA LEU A 62 19.37 -1.96 5.60
C LEU A 62 18.14 -2.67 6.19
N ASN A 63 17.07 -2.77 5.41
CA ASN A 63 15.84 -3.41 5.89
C ASN A 63 15.98 -4.93 5.89
N ILE A 64 14.85 -5.63 5.86
CA ILE A 64 14.85 -7.08 5.86
C ILE A 64 14.36 -7.63 4.52
N GLU A 65 15.04 -8.64 4.00
CA GLU A 65 14.66 -9.25 2.73
C GLU A 65 13.30 -9.92 2.85
N HIS A 66 12.24 -9.13 2.66
CA HIS A 66 10.86 -9.61 2.75
C HIS A 66 10.52 -10.04 4.18
N LYS A 67 9.34 -9.60 4.64
CA LYS A 67 8.88 -9.93 5.99
C LYS A 67 7.37 -10.04 6.03
N ASN A 68 6.79 -10.54 4.94
CA ASN A 68 5.34 -10.71 4.84
C ASN A 68 4.96 -11.59 3.67
N PHE A 69 5.51 -12.80 3.63
CA PHE A 69 5.23 -13.75 2.55
C PHE A 69 3.89 -14.42 2.77
N THR A 70 2.82 -13.80 2.28
CA THR A 70 1.48 -14.34 2.42
C THR A 70 0.56 -13.89 1.28
N SER A 71 0.14 -14.83 0.46
CA SER A 71 -0.73 -14.54 -0.67
C SER A 71 -2.04 -13.92 -0.19
N LYS A 72 -2.23 -12.65 -0.48
CA LYS A 72 -3.44 -11.93 -0.06
C LYS A 72 -4.23 -11.42 -1.27
N LYS A 73 -5.53 -11.68 -1.25
CA LYS A 73 -6.42 -11.25 -2.33
C LYS A 73 -7.60 -10.46 -1.75
N LEU A 74 -7.52 -9.14 -1.87
CA LEU A 74 -8.58 -8.27 -1.36
C LEU A 74 -9.95 -8.70 -1.86
N THR A 75 -10.78 -9.18 -0.95
CA THR A 75 -12.12 -9.64 -1.30
C THR A 75 -13.17 -8.74 -0.66
N GLN A 76 -14.44 -9.17 -0.74
CA GLN A 76 -15.53 -8.41 -0.16
C GLN A 76 -15.51 -8.49 1.37
N LYS A 77 -15.04 -9.60 1.89
CA LYS A 77 -14.96 -9.81 3.34
C LYS A 77 -14.09 -8.75 3.99
N LEU A 78 -12.88 -8.57 3.47
CA LEU A 78 -11.93 -7.60 4.01
C LEU A 78 -12.36 -6.17 3.68
N CYS A 79 -12.80 -5.95 2.45
CA CYS A 79 -13.24 -4.63 2.01
C CYS A 79 -14.36 -4.10 2.89
N ASP A 80 -15.34 -4.94 3.17
CA ASP A 80 -16.48 -4.57 4.00
C ASP A 80 -16.04 -4.20 5.40
N GLU A 81 -14.85 -4.64 5.79
CA GLU A 81 -14.33 -4.35 7.12
C GLU A 81 -13.71 -2.95 7.19
N SER A 82 -12.72 -2.69 6.35
CA SER A 82 -12.07 -1.38 6.33
C SER A 82 -13.05 -0.28 5.95
N ASP A 83 -12.88 0.90 6.56
CA ASP A 83 -13.74 2.04 6.28
C ASP A 83 -13.11 2.93 5.21
N PHE A 84 -11.79 2.95 5.16
CA PHE A 84 -11.07 3.77 4.18
C PHE A 84 -10.24 2.91 3.25
N LEU A 85 -10.52 2.99 1.95
CA LEU A 85 -9.78 2.23 0.95
C LEU A 85 -8.86 3.15 0.15
N ILE A 86 -7.57 2.88 0.21
CA ILE A 86 -6.60 3.70 -0.50
C ILE A 86 -5.85 2.91 -1.57
N THR A 87 -5.99 3.36 -2.81
CA THR A 87 -5.33 2.72 -3.94
C THR A 87 -4.22 3.64 -4.46
N MET A 88 -3.14 3.03 -4.93
CA MET A 88 -2.01 3.81 -5.45
C MET A 88 -1.80 3.56 -6.94
N ASP A 89 -2.26 2.42 -7.42
CA ASP A 89 -2.12 2.07 -8.84
C ASP A 89 -3.21 2.75 -9.65
N ASN A 90 -2.83 3.35 -10.76
CA ASN A 90 -3.78 4.07 -11.62
C ASN A 90 -4.89 3.14 -12.11
N SER A 91 -4.51 1.97 -12.62
CA SER A 91 -5.48 1.01 -13.12
C SER A 91 -6.32 0.43 -11.99
N ASN A 92 -5.76 0.40 -10.78
CA ASN A 92 -6.46 -0.14 -9.62
C ASN A 92 -7.74 0.64 -9.33
N PHE A 93 -7.67 1.96 -9.47
CA PHE A 93 -8.81 2.83 -9.21
C PHE A 93 -9.98 2.52 -10.15
N LYS A 94 -9.69 2.52 -11.45
CA LYS A 94 -10.71 2.24 -12.46
C LYS A 94 -11.24 0.81 -12.35
N ASN A 95 -10.35 -0.11 -11.98
CA ASN A 95 -10.71 -1.50 -11.85
C ASN A 95 -11.68 -1.72 -10.68
N VAL A 96 -11.25 -1.30 -9.49
CA VAL A 96 -12.08 -1.46 -8.30
C VAL A 96 -13.41 -0.71 -8.44
N LEU A 97 -13.43 0.30 -9.29
CA LEU A 97 -14.63 1.10 -9.51
C LEU A 97 -15.82 0.24 -9.93
N LYS A 98 -15.60 -0.67 -10.88
CA LYS A 98 -16.68 -1.53 -11.37
C LYS A 98 -16.58 -2.94 -10.79
N ASN A 99 -15.35 -3.37 -10.50
CA ASN A 99 -15.12 -4.72 -9.96
C ASN A 99 -15.91 -4.94 -8.67
N PHE A 100 -16.02 -3.89 -7.86
CA PHE A 100 -16.74 -4.00 -6.59
C PHE A 100 -18.06 -3.26 -6.62
N THR A 101 -18.84 -3.40 -5.55
CA THR A 101 -20.15 -2.76 -5.45
C THR A 101 -20.02 -1.23 -5.37
N ASN A 102 -21.13 -0.57 -5.03
CA ASN A 102 -21.17 0.89 -4.93
C ASN A 102 -20.29 1.40 -3.79
N THR A 103 -19.48 0.52 -3.21
CA THR A 103 -18.60 0.91 -2.12
C THR A 103 -17.25 1.37 -2.66
N GLN A 104 -17.19 1.52 -3.99
CA GLN A 104 -15.97 1.95 -4.66
C GLN A 104 -15.75 3.45 -4.46
N ASN A 105 -16.77 4.14 -3.96
CA ASN A 105 -16.68 5.58 -3.73
C ASN A 105 -15.79 5.88 -2.52
N LYS A 106 -15.24 4.83 -1.92
CA LYS A 106 -14.37 4.98 -0.76
C LYS A 106 -12.92 4.69 -1.12
N VAL A 107 -12.60 4.77 -2.41
CA VAL A 107 -11.25 4.51 -2.89
C VAL A 107 -10.45 5.80 -3.04
N LEU A 108 -9.15 5.73 -2.76
CA LEU A 108 -8.29 6.90 -2.86
C LEU A 108 -7.19 6.67 -3.90
N LYS A 109 -6.55 7.76 -4.31
CA LYS A 109 -5.47 7.68 -5.30
C LYS A 109 -4.18 8.28 -4.75
N ILE A 110 -3.05 7.68 -5.11
CA ILE A 110 -1.76 8.16 -4.67
C ILE A 110 -1.37 9.45 -5.39
N THR A 111 -2.11 9.76 -6.45
CA THR A 111 -1.85 10.97 -7.22
C THR A 111 -2.04 12.21 -6.36
N ASP A 112 -3.02 12.15 -5.46
CA ASP A 112 -3.30 13.28 -4.56
C ASP A 112 -2.34 13.27 -3.38
N PHE A 113 -1.66 12.14 -3.16
CA PHE A 113 -0.72 12.01 -2.06
C PHE A 113 0.72 12.15 -2.57
N SER A 114 0.88 12.08 -3.89
CA SER A 114 2.18 12.22 -4.50
C SER A 114 2.23 13.45 -5.40
N PRO A 115 3.24 14.32 -5.22
CA PRO A 115 3.38 15.55 -6.01
C PRO A 115 3.84 15.28 -7.45
N SER A 116 5.12 15.50 -7.72
CA SER A 116 5.68 15.30 -9.05
C SER A 116 6.31 13.93 -9.20
N LEU A 117 5.85 12.97 -8.39
CA LEU A 117 6.39 11.62 -8.44
C LEU A 117 5.96 10.90 -9.72
N ASN A 118 4.66 10.96 -10.02
CA ASN A 118 4.11 10.33 -11.22
C ASN A 118 4.81 9.03 -11.56
N TYR A 119 4.45 7.96 -10.86
CA TYR A 119 5.06 6.66 -11.09
C TYR A 119 4.12 5.74 -11.87
N ASP A 120 4.53 4.48 -12.06
CA ASP A 120 3.71 3.52 -12.79
C ASP A 120 3.49 2.24 -11.98
N GLU A 121 2.27 2.06 -11.50
CA GLU A 121 1.86 0.88 -10.71
C GLU A 121 3.05 0.17 -10.08
N VAL A 122 3.36 0.54 -8.83
CA VAL A 122 4.47 -0.05 -8.09
C VAL A 122 5.83 0.27 -8.73
N PRO A 123 6.83 0.64 -7.92
CA PRO A 123 8.17 0.98 -8.41
C PRO A 123 8.95 -0.23 -8.91
N ASP A 124 10.22 -0.34 -8.49
CA ASP A 124 11.09 -1.45 -8.90
C ASP A 124 11.42 -1.37 -10.39
N PRO A 125 12.54 -1.98 -10.81
CA PRO A 125 12.97 -1.96 -12.22
C PRO A 125 11.99 -2.64 -13.17
N TRP A 126 11.17 -3.55 -12.63
CA TRP A 126 10.21 -4.26 -13.45
C TRP A 126 9.14 -3.31 -13.98
N TYR A 127 8.96 -2.20 -13.25
CA TYR A 127 7.97 -1.19 -13.65
C TYR A 127 8.64 0.07 -14.18
N SER A 128 9.48 0.69 -13.35
CA SER A 128 10.17 1.91 -13.74
C SER A 128 11.47 1.60 -14.48
N GLY A 129 12.36 0.85 -13.82
CA GLY A 129 13.63 0.49 -14.45
C GLY A 129 14.80 0.51 -13.49
N ASN A 130 14.54 0.92 -12.24
CA ASN A 130 15.61 0.97 -11.24
C ASN A 130 15.13 0.43 -9.89
N PHE A 131 16.07 0.00 -9.06
CA PHE A 131 15.75 -0.53 -7.75
C PHE A 131 15.60 0.59 -6.73
N ASP A 132 16.05 1.79 -7.09
CA ASP A 132 15.97 2.94 -6.21
C ASP A 132 14.55 3.50 -6.16
N GLU A 133 13.77 3.22 -7.19
CA GLU A 133 12.39 3.70 -7.24
C GLU A 133 11.61 3.17 -6.05
N THR A 134 11.87 1.93 -5.68
CA THR A 134 11.19 1.30 -4.54
C THR A 134 11.19 2.21 -3.34
N TYR A 135 12.36 2.66 -2.91
CA TYR A 135 12.47 3.55 -1.77
C TYR A 135 11.78 4.88 -2.00
N LYS A 136 11.97 5.44 -3.19
CA LYS A 136 11.36 6.72 -3.54
C LYS A 136 9.85 6.72 -3.34
N ILE A 137 9.17 5.78 -4.00
CA ILE A 137 7.71 5.68 -3.92
C ILE A 137 7.26 5.18 -2.55
N LEU A 138 7.83 4.06 -2.10
CA LEU A 138 7.45 3.49 -0.81
C LEU A 138 7.59 4.49 0.32
N SER A 139 8.79 5.05 0.47
CA SER A 139 9.06 6.01 1.53
C SER A 139 8.15 7.24 1.45
N LEU A 140 8.02 7.82 0.26
CA LEU A 140 7.17 9.00 0.09
C LEU A 140 5.70 8.69 0.32
N ALA A 141 5.17 7.76 -0.46
CA ALA A 141 3.76 7.38 -0.38
C ALA A 141 3.37 6.97 1.04
N CYS A 142 4.14 6.09 1.65
CA CYS A 142 3.84 5.61 3.00
C CYS A 142 3.92 6.73 4.03
N LYS A 143 4.92 7.59 3.90
CA LYS A 143 5.11 8.71 4.82
C LYS A 143 3.92 9.66 4.79
N ASN A 144 3.68 10.25 3.62
CA ASN A 144 2.57 11.19 3.44
C ASN A 144 1.25 10.56 3.90
N LEU A 145 0.99 9.34 3.43
CA LEU A 145 -0.24 8.64 3.78
C LEU A 145 -0.30 8.40 5.30
N LEU A 146 0.86 8.21 5.92
CA LEU A 146 0.92 7.98 7.35
C LEU A 146 0.45 9.21 8.12
N VAL A 147 0.81 10.39 7.61
CA VAL A 147 0.42 11.64 8.26
C VAL A 147 -1.08 11.88 8.16
N PHE A 148 -1.61 11.82 6.94
CA PHE A 148 -3.04 12.03 6.73
C PHE A 148 -3.88 10.95 7.41
N LEU A 149 -3.48 9.69 7.25
CA LEU A 149 -4.20 8.58 7.86
C LEU A 149 -4.22 8.70 9.38
N SER A 150 -3.13 9.20 9.94
CA SER A 150 -3.02 9.36 11.39
C SER A 150 -3.49 10.76 11.81
N LYS A 151 -4.05 11.50 10.85
CA LYS A 151 -4.53 12.85 11.11
C LYS A 151 -3.40 13.76 11.58
N HIS A 152 -2.87 14.56 10.66
CA HIS A 152 -1.78 15.48 10.98
C HIS A 152 -2.18 16.43 12.10
N HIS A 153 -1.19 16.87 12.88
CA HIS A 153 -1.44 17.77 14.00
C HIS A 153 -0.16 18.51 14.39
N HIS A 154 0.42 19.23 13.44
CA HIS A 154 1.65 19.98 13.69
C HIS A 154 1.38 21.48 13.67
N HIS A 155 1.33 22.05 12.47
CA HIS A 155 1.09 23.48 12.31
C HIS A 155 -0.05 23.73 11.33
N HIS A 156 -1.19 24.16 11.87
CA HIS A 156 -2.37 24.44 11.05
C HIS A 156 -2.78 25.91 11.20
#